data_9FOL
#
_entry.id   9FOL
#
_cell.length_a   92.210
_cell.length_b   100.630
_cell.length_c   192.160
_cell.angle_alpha   90.00
_cell.angle_beta   90.00
_cell.angle_gamma   90.00
#
_symmetry.space_group_name_H-M   'P 21 21 21'
#
loop_
_entity.id
_entity.type
_entity.pdbx_description
1 polymer 'Subunit of Benzylsuccinate CoA-transferase'
2 polymer 'Subunit of Benzylsuccinate CoA-transferase'
3 non-polymer GLYCEROL
4 non-polymer 'TRIETHYLENE GLYCOL'
5 non-polymer 'COENZYME A'
6 non-polymer 2-AMINO-2-HYDROXYMETHYL-PROPANE-1,3-DIOL
7 non-polymer 'SUCCINIC ACID'
8 water water
#
loop_
_entity_poly.entity_id
_entity_poly.type
_entity_poly.pdbx_seq_one_letter_code
_entity_poly.pdbx_strand_id
1 'polypeptide(L)'
;MGQDFSRFRVLDMTGELGPYAAKMFAGLGADVIHVESPAGDPLRRVGPWFGDRRDAQASLQYLYYNAGKRGIAVDLEHEA
GRTAFRRLCDGADLLIESCRPGWLDGLGLSYEVLSRDNARLVQTSITPFGRTGPLAPYPGSDLTCSALSGFLYLAGVDGD
KPVRAPDNQAYRMAEAYAAVGSAIALFSAQRSGRGQVVDVACIEAQAMALENAAQFWDLEGKIRRGRGREAGSATLHPCA
DGFIALVAIMGRNKPMWTPFVRWMEAEGVEEWQVLDDDKWIDYAYRTSEEGYATFCRVFERYTRTRSKAYLYEIGQRFNV
AVTPVSDGRDLLANPQLAHRGFWQTQFNDTLGANVTYPGAPYEFGEMQWRLGRNAPRLGEHTREVLAGCGYSASEIDNLV
REGAVYAEQR
;
A,C
2 'polypeptide(L)'
;MPNSVERALEGIVVCDFSWVGAGPIATSVLAQCGADVIRIESVKRPDTLRRGEPFKDGIGTGLDRSGYFAARNANKRDIA
LDMNHPSAREVAVRLIAKSDIVINNFRVGQMEKWKLGWDEVQKINPRAIYVTMSMQGTDGPHSRYMGYGVNLNALCGLTA
RAGFAGAPPFGTGTNYTDHVMVPTHTLFGIMAALLEREVTGRGQTVSLSQLESAISMTPSAPMAFAANGEVLGPQGYGDA
EAAPHGVYTTLGYRKWIAIAVFDDAQWAALRRVMGNPPWAEDDGFASAEMRRRNAAELDERIEAWTATQYGDWLMAELLK
AGVPAGEVRDAREAIEDEHLRRRGFWAYLDHPEVGVTLYNRAPIVFSRTPLEMKTAAPSIGQHTREVLGGMLGYSHDEIE
NLVSHEVLV
;
B,D
#
# COMPACT_ATOMS: atom_id res chain seq x y z
N ASP A 4 -3.76 -22.27 -16.34
N ASP A 4 -3.78 -22.49 -16.31
CA ASP A 4 -4.90 -22.10 -15.47
CA ASP A 4 -4.87 -22.01 -15.46
C ASP A 4 -6.19 -22.00 -16.28
C ASP A 4 -6.18 -22.01 -16.23
N PHE A 5 -7.07 -21.05 -15.93
CA PHE A 5 -8.41 -21.08 -16.50
C PHE A 5 -8.47 -20.62 -17.95
N SER A 6 -7.34 -20.34 -18.60
CA SER A 6 -7.39 -19.78 -19.95
C SER A 6 -8.13 -20.69 -20.91
N ARG A 7 -8.18 -22.00 -20.61
CA ARG A 7 -8.86 -22.93 -21.50
C ARG A 7 -10.38 -22.77 -21.46
N PHE A 8 -10.94 -22.04 -20.50
CA PHE A 8 -12.37 -21.84 -20.39
C PHE A 8 -12.78 -20.52 -21.03
N ARG A 9 -13.76 -20.57 -21.93
CA ARG A 9 -14.36 -19.39 -22.52
C ARG A 9 -15.70 -19.11 -21.85
N VAL A 10 -15.88 -17.88 -21.37
CA VAL A 10 -17.08 -17.49 -20.63
C VAL A 10 -17.71 -16.28 -21.32
N LEU A 11 -18.96 -16.45 -21.76
CA LEU A 11 -19.77 -15.35 -22.27
C LEU A 11 -20.57 -14.76 -21.12
N ASP A 12 -20.55 -13.43 -21.01
CA ASP A 12 -21.07 -12.74 -19.82
C ASP A 12 -22.03 -11.63 -20.23
N MET A 13 -23.31 -11.98 -20.31
CA MET A 13 -24.35 -11.07 -20.78
C MET A 13 -25.12 -10.55 -19.56
N THR A 14 -24.49 -9.62 -18.84
CA THR A 14 -25.01 -9.12 -17.58
C THR A 14 -24.95 -7.60 -17.55
N GLY A 15 -25.64 -7.03 -16.56
CA GLY A 15 -25.72 -5.59 -16.42
C GLY A 15 -25.50 -5.15 -14.98
N GLU A 16 -26.46 -4.43 -14.40
CA GLU A 16 -26.37 -4.09 -12.99
C GLU A 16 -26.35 -5.34 -12.13
N LEU A 17 -27.13 -6.35 -12.53
CA LEU A 17 -27.14 -7.66 -11.91
C LEU A 17 -26.32 -8.61 -12.77
N GLY A 18 -25.44 -9.38 -12.14
CA GLY A 18 -24.77 -10.47 -12.80
C GLY A 18 -23.25 -10.48 -12.84
N PRO A 19 -22.62 -9.30 -12.96
CA PRO A 19 -21.24 -9.29 -13.49
C PRO A 19 -20.17 -9.79 -12.54
N TYR A 20 -20.39 -9.84 -11.23
CA TYR A 20 -19.32 -10.33 -10.37
C TYR A 20 -19.02 -11.81 -10.64
N ALA A 21 -20.01 -12.57 -11.09
CA ALA A 21 -19.79 -14.00 -11.32
C ALA A 21 -18.72 -14.23 -12.38
N ALA A 22 -18.86 -13.60 -13.54
CA ALA A 22 -17.87 -13.75 -14.59
C ALA A 22 -16.54 -13.13 -14.19
N LYS A 23 -16.57 -12.08 -13.37
CA LYS A 23 -15.32 -11.50 -12.88
C LYS A 23 -14.50 -12.54 -12.11
N MET A 24 -15.17 -13.38 -11.32
CA MET A 24 -14.44 -14.41 -10.59
C MET A 24 -13.73 -15.37 -11.54
N PHE A 25 -14.37 -15.72 -12.66
CA PHE A 25 -13.69 -16.54 -13.65
C PHE A 25 -12.55 -15.77 -14.29
N ALA A 26 -12.82 -14.51 -14.67
CA ALA A 26 -11.77 -13.67 -15.24
C ALA A 26 -10.59 -13.56 -14.30
N GLY A 27 -10.85 -13.48 -13.01
CA GLY A 27 -9.79 -13.31 -12.03
C GLY A 27 -8.83 -14.47 -11.96
N LEU A 28 -9.24 -15.66 -12.42
CA LEU A 28 -8.36 -16.82 -12.47
C LEU A 28 -7.89 -17.13 -13.88
N GLY A 29 -8.14 -16.24 -14.84
CA GLY A 29 -7.54 -16.34 -16.16
C GLY A 29 -8.45 -16.79 -17.27
N ALA A 30 -9.73 -16.98 -17.01
CA ALA A 30 -10.63 -17.43 -18.06
C ALA A 30 -10.72 -16.38 -19.17
N ASP A 31 -11.09 -16.83 -20.35
CA ASP A 31 -11.35 -15.96 -21.51
C ASP A 31 -12.80 -15.48 -21.40
N VAL A 32 -13.01 -14.30 -20.82
CA VAL A 32 -14.34 -13.81 -20.50
C VAL A 32 -14.71 -12.69 -21.46
N ILE A 33 -15.87 -12.82 -22.09
CA ILE A 33 -16.37 -11.86 -23.07
C ILE A 33 -17.65 -11.26 -22.51
N HIS A 34 -17.59 -9.99 -22.14
CA HIS A 34 -18.77 -9.25 -21.67
C HIS A 34 -19.60 -8.86 -22.89
N VAL A 35 -20.86 -9.28 -22.91
CA VAL A 35 -21.74 -9.09 -24.06
C VAL A 35 -22.75 -8.02 -23.70
N GLU A 36 -22.74 -6.93 -24.45
CA GLU A 36 -23.66 -5.82 -24.25
C GLU A 36 -24.58 -5.67 -25.45
N SER A 37 -25.71 -5.01 -25.24
CA SER A 37 -26.49 -4.53 -26.36
C SER A 37 -25.84 -3.26 -26.93
N PRO A 38 -26.16 -2.89 -28.17
CA PRO A 38 -25.62 -1.63 -28.71
C PRO A 38 -25.96 -0.42 -27.84
N ALA A 39 -26.99 -0.53 -27.01
CA ALA A 39 -27.38 0.55 -26.12
C ALA A 39 -26.50 0.69 -24.88
N GLY A 40 -25.63 -0.28 -24.60
CA GLY A 40 -24.71 -0.19 -23.49
C GLY A 40 -25.21 -0.86 -22.22
N ASP A 41 -24.28 -1.48 -21.52
CA ASP A 41 -24.51 -2.08 -20.22
C ASP A 41 -25.07 -1.04 -19.26
N PRO A 42 -26.26 -1.27 -18.69
CA PRO A 42 -26.84 -0.27 -17.77
C PRO A 42 -25.93 0.07 -16.61
N LEU A 43 -25.05 -0.83 -16.19
CA LEU A 43 -24.15 -0.51 -15.08
C LEU A 43 -23.21 0.64 -15.41
N ARG A 44 -22.97 0.89 -16.69
CA ARG A 44 -22.16 2.04 -17.08
C ARG A 44 -22.77 3.36 -16.66
N ARG A 45 -24.06 3.36 -16.31
CA ARG A 45 -24.82 4.58 -16.03
C ARG A 45 -25.18 4.69 -14.55
N VAL A 46 -24.44 3.99 -13.70
CA VAL A 46 -24.64 4.02 -12.26
C VAL A 46 -23.34 4.42 -11.57
N GLY A 47 -23.46 5.21 -10.51
CA GLY A 47 -22.30 5.64 -9.75
C GLY A 47 -22.06 4.74 -8.56
N PRO A 48 -21.04 5.05 -7.75
CA PRO A 48 -20.19 6.25 -7.81
C PRO A 48 -19.32 6.34 -9.06
N TRP A 49 -18.75 7.52 -9.28
CA TRP A 49 -18.15 7.88 -10.55
C TRP A 49 -16.70 8.26 -10.37
N PHE A 50 -15.97 8.22 -11.48
CA PHE A 50 -14.60 8.69 -11.50
C PHE A 50 -14.64 10.22 -11.64
N GLY A 51 -14.42 10.90 -10.52
CA GLY A 51 -14.43 12.36 -10.54
C GLY A 51 -15.76 12.93 -10.99
N ASP A 52 -15.70 13.95 -11.83
CA ASP A 52 -16.90 14.59 -12.33
C ASP A 52 -17.37 13.99 -13.65
N ARG A 53 -16.73 12.93 -14.12
CA ARG A 53 -17.15 12.29 -15.35
C ARG A 53 -18.42 11.46 -15.13
N ARG A 54 -19.34 11.55 -16.09
CA ARG A 54 -20.58 10.80 -16.08
C ARG A 54 -20.75 10.00 -17.36
N ASP A 55 -19.69 9.82 -18.13
CA ASP A 55 -19.75 9.17 -19.42
C ASP A 55 -19.73 7.65 -19.27
N ALA A 56 -19.69 6.94 -20.40
CA ALA A 56 -19.88 5.49 -20.42
C ALA A 56 -18.73 4.71 -19.80
N GLN A 57 -17.57 5.31 -19.55
CA GLN A 57 -16.46 4.60 -18.92
C GLN A 57 -16.18 5.06 -17.50
N ALA A 58 -17.05 5.89 -16.92
CA ALA A 58 -16.76 6.55 -15.66
C ALA A 58 -17.39 5.87 -14.45
N SER A 59 -18.22 4.85 -14.64
CA SER A 59 -18.82 4.16 -13.50
C SER A 59 -17.78 3.28 -12.82
N LEU A 60 -17.46 3.59 -11.56
CA LEU A 60 -16.48 2.79 -10.82
C LEU A 60 -16.94 1.35 -10.70
N GLN A 61 -18.26 1.15 -10.56
CA GLN A 61 -18.77 -0.21 -10.50
C GLN A 61 -18.53 -0.94 -11.81
N TYR A 62 -18.85 -0.29 -12.94
CA TYR A 62 -18.63 -0.94 -14.21
C TYR A 62 -17.17 -1.34 -14.37
N LEU A 63 -16.26 -0.42 -14.03
CA LEU A 63 -14.83 -0.70 -14.16
C LEU A 63 -14.42 -1.89 -13.30
N TYR A 64 -14.97 -1.99 -12.08
CA TYR A 64 -14.56 -3.06 -11.18
C TYR A 64 -15.14 -4.41 -11.59
N TYR A 65 -16.44 -4.46 -11.87
CA TYR A 65 -17.06 -5.76 -12.11
C TYR A 65 -16.72 -6.31 -13.48
N ASN A 66 -16.20 -5.49 -14.38
CA ASN A 66 -15.91 -5.93 -15.73
C ASN A 66 -14.46 -5.73 -16.13
N ALA A 67 -13.59 -5.42 -15.17
CA ALA A 67 -12.17 -5.63 -15.37
C ALA A 67 -11.92 -7.11 -15.63
N GLY A 68 -10.92 -7.40 -16.47
CA GLY A 68 -10.57 -8.76 -16.80
C GLY A 68 -11.40 -9.40 -17.91
N LYS A 69 -12.24 -8.64 -18.59
CA LYS A 69 -13.09 -9.14 -19.66
C LYS A 69 -12.89 -8.32 -20.93
N ARG A 70 -13.06 -8.96 -22.05
CA ARG A 70 -13.10 -8.21 -23.32
C ARG A 70 -14.53 -7.83 -23.46
N GLY A 71 -14.94 -7.06 -24.50
CA GLY A 71 -16.29 -6.57 -24.69
C GLY A 71 -16.78 -6.55 -26.13
N ILE A 72 -17.99 -7.06 -26.36
CA ILE A 72 -18.66 -6.98 -27.66
C ILE A 72 -20.05 -6.40 -27.45
N ALA A 73 -20.69 -6.05 -28.57
CA ALA A 73 -22.05 -5.51 -28.55
C ALA A 73 -22.85 -6.19 -29.66
N VAL A 74 -23.95 -6.83 -29.28
CA VAL A 74 -24.80 -7.56 -30.20
C VAL A 74 -26.26 -7.20 -29.92
N ASP A 75 -27.06 -7.10 -30.96
CA ASP A 75 -28.49 -6.82 -30.84
C ASP A 75 -29.25 -8.13 -31.11
N LEU A 76 -29.67 -8.79 -30.03
CA LEU A 76 -30.34 -10.07 -30.17
C LEU A 76 -31.75 -9.95 -30.73
N GLU A 77 -32.28 -8.74 -30.86
CA GLU A 77 -33.55 -8.47 -31.54
C GLU A 77 -33.41 -8.59 -33.03
N HIS A 78 -32.21 -8.91 -33.49
CA HIS A 78 -31.92 -9.07 -34.90
C HIS A 78 -31.52 -10.51 -35.21
N GLU A 79 -32.14 -11.12 -36.24
CA GLU A 79 -31.88 -12.53 -36.57
C GLU A 79 -30.40 -12.77 -36.79
N ALA A 80 -29.71 -11.80 -37.41
CA ALA A 80 -28.27 -11.94 -37.64
C ALA A 80 -27.49 -11.72 -36.36
N GLY A 81 -28.04 -10.93 -35.44
CA GLY A 81 -27.46 -10.86 -34.11
C GLY A 81 -27.60 -12.17 -33.37
N ARG A 82 -28.77 -12.81 -33.48
CA ARG A 82 -28.98 -14.10 -32.86
C ARG A 82 -28.10 -15.17 -33.48
N THR A 83 -27.87 -15.10 -34.79
CA THR A 83 -27.00 -16.08 -35.44
C THR A 83 -25.58 -15.98 -34.91
N ALA A 84 -25.06 -14.76 -34.75
CA ALA A 84 -23.71 -14.59 -34.23
C ALA A 84 -23.62 -15.07 -32.79
N PHE A 85 -24.62 -14.74 -31.97
CA PHE A 85 -24.64 -15.19 -30.59
C PHE A 85 -24.59 -16.72 -30.49
N ARG A 86 -25.31 -17.42 -31.37
CA ARG A 86 -25.29 -18.89 -31.33
C ARG A 86 -23.93 -19.46 -31.70
N ARG A 87 -23.24 -18.86 -32.67
CA ARG A 87 -21.90 -19.29 -33.04
C ARG A 87 -20.92 -19.07 -31.90
N LEU A 88 -21.03 -17.95 -31.19
CA LEU A 88 -20.24 -17.74 -29.98
C LEU A 88 -20.53 -18.81 -28.95
N CYS A 89 -21.82 -19.11 -28.71
CA CYS A 89 -22.14 -20.12 -27.72
C CYS A 89 -21.63 -21.50 -28.14
N ASP A 90 -21.55 -21.76 -29.45
CA ASP A 90 -21.05 -23.04 -29.93
C ASP A 90 -19.67 -23.33 -29.37
N GLY A 91 -18.85 -22.30 -29.16
CA GLY A 91 -17.49 -22.46 -28.69
C GLY A 91 -17.25 -22.04 -27.26
N ALA A 92 -18.29 -21.78 -26.48
CA ALA A 92 -18.14 -21.32 -25.12
C ALA A 92 -18.37 -22.46 -24.13
N ASP A 93 -17.62 -22.42 -23.03
CA ASP A 93 -17.85 -23.37 -21.95
C ASP A 93 -18.98 -22.91 -21.04
N LEU A 94 -19.18 -21.61 -20.95
CA LEU A 94 -20.11 -21.05 -19.98
C LEU A 94 -20.70 -19.75 -20.52
N LEU A 95 -22.02 -19.65 -20.42
CA LEU A 95 -22.76 -18.42 -20.65
C LEU A 95 -23.43 -18.02 -19.34
N ILE A 96 -23.09 -16.83 -18.84
CA ILE A 96 -23.76 -16.22 -17.70
C ILE A 96 -24.59 -15.06 -18.21
N GLU A 97 -25.84 -14.98 -17.80
CA GLU A 97 -26.73 -13.94 -18.29
C GLU A 97 -27.77 -13.62 -17.25
N SER A 98 -28.27 -12.38 -17.28
CA SER A 98 -29.28 -11.88 -16.35
C SER A 98 -30.49 -11.34 -17.08
N CYS A 99 -30.88 -11.98 -18.18
CA CYS A 99 -32.03 -11.55 -18.95
C CYS A 99 -33.32 -11.80 -18.19
N ARG A 100 -34.37 -11.08 -18.59
CA ARG A 100 -35.70 -11.35 -18.05
C ARG A 100 -36.09 -12.80 -18.35
N PRO A 101 -36.67 -13.52 -17.39
CA PRO A 101 -37.12 -14.89 -17.66
C PRO A 101 -37.99 -14.96 -18.90
N GLY A 102 -37.76 -15.98 -19.73
CA GLY A 102 -38.52 -16.19 -20.94
C GLY A 102 -38.02 -15.44 -22.16
N TRP A 103 -37.14 -14.45 -21.98
CA TRP A 103 -36.78 -13.60 -23.10
C TRP A 103 -35.99 -14.38 -24.13
N LEU A 104 -34.92 -15.07 -23.70
CA LEU A 104 -34.12 -15.80 -24.67
C LEU A 104 -34.93 -16.92 -25.32
N ASP A 105 -35.68 -17.69 -24.53
CA ASP A 105 -36.54 -18.71 -25.11
C ASP A 105 -37.45 -18.14 -26.19
N GLY A 106 -38.04 -16.98 -25.92
CA GLY A 106 -38.94 -16.34 -26.86
C GLY A 106 -38.28 -15.84 -28.13
N LEU A 107 -36.96 -15.66 -28.11
CA LEU A 107 -36.21 -15.29 -29.30
C LEU A 107 -35.72 -16.51 -30.07
N GLY A 108 -36.12 -17.70 -29.66
CA GLY A 108 -35.60 -18.91 -30.27
C GLY A 108 -34.19 -19.25 -29.82
N LEU A 109 -33.80 -18.80 -28.63
CA LEU A 109 -32.46 -19.00 -28.10
C LEU A 109 -32.52 -19.75 -26.77
N SER A 110 -33.41 -20.73 -26.67
CA SER A 110 -33.52 -21.55 -25.48
C SER A 110 -32.19 -22.28 -25.23
N TYR A 111 -32.06 -22.88 -24.06
CA TYR A 111 -30.84 -23.64 -23.77
C TYR A 111 -30.66 -24.77 -24.77
N GLU A 112 -31.75 -25.44 -25.14
CA GLU A 112 -31.65 -26.57 -26.06
C GLU A 112 -31.13 -26.13 -27.42
N VAL A 113 -31.52 -24.93 -27.87
CA VAL A 113 -30.97 -24.39 -29.10
C VAL A 113 -29.50 -24.03 -28.90
N LEU A 114 -29.20 -23.29 -27.84
CA LEU A 114 -27.84 -22.76 -27.68
C LEU A 114 -26.80 -23.87 -27.53
N SER A 115 -27.21 -25.04 -27.01
CA SER A 115 -26.30 -26.15 -26.79
C SER A 115 -26.46 -27.26 -27.82
N ARG A 116 -27.19 -26.99 -28.91
CA ARG A 116 -27.48 -28.03 -29.89
C ARG A 116 -26.20 -28.70 -30.38
N ASP A 117 -25.17 -27.91 -30.66
CA ASP A 117 -23.90 -28.43 -31.16
C ASP A 117 -22.79 -28.22 -30.13
N ASN A 118 -23.15 -28.14 -28.85
CA ASN A 118 -22.18 -27.89 -27.77
C ASN A 118 -22.76 -28.46 -26.49
N ALA A 119 -22.81 -29.79 -26.39
CA ALA A 119 -23.49 -30.45 -25.28
C ALA A 119 -22.89 -30.07 -23.93
N ARG A 120 -21.63 -29.63 -23.89
CA ARG A 120 -20.99 -29.29 -22.62
C ARG A 120 -21.47 -27.96 -22.07
N LEU A 121 -22.11 -27.14 -22.89
CA LEU A 121 -22.40 -25.78 -22.49
C LEU A 121 -23.18 -25.71 -21.19
N VAL A 122 -22.69 -24.90 -20.26
CA VAL A 122 -23.41 -24.54 -19.06
C VAL A 122 -23.99 -23.16 -19.26
N GLN A 123 -25.29 -23.01 -18.99
CA GLN A 123 -25.94 -21.70 -19.02
C GLN A 123 -26.39 -21.36 -17.62
N THR A 124 -25.91 -20.24 -17.10
CA THR A 124 -26.26 -19.75 -15.78
C THR A 124 -27.11 -18.49 -15.91
N SER A 125 -28.30 -18.52 -15.32
CA SER A 125 -29.24 -17.41 -15.32
C SER A 125 -29.24 -16.78 -13.94
N ILE A 126 -29.03 -15.46 -13.88
CA ILE A 126 -29.03 -14.70 -12.63
C ILE A 126 -30.18 -13.72 -12.73
N THR A 127 -31.19 -13.88 -11.89
CA THR A 127 -32.41 -13.10 -12.00
C THR A 127 -32.88 -12.74 -10.61
N PRO A 128 -33.76 -11.73 -10.49
CA PRO A 128 -34.23 -11.37 -9.14
C PRO A 128 -34.94 -12.51 -8.42
N PHE A 129 -35.69 -13.34 -9.15
CA PHE A 129 -36.58 -14.33 -8.55
C PHE A 129 -36.44 -15.73 -9.12
N GLY A 130 -35.66 -15.93 -10.18
CA GLY A 130 -35.47 -17.22 -10.79
C GLY A 130 -36.11 -17.27 -12.16
N ARG A 131 -35.77 -18.34 -12.89
CA ARG A 131 -36.33 -18.55 -14.21
C ARG A 131 -37.77 -19.00 -14.17
N THR A 132 -38.24 -19.48 -13.01
CA THR A 132 -39.55 -20.10 -12.88
C THR A 132 -40.20 -19.64 -11.59
N GLY A 133 -41.49 -19.93 -11.46
CA GLY A 133 -42.22 -19.60 -10.25
C GLY A 133 -43.11 -18.38 -10.42
N PRO A 134 -44.01 -18.18 -9.46
CA PRO A 134 -45.00 -17.10 -9.60
C PRO A 134 -44.41 -15.70 -9.69
N LEU A 135 -43.20 -15.45 -9.17
CA LEU A 135 -42.60 -14.12 -9.29
C LEU A 135 -41.76 -13.96 -10.55
N ALA A 136 -41.47 -15.03 -11.28
CA ALA A 136 -40.54 -14.93 -12.40
C ALA A 136 -40.96 -13.90 -13.44
N PRO A 137 -42.24 -13.66 -13.72
CA PRO A 137 -42.58 -12.65 -14.74
C PRO A 137 -42.29 -11.22 -14.31
N TYR A 138 -41.96 -10.95 -13.05
CA TYR A 138 -42.07 -9.60 -12.53
C TYR A 138 -40.71 -8.98 -12.19
N PRO A 139 -40.63 -7.65 -12.27
CA PRO A 139 -39.35 -6.98 -12.05
C PRO A 139 -38.96 -6.94 -10.58
N GLY A 140 -37.65 -6.93 -10.35
CA GLY A 140 -37.12 -6.75 -9.02
C GLY A 140 -35.87 -5.91 -9.09
N SER A 141 -35.55 -5.29 -7.96
CA SER A 141 -34.34 -4.49 -7.83
C SER A 141 -33.65 -4.94 -6.55
N ASP A 142 -32.50 -4.32 -6.26
CA ASP A 142 -31.78 -4.71 -5.06
C ASP A 142 -32.65 -4.53 -3.81
N LEU A 143 -33.31 -3.38 -3.69
CA LEU A 143 -34.14 -3.12 -2.51
C LEU A 143 -35.33 -4.07 -2.45
N THR A 144 -36.01 -4.28 -3.58
CA THR A 144 -37.25 -5.05 -3.51
C THR A 144 -36.95 -6.53 -3.34
N CYS A 145 -35.87 -7.01 -3.94
CA CYS A 145 -35.43 -8.37 -3.63
C CYS A 145 -35.05 -8.49 -2.16
N SER A 146 -34.30 -7.52 -1.64
CA SER A 146 -33.93 -7.55 -0.22
CA SER A 146 -33.93 -7.56 -0.22
C SER A 146 -35.17 -7.59 0.66
N ALA A 147 -36.21 -6.83 0.29
CA ALA A 147 -37.45 -6.83 1.05
C ALA A 147 -38.10 -8.21 1.03
N LEU A 148 -38.22 -8.80 -0.16
CA LEU A 148 -39.00 -10.03 -0.32
C LEU A 148 -38.30 -11.26 0.22
N SER A 149 -36.96 -11.23 0.33
CA SER A 149 -36.20 -12.38 0.82
C SER A 149 -36.22 -12.52 2.33
N GLY A 150 -36.60 -11.46 3.06
CA GLY A 150 -36.48 -11.40 4.50
C GLY A 150 -35.22 -10.71 5.01
N PHE A 151 -34.27 -10.42 4.12
CA PHE A 151 -32.98 -9.88 4.56
C PHE A 151 -33.09 -8.43 5.00
N LEU A 152 -33.80 -7.60 4.25
CA LEU A 152 -33.89 -6.16 4.57
C LEU A 152 -34.47 -5.94 5.95
N TYR A 153 -35.51 -6.69 6.30
CA TYR A 153 -36.23 -6.53 7.56
C TYR A 153 -35.31 -6.64 8.76
N LEU A 154 -34.22 -7.39 8.65
CA LEU A 154 -33.31 -7.58 9.77
C LEU A 154 -32.42 -6.37 10.03
N ALA A 155 -32.35 -5.41 9.12
CA ALA A 155 -31.47 -4.25 9.28
C ALA A 155 -32.11 -3.14 10.12
N GLY A 156 -32.73 -3.53 11.23
CA GLY A 156 -33.32 -2.58 12.14
C GLY A 156 -33.80 -3.28 13.39
N VAL A 157 -34.25 -2.49 14.36
CA VAL A 157 -34.86 -3.03 15.57
C VAL A 157 -36.22 -2.41 15.81
N ASP A 158 -37.03 -3.14 16.58
CA ASP A 158 -38.36 -2.69 17.03
C ASP A 158 -39.18 -2.20 15.83
N GLY A 159 -39.77 -1.02 15.89
CA GLY A 159 -40.57 -0.49 14.81
C GLY A 159 -39.82 0.34 13.80
N ASP A 160 -38.49 0.40 13.86
CA ASP A 160 -37.73 1.24 12.95
C ASP A 160 -37.72 0.65 11.54
N LYS A 161 -37.88 1.50 10.54
CA LYS A 161 -37.67 1.06 9.18
C LYS A 161 -36.24 0.56 8.99
N PRO A 162 -36.02 -0.47 8.18
CA PRO A 162 -34.66 -0.99 7.97
C PRO A 162 -33.87 -0.14 6.99
N VAL A 163 -32.54 -0.31 7.05
CA VAL A 163 -31.61 0.34 6.14
C VAL A 163 -31.07 -0.68 5.15
N ARG A 164 -30.55 -0.17 4.05
CA ARG A 164 -30.02 -1.01 2.97
C ARG A 164 -28.55 -1.33 3.20
N ALA A 165 -28.13 -2.51 2.75
CA ALA A 165 -26.72 -2.79 2.64
C ALA A 165 -26.16 -2.09 1.40
N PRO A 166 -24.91 -1.67 1.42
CA PRO A 166 -24.33 -1.00 0.25
C PRO A 166 -23.98 -1.98 -0.86
N ASP A 167 -23.81 -1.43 -2.06
CA ASP A 167 -23.26 -2.17 -3.20
C ASP A 167 -24.15 -3.33 -3.64
N ASN A 168 -25.47 -3.14 -3.54
CA ASN A 168 -26.48 -4.06 -4.08
C ASN A 168 -26.17 -5.51 -3.69
N GLN A 169 -26.25 -5.78 -2.37
CA GLN A 169 -25.90 -7.12 -1.90
C GLN A 169 -26.88 -8.18 -2.42
N ALA A 170 -28.12 -7.81 -2.75
CA ALA A 170 -29.02 -8.77 -3.39
C ALA A 170 -28.38 -9.32 -4.66
N TYR A 171 -27.83 -8.42 -5.46
CA TYR A 171 -27.17 -8.83 -6.69
C TYR A 171 -25.89 -9.59 -6.39
N ARG A 172 -25.07 -9.08 -5.47
CA ARG A 172 -23.77 -9.68 -5.18
C ARG A 172 -23.93 -11.09 -4.62
N MET A 173 -24.91 -11.30 -3.73
CA MET A 173 -25.11 -12.64 -3.19
C MET A 173 -25.51 -13.61 -4.29
N ALA A 174 -26.41 -13.19 -5.18
CA ALA A 174 -26.77 -14.03 -6.30
C ALA A 174 -25.56 -14.31 -7.19
N GLU A 175 -24.76 -13.29 -7.45
CA GLU A 175 -23.62 -13.45 -8.35
C GLU A 175 -22.58 -14.39 -7.78
N ALA A 176 -22.26 -14.26 -6.49
CA ALA A 176 -21.29 -15.16 -5.87
C ALA A 176 -21.78 -16.61 -5.91
N TYR A 177 -23.05 -16.84 -5.57
CA TYR A 177 -23.58 -18.20 -5.62
C TYR A 177 -23.71 -18.68 -7.07
N ALA A 178 -23.94 -17.78 -8.02
CA ALA A 178 -23.98 -18.17 -9.42
C ALA A 178 -22.61 -18.53 -9.95
N ALA A 179 -21.55 -17.86 -9.46
CA ALA A 179 -20.20 -18.28 -9.82
C ALA A 179 -19.94 -19.68 -9.30
N VAL A 180 -20.35 -19.96 -8.06
CA VAL A 180 -20.19 -21.28 -7.48
C VAL A 180 -20.98 -22.32 -8.27
N GLY A 181 -22.27 -22.03 -8.52
CA GLY A 181 -23.07 -22.94 -9.32
C GLY A 181 -22.49 -23.15 -10.71
N SER A 182 -21.99 -22.08 -11.33
CA SER A 182 -21.37 -22.23 -12.64
C SER A 182 -20.18 -23.19 -12.58
N ALA A 183 -19.34 -23.02 -11.56
CA ALA A 183 -18.13 -23.84 -11.46
C ALA A 183 -18.48 -25.30 -11.15
N ILE A 184 -19.51 -25.52 -10.34
CA ILE A 184 -19.96 -26.88 -10.05
C ILE A 184 -20.48 -27.56 -11.32
N ALA A 185 -21.36 -26.86 -12.05
CA ALA A 185 -21.87 -27.42 -13.29
C ALA A 185 -20.77 -27.59 -14.32
N LEU A 186 -19.77 -26.69 -14.33
CA LEU A 186 -18.66 -26.83 -15.24
C LEU A 186 -17.80 -28.04 -14.90
N PHE A 187 -17.50 -28.23 -13.61
CA PHE A 187 -16.78 -29.42 -13.17
C PHE A 187 -17.53 -30.67 -13.59
N SER A 188 -18.84 -30.70 -13.34
CA SER A 188 -19.66 -31.85 -13.75
C SER A 188 -19.60 -32.05 -15.26
N ALA A 189 -19.68 -30.96 -16.03
CA ALA A 189 -19.64 -31.11 -17.49
C ALA A 189 -18.30 -31.63 -17.96
N GLN A 190 -17.22 -31.15 -17.35
CA GLN A 190 -15.91 -31.69 -17.66
C GLN A 190 -15.88 -33.21 -17.49
N ARG A 191 -16.64 -33.75 -16.53
CA ARG A 191 -16.61 -35.19 -16.29
C ARG A 191 -17.67 -35.93 -17.09
N SER A 192 -18.85 -35.34 -17.30
CA SER A 192 -19.95 -36.03 -17.96
C SER A 192 -20.04 -35.74 -19.46
N GLY A 193 -19.43 -34.65 -19.92
CA GLY A 193 -19.63 -34.21 -21.28
C GLY A 193 -20.92 -33.46 -21.47
N ARG A 194 -21.67 -33.20 -20.41
CA ARG A 194 -22.98 -32.57 -20.51
C ARG A 194 -23.09 -31.39 -19.57
N GLY A 195 -23.44 -30.24 -20.13
CA GLY A 195 -23.78 -29.06 -19.34
C GLY A 195 -25.21 -29.11 -18.88
N GLN A 196 -25.70 -27.95 -18.43
CA GLN A 196 -27.06 -27.83 -17.94
C GLN A 196 -27.34 -26.35 -17.70
N VAL A 197 -28.54 -26.06 -17.19
CA VAL A 197 -28.92 -24.70 -16.80
C VAL A 197 -28.68 -24.57 -15.31
N VAL A 198 -28.13 -23.41 -14.91
CA VAL A 198 -27.86 -23.08 -13.51
C VAL A 198 -28.68 -21.83 -13.19
N ASP A 199 -29.68 -21.98 -12.33
CA ASP A 199 -30.71 -20.97 -12.07
C ASP A 199 -30.53 -20.43 -10.65
N VAL A 200 -30.07 -19.20 -10.54
CA VAL A 200 -29.78 -18.57 -9.25
C VAL A 200 -30.61 -17.29 -9.14
N ALA A 201 -31.49 -17.24 -8.14
CA ALA A 201 -32.38 -16.10 -7.91
C ALA A 201 -31.88 -15.28 -6.72
N CYS A 202 -31.94 -13.95 -6.87
CA CYS A 202 -31.57 -13.07 -5.77
C CYS A 202 -32.37 -13.37 -4.50
N ILE A 203 -33.68 -13.60 -4.64
CA ILE A 203 -34.53 -13.80 -3.47
C ILE A 203 -34.09 -15.03 -2.68
N GLU A 204 -33.63 -16.08 -3.37
CA GLU A 204 -33.13 -17.27 -2.69
C GLU A 204 -31.75 -17.05 -2.11
N ALA A 205 -30.86 -16.43 -2.88
CA ALA A 205 -29.51 -16.19 -2.39
C ALA A 205 -29.54 -15.35 -1.12
N GLN A 206 -30.45 -14.38 -1.04
CA GLN A 206 -30.54 -13.54 0.14
C GLN A 206 -31.18 -14.25 1.32
N ALA A 207 -32.12 -15.16 1.07
CA ALA A 207 -32.64 -15.98 2.15
C ALA A 207 -31.54 -16.84 2.76
N MET A 208 -30.42 -17.03 2.05
CA MET A 208 -29.26 -17.67 2.66
C MET A 208 -28.65 -16.84 3.76
N ALA A 209 -29.02 -15.56 3.86
CA ALA A 209 -28.40 -14.62 4.76
C ALA A 209 -29.32 -14.21 5.91
N LEU A 210 -30.33 -15.03 6.22
CA LEU A 210 -31.24 -14.71 7.32
C LEU A 210 -30.65 -15.07 8.69
N GLU A 211 -29.42 -15.60 8.74
CA GLU A 211 -28.73 -15.96 9.97
C GLU A 211 -29.45 -17.13 10.62
N ASN A 212 -30.38 -16.87 11.54
CA ASN A 212 -31.19 -17.92 12.13
C ASN A 212 -32.65 -17.48 12.20
N ALA A 213 -33.04 -16.45 11.43
CA ALA A 213 -34.39 -15.92 11.56
C ALA A 213 -35.46 -16.96 11.15
N ALA A 214 -35.22 -17.74 10.09
CA ALA A 214 -36.21 -18.74 9.69
C ALA A 214 -36.36 -19.82 10.76
N GLN A 215 -35.24 -20.24 11.37
CA GLN A 215 -35.33 -21.26 12.41
C GLN A 215 -35.97 -20.70 13.69
N PHE A 216 -35.82 -19.39 13.95
CA PHE A 216 -36.56 -18.81 15.08
C PHE A 216 -38.06 -18.95 14.88
N TRP A 217 -38.54 -18.73 13.66
CA TRP A 217 -39.98 -18.89 13.42
C TRP A 217 -40.36 -20.36 13.51
N ASP A 218 -39.67 -21.22 12.75
CA ASP A 218 -40.04 -22.62 12.68
C ASP A 218 -40.03 -23.29 14.06
N LEU A 219 -39.02 -22.97 14.87
CA LEU A 219 -38.81 -23.71 16.11
C LEU A 219 -39.48 -23.07 17.31
N GLU A 220 -39.60 -21.73 17.34
CA GLU A 220 -40.12 -21.06 18.53
C GLU A 220 -41.27 -20.09 18.25
N GLY A 221 -41.68 -19.93 16.99
CA GLY A 221 -42.72 -18.96 16.69
C GLY A 221 -42.32 -17.54 17.00
N LYS A 222 -41.04 -17.20 16.82
CA LYS A 222 -40.52 -15.87 17.11
C LYS A 222 -40.09 -15.19 15.83
N ILE A 223 -40.44 -13.91 15.71
CA ILE A 223 -39.97 -13.04 14.65
C ILE A 223 -38.82 -12.22 15.20
N ARG A 224 -37.62 -12.39 14.66
CA ARG A 224 -36.47 -11.57 15.05
C ARG A 224 -36.21 -10.47 14.02
N ARG A 225 -35.54 -9.43 14.49
CA ARG A 225 -34.99 -8.39 13.61
C ARG A 225 -33.48 -8.37 13.84
N GLY A 226 -32.87 -7.19 13.87
CA GLY A 226 -31.42 -7.13 13.88
C GLY A 226 -30.79 -7.22 15.25
N ARG A 227 -29.55 -7.69 15.24
CA ARG A 227 -28.65 -7.49 16.36
C ARG A 227 -28.35 -6.01 16.55
N GLY A 228 -27.92 -5.65 17.76
CA GLY A 228 -27.52 -4.29 18.06
C GLY A 228 -27.95 -3.83 19.45
N ARG A 229 -28.84 -4.59 20.11
CA ARG A 229 -29.36 -4.20 21.41
C ARG A 229 -29.11 -5.23 22.51
N GLU A 230 -28.27 -6.24 22.26
CA GLU A 230 -27.80 -7.13 23.31
C GLU A 230 -26.50 -6.56 23.86
N ALA A 231 -26.54 -6.10 25.12
CA ALA A 231 -25.39 -5.41 25.71
C ALA A 231 -24.08 -6.15 25.45
N GLY A 232 -23.14 -5.46 24.81
CA GLY A 232 -21.80 -5.98 24.62
C GLY A 232 -21.68 -7.13 23.65
N SER A 233 -22.71 -7.41 22.87
CA SER A 233 -22.70 -8.56 21.97
C SER A 233 -23.21 -8.10 20.61
N ALA A 234 -22.28 -7.84 19.70
CA ALA A 234 -22.58 -7.32 18.37
C ALA A 234 -23.27 -5.95 18.45
N THR A 235 -22.76 -5.09 19.33
CA THR A 235 -23.25 -3.73 19.48
C THR A 235 -22.28 -2.75 18.83
N LEU A 236 -22.83 -1.63 18.38
CA LEU A 236 -22.06 -0.56 17.77
C LEU A 236 -22.05 0.63 18.71
N HIS A 237 -20.91 1.32 18.80
CA HIS A 237 -20.78 2.37 19.77
C HIS A 237 -20.08 3.59 19.21
N PRO A 238 -20.57 4.79 19.52
CA PRO A 238 -19.88 5.98 19.02
C PRO A 238 -18.54 6.17 19.71
N CYS A 239 -17.57 6.66 18.95
CA CYS A 239 -16.27 7.01 19.50
C CYS A 239 -15.89 8.38 18.96
N ALA A 240 -14.66 8.81 19.19
CA ALA A 240 -14.33 10.21 18.93
C ALA A 240 -14.47 10.59 17.46
N ASP A 241 -14.17 9.69 16.54
CA ASP A 241 -14.17 10.00 15.10
C ASP A 241 -14.98 9.00 14.29
N GLY A 242 -15.96 8.33 14.90
CA GLY A 242 -16.78 7.37 14.19
C GLY A 242 -17.45 6.41 15.14
N PHE A 243 -17.44 5.12 14.80
CA PHE A 243 -18.07 4.05 15.56
C PHE A 243 -17.16 2.83 15.57
N ILE A 244 -17.32 2.00 16.59
CA ILE A 244 -16.66 0.70 16.66
C ILE A 244 -17.73 -0.37 16.82
N ALA A 245 -17.36 -1.60 16.47
CA ALA A 245 -18.21 -2.78 16.62
C ALA A 245 -17.60 -3.67 17.69
N LEU A 246 -18.43 -4.18 18.60
CA LEU A 246 -17.95 -4.90 19.75
C LEU A 246 -18.64 -6.24 19.93
N VAL A 247 -17.86 -7.28 20.19
CA VAL A 247 -18.39 -8.56 20.69
C VAL A 247 -17.56 -8.94 21.92
N ALA A 248 -18.05 -8.54 23.09
CA ALA A 248 -17.36 -8.87 24.34
C ALA A 248 -17.91 -10.13 24.98
N ILE A 249 -19.09 -10.58 24.57
CA ILE A 249 -19.65 -11.82 25.08
C ILE A 249 -20.67 -12.36 24.10
N MET A 250 -20.80 -13.68 24.07
CA MET A 250 -21.93 -14.38 23.48
C MET A 250 -22.37 -15.48 24.44
N GLY A 251 -23.66 -15.84 24.35
CA GLY A 251 -24.25 -16.83 25.25
C GLY A 251 -23.91 -16.64 26.74
N ARG A 252 -23.40 -17.70 27.38
CA ARG A 252 -22.95 -17.62 28.78
C ARG A 252 -21.42 -17.68 28.88
N ASN A 253 -20.71 -17.18 27.87
CA ASN A 253 -19.28 -17.36 27.77
C ASN A 253 -18.58 -16.30 28.62
N LYS A 254 -18.51 -16.56 29.92
CA LYS A 254 -17.80 -15.63 30.80
C LYS A 254 -16.32 -15.48 30.44
N PRO A 255 -15.60 -16.51 30.01
CA PRO A 255 -14.19 -16.30 29.62
C PRO A 255 -14.03 -15.20 28.59
N MET A 256 -15.06 -14.89 27.78
CA MET A 256 -14.87 -13.80 26.82
C MET A 256 -15.01 -12.45 27.52
N TRP A 257 -15.84 -12.39 28.55
CA TRP A 257 -16.19 -11.15 29.22
C TRP A 257 -15.08 -10.66 30.14
N THR A 258 -14.41 -11.58 30.81
CA THR A 258 -13.37 -11.18 31.76
C THR A 258 -12.30 -10.33 31.11
N PRO A 259 -11.74 -10.68 29.96
CA PRO A 259 -10.76 -9.77 29.34
C PRO A 259 -11.33 -8.38 29.06
N PHE A 260 -12.61 -8.28 28.70
CA PHE A 260 -13.24 -6.98 28.51
C PHE A 260 -13.30 -6.19 29.81
N VAL A 261 -13.68 -6.84 30.90
CA VAL A 261 -13.69 -6.15 32.19
C VAL A 261 -12.29 -5.68 32.54
N ARG A 262 -11.27 -6.52 32.30
CA ARG A 262 -9.90 -6.09 32.56
C ARG A 262 -9.50 -4.88 31.71
N TRP A 263 -9.89 -4.85 30.43
CA TRP A 263 -9.63 -3.68 29.59
C TRP A 263 -10.22 -2.44 30.26
N MET A 264 -11.47 -2.51 30.71
CA MET A 264 -12.10 -1.34 31.32
C MET A 264 -11.38 -0.94 32.60
N GLU A 265 -11.02 -1.93 33.42
CA GLU A 265 -10.28 -1.61 34.65
C GLU A 265 -8.93 -0.96 34.32
N ALA A 266 -8.17 -1.56 33.41
CA ALA A 266 -6.85 -1.04 33.08
C ALA A 266 -6.92 0.39 32.54
N GLU A 267 -8.00 0.74 31.84
CA GLU A 267 -8.16 2.09 31.31
C GLU A 267 -8.75 3.05 32.34
N GLY A 268 -9.08 2.57 33.53
CA GLY A 268 -9.64 3.43 34.55
C GLY A 268 -11.02 3.92 34.22
N VAL A 269 -11.78 3.13 33.46
CA VAL A 269 -13.11 3.54 33.05
C VAL A 269 -14.01 3.72 34.27
N GLU A 270 -14.67 4.87 34.32
CA GLU A 270 -15.60 5.14 35.41
CA GLU A 270 -15.62 5.16 35.39
C GLU A 270 -16.69 4.07 35.47
N GLU A 271 -16.94 3.60 36.69
CA GLU A 271 -17.97 2.59 36.92
C GLU A 271 -17.60 1.23 36.34
N TRP A 272 -16.34 0.99 35.99
CA TRP A 272 -16.03 -0.31 35.39
C TRP A 272 -16.48 -1.45 36.30
N GLN A 273 -16.48 -1.23 37.63
CA GLN A 273 -16.96 -2.27 38.55
C GLN A 273 -18.39 -2.72 38.27
N VAL A 274 -19.23 -1.85 37.68
CA VAL A 274 -20.59 -2.26 37.32
C VAL A 274 -20.55 -3.47 36.40
N LEU A 275 -19.52 -3.57 35.55
CA LEU A 275 -19.41 -4.66 34.58
C LEU A 275 -18.85 -5.92 35.20
N ASP A 276 -18.19 -5.80 36.34
CA ASP A 276 -17.64 -6.94 37.07
C ASP A 276 -18.75 -7.57 37.92
N ASP A 277 -19.59 -8.35 37.23
CA ASP A 277 -20.81 -8.88 37.82
C ASP A 277 -21.29 -10.00 36.92
N ASP A 278 -21.74 -11.09 37.53
CA ASP A 278 -22.12 -12.22 36.69
C ASP A 278 -23.47 -12.00 36.02
N LYS A 279 -24.20 -10.93 36.35
CA LYS A 279 -25.45 -10.66 35.66
C LYS A 279 -25.22 -10.47 34.17
N TRP A 280 -24.03 -10.04 33.77
CA TRP A 280 -23.81 -9.77 32.35
C TRP A 280 -23.67 -11.06 31.58
N ILE A 281 -23.55 -12.17 32.29
CA ILE A 281 -23.42 -13.46 31.63
C ILE A 281 -24.77 -13.96 31.18
N ASP A 282 -25.83 -13.25 31.57
CA ASP A 282 -27.19 -13.73 31.36
C ASP A 282 -27.79 -12.98 30.17
N TYR A 283 -28.16 -13.73 29.13
CA TYR A 283 -28.64 -13.11 27.92
C TYR A 283 -29.85 -12.24 28.20
N ALA A 284 -30.72 -12.70 29.10
CA ALA A 284 -31.93 -11.97 29.39
C ALA A 284 -31.63 -10.61 29.98
N TYR A 285 -30.56 -10.54 30.78
CA TYR A 285 -30.18 -9.24 31.34
C TYR A 285 -29.52 -8.36 30.29
N ARG A 286 -28.67 -8.96 29.44
CA ARG A 286 -28.02 -8.16 28.40
C ARG A 286 -29.03 -7.51 27.47
N THR A 287 -30.15 -8.18 27.19
CA THR A 287 -31.15 -7.63 26.28
C THR A 287 -32.21 -6.82 27.00
N SER A 288 -32.18 -6.74 28.32
CA SER A 288 -33.14 -5.93 29.05
C SER A 288 -32.85 -4.45 28.82
N GLU A 289 -33.90 -3.62 28.97
CA GLU A 289 -33.73 -2.19 28.75
C GLU A 289 -32.65 -1.62 29.66
N GLU A 290 -32.65 -2.02 30.94
CA GLU A 290 -31.68 -1.46 31.87
C GLU A 290 -30.28 -2.01 31.62
N GLY A 291 -30.18 -3.30 31.31
CA GLY A 291 -28.87 -3.88 31.00
C GLY A 291 -28.22 -3.21 29.81
N TYR A 292 -28.96 -3.06 28.71
CA TYR A 292 -28.40 -2.44 27.51
C TYR A 292 -28.08 -0.98 27.76
N ALA A 293 -28.97 -0.28 28.47
CA ALA A 293 -28.76 1.14 28.70
C ALA A 293 -27.54 1.35 29.58
N THR A 294 -27.40 0.51 30.61
CA THR A 294 -26.29 0.67 31.54
C THR A 294 -24.97 0.29 30.89
N PHE A 295 -24.99 -0.72 30.03
CA PHE A 295 -23.78 -1.06 29.28
C PHE A 295 -23.32 0.11 28.43
N CYS A 296 -24.26 0.71 27.68
CA CYS A 296 -23.88 1.80 26.80
C CYS A 296 -23.41 3.00 27.62
N ARG A 297 -24.05 3.25 28.76
CA ARG A 297 -23.63 4.37 29.59
C ARG A 297 -22.17 4.24 29.99
N VAL A 298 -21.80 3.08 30.53
CA VAL A 298 -20.45 2.89 31.06
C VAL A 298 -19.44 2.86 29.91
N PHE A 299 -19.74 2.08 28.87
CA PHE A 299 -18.77 1.87 27.79
C PHE A 299 -18.54 3.15 26.98
N GLU A 300 -19.62 3.85 26.63
CA GLU A 300 -19.51 4.99 25.72
C GLU A 300 -18.91 6.24 26.39
N ARG A 301 -18.97 6.36 27.72
CA ARG A 301 -18.19 7.39 28.40
C ARG A 301 -16.73 7.28 27.99
N TYR A 302 -16.24 6.05 27.85
CA TYR A 302 -14.85 5.78 27.49
C TYR A 302 -14.64 5.88 25.98
N THR A 303 -15.52 5.24 25.19
CA THR A 303 -15.28 5.21 23.75
C THR A 303 -15.40 6.60 23.12
N ARG A 304 -16.28 7.46 23.63
CA ARG A 304 -16.45 8.76 23.00
C ARG A 304 -15.18 9.61 23.09
N THR A 305 -14.26 9.27 23.99
CA THR A 305 -13.04 10.05 24.14
C THR A 305 -11.88 9.50 23.33
N ARG A 306 -12.08 8.42 22.58
N ARG A 306 -12.08 8.44 22.57
CA ARG A 306 -10.97 7.76 21.90
CA ARG A 306 -11.01 7.74 21.89
C ARG A 306 -11.33 7.50 20.44
C ARG A 306 -11.34 7.53 20.42
N SER A 307 -10.29 7.49 19.60
CA SER A 307 -10.45 7.26 18.18
C SER A 307 -10.72 5.78 17.87
N LYS A 308 -11.27 5.55 16.68
CA LYS A 308 -11.41 4.21 16.14
C LYS A 308 -10.08 3.44 16.20
N ALA A 309 -9.01 4.09 15.74
CA ALA A 309 -7.72 3.40 15.68
C ALA A 309 -7.21 3.05 17.07
N TYR A 310 -7.37 3.95 18.04
CA TYR A 310 -7.01 3.68 19.42
C TYR A 310 -7.78 2.46 19.96
N LEU A 311 -9.10 2.46 19.81
CA LEU A 311 -9.91 1.40 20.39
C LEU A 311 -9.62 0.05 19.74
N TYR A 312 -9.43 0.04 18.41
CA TYR A 312 -9.01 -1.18 17.71
C TYR A 312 -7.73 -1.74 18.32
N GLU A 313 -6.71 -0.90 18.42
CA GLU A 313 -5.43 -1.34 18.94
C GLU A 313 -5.56 -1.85 20.37
N ILE A 314 -6.12 -1.03 21.26
CA ILE A 314 -6.14 -1.37 22.68
C ILE A 314 -7.12 -2.50 22.96
N GLY A 315 -8.28 -2.52 22.29
CA GLY A 315 -9.23 -3.59 22.55
C GLY A 315 -8.66 -4.93 22.17
N GLN A 316 -8.06 -5.00 20.98
CA GLN A 316 -7.43 -6.24 20.55
C GLN A 316 -6.21 -6.57 21.41
N ARG A 317 -5.52 -5.56 21.95
CA ARG A 317 -4.40 -5.83 22.85
C ARG A 317 -4.88 -6.57 24.10
N PHE A 318 -6.11 -6.28 24.54
CA PHE A 318 -6.71 -6.96 25.68
C PHE A 318 -7.52 -8.19 25.28
N ASN A 319 -7.41 -8.62 24.02
CA ASN A 319 -8.04 -9.86 23.54
C ASN A 319 -9.56 -9.77 23.55
N VAL A 320 -10.08 -8.60 23.16
CA VAL A 320 -11.50 -8.38 22.94
C VAL A 320 -11.76 -8.16 21.44
N ALA A 321 -12.85 -8.73 20.94
CA ALA A 321 -13.24 -8.61 19.53
C ALA A 321 -13.83 -7.23 19.26
N VAL A 322 -12.96 -6.29 18.93
CA VAL A 322 -13.36 -4.94 18.57
CA VAL A 322 -13.31 -4.91 18.60
C VAL A 322 -12.77 -4.63 17.20
N THR A 323 -13.58 -3.98 16.36
CA THR A 323 -13.10 -3.50 15.07
C THR A 323 -13.68 -2.12 14.82
N PRO A 324 -13.01 -1.29 14.03
CA PRO A 324 -13.60 -0.01 13.65
C PRO A 324 -14.71 -0.19 12.63
N VAL A 325 -15.69 0.71 12.68
CA VAL A 325 -16.63 0.86 11.58
C VAL A 325 -15.89 1.65 10.50
N SER A 326 -15.19 0.95 9.62
CA SER A 326 -14.26 1.60 8.71
C SER A 326 -15.01 2.34 7.60
N ASP A 327 -14.54 3.54 7.28
CA ASP A 327 -14.97 4.27 6.10
C ASP A 327 -13.94 4.08 5.00
N GLY A 328 -14.20 4.69 3.84
CA GLY A 328 -13.32 4.47 2.70
C GLY A 328 -11.89 4.92 2.96
N ARG A 329 -11.73 6.02 3.69
CA ARG A 329 -10.38 6.45 4.06
C ARG A 329 -9.70 5.45 4.98
N ASP A 330 -10.40 4.95 6.00
CA ASP A 330 -9.81 3.94 6.87
C ASP A 330 -9.34 2.72 6.09
N LEU A 331 -10.15 2.28 5.11
CA LEU A 331 -9.80 1.10 4.33
C LEU A 331 -8.50 1.30 3.56
N LEU A 332 -8.36 2.43 2.86
CA LEU A 332 -7.14 2.65 2.09
C LEU A 332 -5.93 2.80 3.00
N ALA A 333 -6.14 3.23 4.24
CA ALA A 333 -5.05 3.40 5.19
C ALA A 333 -4.78 2.17 6.03
N ASN A 334 -5.60 1.13 5.91
CA ASN A 334 -5.48 -0.03 6.78
C ASN A 334 -4.10 -0.67 6.63
N PRO A 335 -3.29 -0.75 7.70
CA PRO A 335 -1.94 -1.29 7.54
C PRO A 335 -1.89 -2.79 7.30
N GLN A 336 -2.94 -3.52 7.67
CA GLN A 336 -2.98 -4.95 7.35
C GLN A 336 -3.21 -5.17 5.86
N LEU A 337 -4.15 -4.42 5.27
CA LEU A 337 -4.38 -4.54 3.83
C LEU A 337 -3.16 -4.08 3.05
N ALA A 338 -2.45 -3.07 3.57
CA ALA A 338 -1.21 -2.64 2.94
C ALA A 338 -0.17 -3.75 2.98
N HIS A 339 -0.01 -4.37 4.15
CA HIS A 339 0.92 -5.49 4.27
C HIS A 339 0.58 -6.61 3.30
N ARG A 340 -0.70 -6.84 3.07
CA ARG A 340 -1.14 -7.94 2.21
C ARG A 340 -1.17 -7.56 0.74
N GLY A 341 -0.85 -6.32 0.39
CA GLY A 341 -0.89 -5.92 -1.01
C GLY A 341 -2.25 -6.05 -1.65
N PHE A 342 -3.31 -5.79 -0.88
CA PHE A 342 -4.65 -6.04 -1.37
C PHE A 342 -5.06 -5.06 -2.47
N TRP A 343 -4.79 -3.78 -2.28
CA TRP A 343 -5.26 -2.78 -3.23
C TRP A 343 -4.49 -2.90 -4.55
N GLN A 344 -5.24 -2.95 -5.64
CA GLN A 344 -4.68 -3.10 -6.98
C GLN A 344 -4.91 -1.79 -7.73
N THR A 345 -3.82 -1.20 -8.22
CA THR A 345 -3.90 0.06 -8.96
C THR A 345 -3.40 -0.19 -10.38
N GLN A 346 -4.22 0.18 -11.35
CA GLN A 346 -3.96 -0.10 -12.75
C GLN A 346 -4.33 1.14 -13.56
N PHE A 347 -3.41 1.59 -14.40
CA PHE A 347 -3.69 2.75 -15.24
C PHE A 347 -4.79 2.43 -16.25
N ASN A 348 -5.70 3.37 -16.41
CA ASN A 348 -6.84 3.24 -17.31
C ASN A 348 -6.66 4.22 -18.46
N ASP A 349 -6.57 3.69 -19.68
CA ASP A 349 -6.24 4.51 -20.83
C ASP A 349 -7.43 5.33 -21.31
N THR A 350 -8.65 4.85 -21.09
CA THR A 350 -9.82 5.63 -21.47
C THR A 350 -10.02 6.81 -20.53
N LEU A 351 -9.80 6.58 -19.24
CA LEU A 351 -9.91 7.65 -18.26
C LEU A 351 -8.65 8.49 -18.19
N GLY A 352 -7.53 7.97 -18.67
CA GLY A 352 -6.27 8.69 -18.56
C GLY A 352 -5.82 8.88 -17.13
N ALA A 353 -6.06 7.90 -16.27
CA ALA A 353 -5.68 8.02 -14.87
C ALA A 353 -5.55 6.63 -14.26
N ASN A 354 -4.89 6.58 -13.10
CA ASN A 354 -4.84 5.34 -12.33
C ASN A 354 -6.19 5.10 -11.68
N VAL A 355 -6.55 3.82 -11.57
CA VAL A 355 -7.74 3.39 -10.83
C VAL A 355 -7.33 2.32 -9.83
N THR A 356 -7.78 2.47 -8.58
CA THR A 356 -7.50 1.51 -7.52
C THR A 356 -8.74 0.66 -7.25
N TYR A 357 -8.52 -0.66 -7.17
CA TYR A 357 -9.59 -1.65 -7.00
C TYR A 357 -9.30 -2.53 -5.80
N PRO A 358 -10.34 -3.11 -5.19
CA PRO A 358 -10.11 -4.24 -4.29
C PRO A 358 -9.36 -5.35 -5.04
N GLY A 359 -8.64 -6.14 -4.27
CA GLY A 359 -7.82 -7.20 -4.84
C GLY A 359 -8.37 -8.60 -4.68
N ALA A 360 -7.48 -9.59 -4.53
CA ALA A 360 -7.90 -10.98 -4.61
C ALA A 360 -8.70 -11.41 -3.38
N PRO A 361 -9.84 -12.09 -3.56
CA PRO A 361 -10.57 -12.61 -2.40
C PRO A 361 -10.05 -13.94 -1.90
N TYR A 362 -8.97 -14.47 -2.47
N TYR A 362 -8.99 -14.48 -2.49
CA TYR A 362 -8.44 -15.76 -2.05
CA TYR A 362 -8.43 -15.74 -2.05
C TYR A 362 -7.09 -16.00 -2.71
C TYR A 362 -7.00 -15.85 -2.56
N GLU A 363 -6.30 -16.88 -2.11
CA GLU A 363 -4.97 -17.19 -2.57
C GLU A 363 -4.91 -18.69 -2.84
N PHE A 364 -4.17 -19.08 -3.87
CA PHE A 364 -4.01 -20.48 -4.26
C PHE A 364 -2.54 -20.87 -4.25
N GLY A 365 -2.29 -22.15 -3.97
CA GLY A 365 -0.92 -22.63 -3.99
C GLY A 365 -0.33 -22.60 -5.37
N GLU A 366 -1.15 -22.78 -6.40
CA GLU A 366 -0.62 -22.81 -7.76
C GLU A 366 -1.25 -21.77 -8.68
N MET A 367 -2.56 -21.57 -8.60
CA MET A 367 -3.21 -20.58 -9.45
C MET A 367 -2.84 -19.18 -9.00
N GLN A 368 -2.94 -18.24 -9.93
CA GLN A 368 -2.61 -16.83 -9.67
C GLN A 368 -3.84 -15.98 -9.96
N TRP A 369 -4.32 -15.28 -8.94
CA TRP A 369 -5.36 -14.28 -9.16
C TRP A 369 -4.78 -13.06 -9.85
N ARG A 370 -5.60 -12.40 -10.66
CA ARG A 370 -5.20 -11.14 -11.29
C ARG A 370 -6.43 -10.30 -11.56
N LEU A 371 -6.22 -8.98 -11.60
CA LEU A 371 -7.30 -8.07 -11.94
C LEU A 371 -7.68 -8.20 -13.40
N GLY A 372 -6.69 -8.34 -14.28
CA GLY A 372 -6.96 -8.47 -15.70
C GLY A 372 -7.05 -7.13 -16.38
N ARG A 373 -7.47 -7.18 -17.64
CA ARG A 373 -7.47 -5.99 -18.47
C ARG A 373 -8.52 -5.01 -18.00
N ASN A 374 -8.30 -3.73 -18.32
CA ASN A 374 -9.28 -2.71 -18.02
C ASN A 374 -10.62 -3.06 -18.66
N ALA A 375 -11.70 -2.73 -17.96
CA ALA A 375 -13.04 -3.02 -18.45
C ALA A 375 -13.18 -2.49 -19.87
N PRO A 376 -13.91 -3.19 -20.74
CA PRO A 376 -13.95 -2.80 -22.14
C PRO A 376 -14.82 -1.59 -22.41
N ARG A 377 -14.42 -0.84 -23.42
CA ARG A 377 -15.29 0.13 -24.07
C ARG A 377 -16.35 -0.62 -24.87
N LEU A 378 -17.43 0.07 -25.20
CA LEU A 378 -18.57 -0.59 -25.84
C LEU A 378 -18.17 -1.11 -27.22
N GLY A 379 -18.35 -2.41 -27.43
CA GLY A 379 -17.99 -2.99 -28.71
C GLY A 379 -16.51 -2.96 -29.01
N GLU A 380 -15.67 -2.77 -27.99
CA GLU A 380 -14.25 -2.60 -28.22
C GLU A 380 -13.66 -3.81 -28.95
N HIS A 381 -14.13 -5.01 -28.63
CA HIS A 381 -13.57 -6.23 -29.17
C HIS A 381 -14.55 -6.97 -30.07
N THR A 382 -15.64 -6.32 -30.47
CA THR A 382 -16.63 -6.97 -31.32
C THR A 382 -15.97 -7.57 -32.56
N ARG A 383 -15.10 -6.79 -33.24
CA ARG A 383 -14.53 -7.27 -34.49
C ARG A 383 -13.72 -8.55 -34.27
N GLU A 384 -12.73 -8.49 -33.37
CA GLU A 384 -11.79 -9.60 -33.23
C GLU A 384 -12.47 -10.85 -32.68
N VAL A 385 -13.47 -10.70 -31.81
CA VAL A 385 -14.17 -11.88 -31.30
C VAL A 385 -14.97 -12.54 -32.42
N LEU A 386 -15.65 -11.74 -33.24
CA LEU A 386 -16.41 -12.31 -34.35
C LEU A 386 -15.49 -12.95 -35.39
N ALA A 387 -14.36 -12.30 -35.70
CA ALA A 387 -13.38 -12.95 -36.56
C ALA A 387 -12.87 -14.23 -35.93
N GLY A 388 -12.67 -14.22 -34.61
CA GLY A 388 -12.26 -15.42 -33.91
C GLY A 388 -13.26 -16.55 -34.02
N CYS A 389 -14.52 -16.23 -34.29
CA CYS A 389 -15.56 -17.23 -34.48
C CYS A 389 -15.70 -17.68 -35.94
N GLY A 390 -14.93 -17.10 -36.86
CA GLY A 390 -14.98 -17.48 -38.26
C GLY A 390 -15.68 -16.49 -39.19
N TYR A 391 -16.12 -15.34 -38.70
CA TYR A 391 -16.73 -14.34 -39.54
C TYR A 391 -15.67 -13.59 -40.35
N SER A 392 -15.92 -13.42 -41.64
CA SER A 392 -15.04 -12.60 -42.46
C SER A 392 -15.22 -11.13 -42.12
N ALA A 393 -14.22 -10.33 -42.46
CA ALA A 393 -14.36 -8.88 -42.34
C ALA A 393 -15.55 -8.38 -43.16
N SER A 394 -15.82 -9.02 -44.31
CA SER A 394 -16.94 -8.58 -45.14
C SER A 394 -18.27 -8.90 -44.47
N GLU A 395 -18.38 -10.09 -43.85
CA GLU A 395 -19.59 -10.42 -43.11
C GLU A 395 -19.78 -9.51 -41.91
N ILE A 396 -18.69 -9.18 -41.20
CA ILE A 396 -18.78 -8.30 -40.05
C ILE A 396 -19.29 -6.93 -40.48
N ASP A 397 -18.77 -6.42 -41.60
CA ASP A 397 -19.22 -5.13 -42.10
C ASP A 397 -20.74 -5.11 -42.24
N ASN A 398 -21.28 -6.18 -42.83
CA ASN A 398 -22.73 -6.25 -43.04
C ASN A 398 -23.46 -6.36 -41.71
N LEU A 399 -22.89 -7.09 -40.76
CA LEU A 399 -23.48 -7.13 -39.42
C LEU A 399 -23.47 -5.75 -38.78
N VAL A 400 -22.38 -4.99 -38.93
CA VAL A 400 -22.31 -3.64 -38.39
C VAL A 400 -23.33 -2.73 -39.10
N ARG A 401 -23.37 -2.78 -40.44
CA ARG A 401 -24.20 -1.83 -41.17
C ARG A 401 -25.68 -2.08 -40.95
N GLU A 402 -26.08 -3.35 -40.83
CA GLU A 402 -27.48 -3.64 -40.57
C GLU A 402 -27.86 -3.43 -39.11
N GLY A 403 -26.89 -3.13 -38.25
CA GLY A 403 -27.17 -2.92 -36.84
C GLY A 403 -27.29 -4.17 -36.01
N ALA A 404 -26.82 -5.31 -36.51
CA ALA A 404 -26.86 -6.55 -35.74
C ALA A 404 -25.80 -6.58 -34.65
N VAL A 405 -24.68 -5.89 -34.87
CA VAL A 405 -23.61 -5.74 -33.89
C VAL A 405 -23.12 -4.30 -33.93
N TYR A 406 -22.33 -3.92 -32.91
CA TYR A 406 -21.66 -2.62 -32.87
C TYR A 406 -20.19 -2.88 -32.57
N ALA A 407 -19.32 -2.44 -33.47
CA ALA A 407 -17.88 -2.44 -33.25
C ALA A 407 -17.38 -1.01 -33.09
N GLU A 408 -16.47 -0.79 -32.15
CA GLU A 408 -15.94 0.54 -31.90
C GLU A 408 -15.02 0.91 -33.06
N SER B 4 -32.23 -43.17 -11.53
CA SER B 4 -30.99 -42.66 -12.12
C SER B 4 -30.77 -41.19 -11.74
N VAL B 5 -30.33 -40.98 -10.50
CA VAL B 5 -30.09 -39.65 -9.96
C VAL B 5 -28.65 -39.24 -10.27
N GLU B 6 -28.47 -38.07 -10.86
CA GLU B 6 -27.13 -37.55 -11.13
C GLU B 6 -26.78 -36.41 -10.16
N ARG B 7 -25.59 -36.51 -9.56
CA ARG B 7 -25.13 -35.56 -8.56
C ARG B 7 -23.81 -34.96 -9.03
N ALA B 8 -23.71 -33.63 -8.97
CA ALA B 8 -22.58 -32.95 -9.63
C ALA B 8 -21.25 -33.31 -8.99
N LEU B 9 -21.23 -33.56 -7.68
CA LEU B 9 -20.01 -33.88 -6.95
C LEU B 9 -20.02 -35.33 -6.46
N GLU B 10 -20.64 -36.22 -7.22
CA GLU B 10 -20.60 -37.64 -6.91
C GLU B 10 -19.17 -38.09 -6.68
N GLY B 11 -18.95 -38.81 -5.58
CA GLY B 11 -17.66 -39.38 -5.28
C GLY B 11 -16.70 -38.47 -4.54
N ILE B 12 -16.96 -37.16 -4.49
CA ILE B 12 -16.07 -36.27 -3.76
C ILE B 12 -16.23 -36.52 -2.26
N VAL B 13 -15.11 -36.57 -1.56
CA VAL B 13 -15.09 -36.79 -0.12
C VAL B 13 -14.44 -35.58 0.53
N VAL B 14 -15.04 -35.10 1.61
CA VAL B 14 -14.55 -33.90 2.30
C VAL B 14 -14.21 -34.28 3.74
N CYS B 15 -12.96 -34.01 4.13
CA CYS B 15 -12.52 -34.13 5.52
C CYS B 15 -12.75 -32.77 6.17
N ASP B 16 -13.80 -32.66 6.97
CA ASP B 16 -14.32 -31.35 7.38
C ASP B 16 -14.09 -31.16 8.87
N PHE B 17 -13.00 -30.46 9.18
CA PHE B 17 -12.72 -30.05 10.55
C PHE B 17 -13.45 -28.77 10.93
N SER B 18 -14.12 -28.13 9.98
CA SER B 18 -14.59 -26.76 10.18
C SER B 18 -15.80 -26.72 11.10
N TRP B 19 -16.01 -25.56 11.72
CA TRP B 19 -17.11 -25.44 12.66
C TRP B 19 -17.60 -24.00 12.72
N VAL B 20 -18.75 -23.84 13.36
CA VAL B 20 -19.43 -22.56 13.54
C VAL B 20 -19.88 -22.01 12.19
N GLY B 21 -19.14 -21.04 11.65
CA GLY B 21 -19.67 -20.08 10.69
C GLY B 21 -19.45 -20.45 9.26
N ALA B 22 -18.43 -19.86 8.67
CA ALA B 22 -18.22 -19.89 7.23
C ALA B 22 -18.01 -21.31 6.71
N GLY B 23 -17.08 -22.05 7.32
CA GLY B 23 -16.69 -23.34 6.82
C GLY B 23 -17.83 -24.31 6.72
N PRO B 24 -18.58 -24.50 7.82
CA PRO B 24 -19.73 -25.41 7.77
C PRO B 24 -20.73 -25.05 6.69
N ILE B 25 -20.97 -23.76 6.46
CA ILE B 25 -21.94 -23.36 5.44
C ILE B 25 -21.45 -23.80 4.07
N ALA B 26 -20.15 -23.63 3.80
CA ALA B 26 -19.60 -24.05 2.52
C ALA B 26 -19.74 -25.56 2.33
N THR B 27 -19.35 -26.35 3.34
CA THR B 27 -19.42 -27.79 3.15
C THR B 27 -20.86 -28.28 3.09
N SER B 28 -21.80 -27.55 3.67
CA SER B 28 -23.21 -27.90 3.52
C SER B 28 -23.61 -27.90 2.05
N VAL B 29 -23.13 -26.93 1.28
CA VAL B 29 -23.43 -26.87 -0.14
C VAL B 29 -22.81 -28.06 -0.87
N LEU B 30 -21.57 -28.40 -0.53
CA LEU B 30 -20.93 -29.55 -1.15
C LEU B 30 -21.75 -30.82 -0.91
N ALA B 31 -22.27 -30.97 0.31
CA ALA B 31 -23.06 -32.16 0.63
C ALA B 31 -24.34 -32.22 -0.20
N GLN B 32 -24.95 -31.07 -0.47
CA GLN B 32 -26.15 -31.06 -1.29
C GLN B 32 -25.87 -31.46 -2.74
N CYS B 33 -24.61 -31.37 -3.17
CA CYS B 33 -24.20 -31.74 -4.52
C CYS B 33 -23.75 -33.19 -4.62
N GLY B 34 -23.91 -33.98 -3.56
CA GLY B 34 -23.52 -35.36 -3.57
C GLY B 34 -22.18 -35.66 -2.92
N ALA B 35 -21.47 -34.64 -2.45
CA ALA B 35 -20.19 -34.90 -1.79
C ALA B 35 -20.42 -35.58 -0.44
N ASP B 36 -19.53 -36.51 -0.11
CA ASP B 36 -19.53 -37.16 1.19
C ASP B 36 -18.77 -36.25 2.14
N VAL B 37 -19.50 -35.48 2.94
CA VAL B 37 -18.90 -34.53 3.86
C VAL B 37 -18.85 -35.20 5.23
N ILE B 38 -17.64 -35.47 5.70
CA ILE B 38 -17.42 -36.12 6.98
C ILE B 38 -16.91 -35.06 7.96
N ARG B 39 -17.79 -34.61 8.84
CA ARG B 39 -17.43 -33.61 9.82
C ARG B 39 -16.77 -34.25 11.04
N ILE B 40 -15.63 -33.70 11.44
CA ILE B 40 -14.90 -34.16 12.63
C ILE B 40 -15.22 -33.19 13.76
N GLU B 41 -15.91 -33.69 14.78
CA GLU B 41 -16.34 -32.90 15.93
C GLU B 41 -15.88 -33.62 17.18
N SER B 42 -15.32 -32.90 18.16
CA SER B 42 -15.01 -33.55 19.43
C SER B 42 -16.17 -33.36 20.40
N VAL B 43 -16.51 -34.41 21.13
CA VAL B 43 -17.55 -34.29 22.15
C VAL B 43 -17.11 -33.34 23.25
N LYS B 44 -15.80 -33.26 23.52
CA LYS B 44 -15.30 -32.39 24.58
C LYS B 44 -15.34 -30.92 24.17
N ARG B 45 -15.36 -30.63 22.87
CA ARG B 45 -15.35 -29.25 22.37
C ARG B 45 -16.33 -29.14 21.22
N PRO B 46 -17.61 -29.23 21.51
CA PRO B 46 -18.62 -29.16 20.45
C PRO B 46 -18.78 -27.75 19.89
N ASP B 47 -19.19 -27.71 18.63
CA ASP B 47 -19.55 -26.47 17.94
C ASP B 47 -20.41 -25.59 18.85
N THR B 48 -19.94 -24.35 19.07
CA THR B 48 -20.66 -23.45 19.96
C THR B 48 -22.11 -23.25 19.55
N LEU B 49 -22.41 -23.37 18.27
CA LEU B 49 -23.77 -23.12 17.80
C LEU B 49 -24.76 -24.16 18.30
N ARG B 50 -24.29 -25.36 18.67
CA ARG B 50 -25.17 -26.37 19.23
C ARG B 50 -25.81 -25.93 20.53
N ARG B 51 -25.24 -24.91 21.19
CA ARG B 51 -25.79 -24.37 22.43
C ARG B 51 -26.40 -22.98 22.22
N GLY B 52 -26.70 -22.62 20.98
CA GLY B 52 -27.20 -21.30 20.65
C GLY B 52 -28.64 -21.38 20.19
N GLU B 53 -29.48 -20.48 20.72
CA GLU B 53 -30.84 -20.35 20.23
C GLU B 53 -30.81 -19.97 18.76
N PRO B 54 -31.88 -20.27 18.02
CA PRO B 54 -33.14 -20.88 18.48
C PRO B 54 -33.09 -22.38 18.73
N PHE B 55 -33.85 -22.87 19.72
CA PHE B 55 -33.99 -24.29 20.00
C PHE B 55 -35.42 -24.74 19.71
N LYS B 56 -35.58 -26.01 19.34
CA LYS B 56 -36.92 -26.58 19.21
C LYS B 56 -37.74 -26.25 20.46
N ASP B 57 -38.85 -25.56 20.26
CA ASP B 57 -39.76 -25.17 21.34
C ASP B 57 -39.03 -24.39 22.44
N GLY B 58 -37.90 -23.77 22.12
CA GLY B 58 -37.19 -23.00 23.12
C GLY B 58 -36.57 -23.82 24.24
N ILE B 59 -36.42 -25.12 24.04
CA ILE B 59 -35.83 -26.02 25.04
C ILE B 59 -34.41 -26.34 24.59
N GLY B 60 -33.44 -25.78 25.30
CA GLY B 60 -32.04 -25.86 24.90
C GLY B 60 -31.26 -26.95 25.59
N THR B 61 -31.91 -28.09 25.86
CA THR B 61 -31.24 -29.21 26.52
C THR B 61 -30.38 -29.97 25.52
N GLY B 62 -29.20 -30.38 25.96
CA GLY B 62 -28.36 -31.18 25.09
C GLY B 62 -27.77 -30.36 23.96
N LEU B 63 -27.34 -31.09 22.93
CA LEU B 63 -26.57 -30.50 21.85
C LEU B 63 -27.18 -30.67 20.47
N ASP B 64 -28.39 -31.24 20.36
CA ASP B 64 -28.96 -31.55 19.06
C ASP B 64 -30.32 -30.88 18.85
N ARG B 65 -30.57 -29.78 19.55
CA ARG B 65 -31.86 -29.10 19.43
C ARG B 65 -31.77 -27.71 18.83
N SER B 66 -30.58 -27.23 18.48
CA SER B 66 -30.43 -25.86 18.00
C SER B 66 -30.63 -25.76 16.50
N GLY B 67 -31.54 -24.87 16.08
CA GLY B 67 -31.66 -24.53 14.67
C GLY B 67 -30.53 -23.67 14.14
N TYR B 68 -29.85 -22.93 15.02
CA TYR B 68 -28.66 -22.20 14.60
C TYR B 68 -27.62 -23.17 14.04
N PHE B 69 -27.30 -24.23 14.78
CA PHE B 69 -26.38 -25.24 14.29
C PHE B 69 -26.99 -26.06 13.16
N ALA B 70 -28.20 -26.57 13.38
CA ALA B 70 -28.74 -27.57 12.47
C ALA B 70 -28.74 -27.09 11.02
N ALA B 71 -29.19 -25.84 10.79
CA ALA B 71 -29.41 -25.37 9.43
C ALA B 71 -28.14 -25.34 8.60
N ARG B 72 -26.97 -25.39 9.24
CA ARG B 72 -25.69 -25.34 8.55
C ARG B 72 -25.10 -26.71 8.33
N ASN B 73 -25.84 -27.78 8.66
CA ASN B 73 -25.22 -29.09 8.73
C ASN B 73 -26.11 -30.22 8.23
N ALA B 74 -27.11 -29.94 7.41
CA ALA B 74 -27.85 -31.00 6.76
C ALA B 74 -26.90 -31.85 5.93
N ASN B 75 -27.25 -33.12 5.77
CA ASN B 75 -26.65 -34.06 4.83
C ASN B 75 -25.22 -34.42 5.16
N LYS B 76 -24.71 -34.08 6.33
CA LYS B 76 -23.33 -34.39 6.67
C LYS B 76 -23.27 -35.61 7.57
N ARG B 77 -22.16 -36.36 7.46
CA ARG B 77 -21.80 -37.38 8.42
C ARG B 77 -20.87 -36.78 9.47
N ASP B 78 -20.78 -37.45 10.62
CA ASP B 78 -20.13 -36.87 11.79
C ASP B 78 -19.40 -37.95 12.57
N ILE B 79 -18.08 -37.80 12.70
CA ILE B 79 -17.26 -38.65 13.55
C ILE B 79 -16.69 -37.79 14.67
N ALA B 80 -16.60 -38.39 15.87
CA ALA B 80 -16.19 -37.68 17.09
C ALA B 80 -14.75 -38.04 17.45
N LEU B 81 -13.88 -37.16 16.97
CA LEU B 81 -12.50 -37.33 17.34
C LEU B 81 -11.90 -36.38 18.29
N ASP B 82 -11.21 -36.95 19.26
CA ASP B 82 -10.40 -36.10 20.13
C ASP B 82 -9.02 -35.99 19.48
N MET B 83 -8.80 -34.94 18.70
CA MET B 83 -7.59 -34.82 17.89
C MET B 83 -6.32 -34.62 18.72
N ASN B 84 -6.43 -34.38 20.02
CA ASN B 84 -5.25 -34.24 20.85
C ASN B 84 -4.78 -35.59 21.38
N HIS B 85 -5.56 -36.65 21.19
CA HIS B 85 -5.11 -38.00 21.49
C HIS B 85 -4.21 -38.50 20.35
N PRO B 86 -3.04 -39.08 20.65
CA PRO B 86 -2.17 -39.54 19.55
C PRO B 86 -2.85 -40.50 18.59
N SER B 87 -3.71 -41.39 19.09
CA SER B 87 -4.29 -42.39 18.21
C SER B 87 -5.35 -41.78 17.32
N ALA B 88 -5.84 -40.59 17.67
CA ALA B 88 -6.84 -39.93 16.85
C ALA B 88 -6.19 -39.40 15.57
N ARG B 89 -4.95 -38.95 15.69
CA ARG B 89 -4.25 -38.44 14.52
C ARG B 89 -4.19 -39.48 13.41
N GLU B 90 -3.96 -40.74 13.77
CA GLU B 90 -3.83 -41.77 12.75
C GLU B 90 -5.14 -41.96 12.02
N VAL B 91 -6.27 -41.78 12.71
CA VAL B 91 -7.57 -41.88 12.07
C VAL B 91 -7.74 -40.76 11.04
N ALA B 92 -7.38 -39.53 11.43
CA ALA B 92 -7.49 -38.41 10.49
C ALA B 92 -6.62 -38.63 9.27
N VAL B 93 -5.43 -39.20 9.45
CA VAL B 93 -4.54 -39.45 8.32
C VAL B 93 -5.22 -40.40 7.35
N ARG B 94 -5.82 -41.47 7.87
CA ARG B 94 -6.55 -42.39 7.01
C ARG B 94 -7.66 -41.67 6.24
N LEU B 95 -8.39 -40.78 6.92
CA LEU B 95 -9.45 -40.03 6.26
C LEU B 95 -8.88 -39.07 5.24
N ILE B 96 -7.86 -38.31 5.63
CA ILE B 96 -7.21 -37.41 4.68
C ILE B 96 -6.73 -38.20 3.47
N ALA B 97 -6.26 -39.42 3.70
CA ALA B 97 -5.76 -40.26 2.61
C ALA B 97 -6.84 -40.59 1.58
N LYS B 98 -8.12 -40.56 1.98
CA LYS B 98 -9.24 -40.83 1.08
C LYS B 98 -10.02 -39.60 0.70
N SER B 99 -9.61 -38.40 1.14
CA SER B 99 -10.43 -37.21 1.00
C SER B 99 -9.94 -36.35 -0.16
N ASP B 100 -10.89 -35.77 -0.90
CA ASP B 100 -10.52 -34.83 -1.94
C ASP B 100 -10.27 -33.44 -1.39
N ILE B 101 -10.95 -33.09 -0.30
CA ILE B 101 -10.92 -31.75 0.27
C ILE B 101 -10.67 -31.88 1.77
N VAL B 102 -9.72 -31.12 2.28
CA VAL B 102 -9.48 -30.99 3.70
C VAL B 102 -9.67 -29.53 4.06
N ILE B 103 -10.55 -29.25 5.02
CA ILE B 103 -10.91 -27.89 5.37
C ILE B 103 -10.98 -27.76 6.88
N ASN B 104 -10.52 -26.62 7.38
CA ASN B 104 -10.56 -26.30 8.80
C ASN B 104 -10.58 -24.80 8.91
N ASN B 105 -11.26 -24.30 9.95
CA ASN B 105 -11.23 -22.88 10.24
C ASN B 105 -10.88 -22.66 11.70
N PHE B 106 -9.87 -23.39 12.17
CA PHE B 106 -9.23 -23.07 13.43
C PHE B 106 -8.40 -21.81 13.26
N ARG B 107 -8.06 -21.19 14.39
CA ARG B 107 -7.08 -20.13 14.40
C ARG B 107 -5.71 -20.67 13.96
N VAL B 108 -4.84 -19.75 13.57
CA VAL B 108 -3.58 -20.14 12.94
C VAL B 108 -2.80 -21.10 13.84
N GLY B 109 -2.14 -22.06 13.22
CA GLY B 109 -1.21 -22.94 13.90
C GLY B 109 -1.81 -24.22 14.42
N GLN B 110 -3.14 -24.30 14.49
CA GLN B 110 -3.77 -25.43 15.16
C GLN B 110 -3.50 -26.73 14.41
N MET B 111 -3.66 -26.71 13.08
CA MET B 111 -3.37 -27.91 12.31
C MET B 111 -1.90 -28.30 12.45
N GLU B 112 -1.01 -27.30 12.52
CA GLU B 112 0.41 -27.60 12.68
C GLU B 112 0.71 -28.24 14.04
N LYS B 113 -0.08 -27.93 15.07
CA LYS B 113 0.13 -28.62 16.35
C LYS B 113 -0.03 -30.12 16.18
N TRP B 114 -0.94 -30.55 15.29
CA TRP B 114 -1.19 -31.96 15.04
C TRP B 114 -0.39 -32.51 13.87
N LYS B 115 0.60 -31.77 13.39
CA LYS B 115 1.42 -32.25 12.27
C LYS B 115 0.57 -32.68 11.08
N LEU B 116 -0.47 -31.88 10.81
CA LEU B 116 -1.37 -32.04 9.68
C LEU B 116 -1.45 -30.76 8.87
N GLY B 117 -0.33 -30.05 8.73
CA GLY B 117 -0.25 -28.94 7.82
C GLY B 117 -0.21 -29.40 6.38
N TRP B 118 -0.18 -28.43 5.47
CA TRP B 118 -0.17 -28.75 4.05
C TRP B 118 1.05 -29.60 3.67
N ASP B 119 2.21 -29.29 4.27
CA ASP B 119 3.40 -30.10 4.02
C ASP B 119 3.10 -31.58 4.27
N GLU B 120 2.39 -31.86 5.35
CA GLU B 120 2.06 -33.22 5.79
C GLU B 120 0.92 -33.81 4.98
N VAL B 121 -0.08 -32.98 4.69
CA VAL B 121 -1.24 -33.43 3.93
C VAL B 121 -0.87 -33.75 2.49
N GLN B 122 0.00 -32.93 1.88
CA GLN B 122 0.43 -33.20 0.52
C GLN B 122 1.15 -34.53 0.39
N LYS B 123 1.87 -34.93 1.44
CA LYS B 123 2.53 -36.23 1.43
C LYS B 123 1.55 -37.38 1.68
N ILE B 124 0.49 -37.14 2.46
CA ILE B 124 -0.53 -38.16 2.68
C ILE B 124 -1.35 -38.37 1.40
N ASN B 125 -1.65 -37.29 0.69
CA ASN B 125 -2.53 -37.34 -0.47
C ASN B 125 -2.22 -36.17 -1.39
N PRO B 126 -1.38 -36.36 -2.42
CA PRO B 126 -1.10 -35.24 -3.34
C PRO B 126 -2.32 -34.75 -4.11
N ARG B 127 -3.44 -35.48 -4.07
CA ARG B 127 -4.67 -35.02 -4.70
C ARG B 127 -5.54 -34.17 -3.78
N ALA B 128 -5.17 -34.02 -2.51
CA ALA B 128 -6.01 -33.29 -1.57
C ALA B 128 -5.95 -31.79 -1.82
N ILE B 129 -7.11 -31.14 -1.68
CA ILE B 129 -7.22 -29.68 -1.73
C ILE B 129 -7.36 -29.19 -0.29
N TYR B 130 -6.39 -28.39 0.14
CA TYR B 130 -6.22 -28.02 1.54
C TYR B 130 -6.71 -26.59 1.73
N VAL B 131 -7.84 -26.43 2.44
CA VAL B 131 -8.55 -25.17 2.52
C VAL B 131 -8.39 -24.59 3.92
N THR B 132 -7.98 -23.33 4.00
CA THR B 132 -7.89 -22.61 5.26
C THR B 132 -8.49 -21.22 5.12
N MET B 133 -8.81 -20.61 6.26
CA MET B 133 -9.26 -19.23 6.26
C MET B 133 -8.83 -18.56 7.54
N SER B 134 -8.72 -17.23 7.47
CA SER B 134 -8.35 -16.41 8.60
C SER B 134 -9.18 -15.13 8.54
N MET B 135 -9.22 -14.40 9.65
CA MET B 135 -9.95 -13.13 9.68
C MET B 135 -9.43 -12.18 8.60
N GLN B 136 -8.10 -12.03 8.50
CA GLN B 136 -7.54 -11.06 7.55
C GLN B 136 -6.13 -11.43 7.12
N GLY B 137 -5.80 -12.70 7.12
CA GLY B 137 -4.48 -13.12 6.68
C GLY B 137 -3.68 -13.66 7.84
N THR B 138 -2.78 -14.62 7.54
CA THR B 138 -1.98 -15.26 8.58
C THR B 138 -0.77 -14.43 9.03
N ASP B 139 -0.27 -13.52 8.22
CA ASP B 139 0.83 -12.65 8.64
C ASP B 139 0.43 -11.19 8.46
N GLY B 140 1.13 -10.31 9.14
CA GLY B 140 0.84 -8.89 9.06
C GLY B 140 0.52 -8.33 10.43
N PRO B 141 0.45 -7.00 10.54
CA PRO B 141 0.30 -6.36 11.86
C PRO B 141 -0.98 -6.73 12.59
N HIS B 142 -2.05 -7.09 11.88
CA HIS B 142 -3.35 -7.40 12.49
C HIS B 142 -3.69 -8.87 12.36
N SER B 143 -2.69 -9.71 12.04
CA SER B 143 -2.98 -11.09 11.71
C SER B 143 -3.42 -11.90 12.91
N ARG B 144 -3.15 -11.44 14.13
CA ARG B 144 -3.56 -12.14 15.34
C ARG B 144 -4.84 -11.56 15.91
N TYR B 145 -5.45 -10.59 15.25
CA TYR B 145 -6.67 -9.98 15.75
C TYR B 145 -7.83 -10.96 15.69
N MET B 146 -8.87 -10.66 16.45
CA MET B 146 -10.02 -11.55 16.52
C MET B 146 -11.28 -10.79 16.10
N GLY B 147 -12.25 -11.53 15.59
CA GLY B 147 -13.51 -10.92 15.24
C GLY B 147 -14.51 -11.92 14.72
N TYR B 148 -15.78 -11.50 14.78
CA TYR B 148 -16.93 -12.26 14.29
C TYR B 148 -17.49 -11.57 13.07
N GLY B 149 -18.54 -12.17 12.50
CA GLY B 149 -19.12 -11.60 11.30
C GLY B 149 -19.43 -10.12 11.45
N VAL B 150 -20.03 -9.74 12.58
CA VAL B 150 -20.37 -8.34 12.79
C VAL B 150 -19.12 -7.47 12.82
N ASN B 151 -18.00 -8.02 13.30
CA ASN B 151 -16.75 -7.26 13.30
C ASN B 151 -16.24 -7.06 11.88
N LEU B 152 -16.40 -8.10 11.04
CA LEU B 152 -15.95 -8.00 9.66
C LEU B 152 -16.84 -7.09 8.84
N ASN B 153 -18.17 -7.11 9.11
CA ASN B 153 -19.05 -6.14 8.49
C ASN B 153 -18.54 -4.73 8.72
N ALA B 154 -18.08 -4.44 9.94
CA ALA B 154 -17.59 -3.12 10.27
C ALA B 154 -16.22 -2.86 9.64
N LEU B 155 -15.31 -3.83 9.76
CA LEU B 155 -13.95 -3.63 9.26
C LEU B 155 -13.88 -3.53 7.75
N CYS B 156 -14.76 -4.23 7.03
CA CYS B 156 -14.70 -4.26 5.58
C CYS B 156 -15.33 -3.04 4.94
N GLY B 157 -15.94 -2.15 5.73
CA GLY B 157 -16.55 -0.95 5.22
C GLY B 157 -18.05 -1.02 5.02
N LEU B 158 -18.65 -2.19 5.18
CA LEU B 158 -20.07 -2.33 4.90
C LEU B 158 -20.91 -1.55 5.91
N THR B 159 -20.62 -1.70 7.21
CA THR B 159 -21.50 -1.14 8.24
C THR B 159 -21.57 0.37 8.15
N ALA B 160 -20.45 1.02 7.85
CA ALA B 160 -20.44 2.47 7.74
C ALA B 160 -21.45 2.96 6.69
N ARG B 161 -21.67 2.16 5.64
CA ARG B 161 -22.57 2.55 4.57
C ARG B 161 -23.92 1.88 4.69
N ALA B 162 -24.25 1.33 5.86
CA ALA B 162 -25.55 0.67 6.08
C ALA B 162 -26.21 1.40 7.24
N GLY B 163 -26.91 2.49 6.92
CA GLY B 163 -27.58 3.26 7.94
C GLY B 163 -28.19 4.50 7.34
N PHE B 164 -28.89 5.24 8.19
CA PHE B 164 -29.48 6.51 7.79
C PHE B 164 -28.45 7.62 7.89
N ALA B 165 -28.46 8.51 6.90
CA ALA B 165 -27.56 9.66 6.92
C ALA B 165 -27.78 10.44 8.20
N GLY B 166 -26.68 10.75 8.90
CA GLY B 166 -26.76 11.53 10.11
C GLY B 166 -27.14 10.76 11.36
N ALA B 167 -27.28 9.45 11.29
CA ALA B 167 -27.64 8.61 12.42
C ALA B 167 -26.54 7.60 12.66
N PRO B 168 -26.52 6.95 13.82
CA PRO B 168 -25.60 5.82 14.03
C PRO B 168 -25.80 4.76 12.95
N PRO B 169 -24.72 4.22 12.39
CA PRO B 169 -24.88 3.15 11.40
C PRO B 169 -25.43 1.91 12.07
N PHE B 170 -26.02 1.04 11.27
CA PHE B 170 -26.65 -0.17 11.81
C PHE B 170 -26.02 -1.46 11.30
N GLY B 171 -25.52 -1.49 10.08
CA GLY B 171 -25.11 -2.74 9.49
C GLY B 171 -26.31 -3.52 8.99
N THR B 172 -26.13 -4.83 8.89
CA THR B 172 -27.17 -5.72 8.38
C THR B 172 -28.04 -6.30 9.49
N GLY B 173 -27.64 -6.16 10.74
CA GLY B 173 -28.30 -6.86 11.82
C GLY B 173 -27.88 -8.29 12.00
N THR B 174 -26.87 -8.74 11.27
CA THR B 174 -26.46 -10.14 11.29
C THR B 174 -24.94 -10.21 11.17
N ASN B 175 -24.41 -11.42 11.32
CA ASN B 175 -22.99 -11.68 11.06
C ASN B 175 -22.73 -11.96 9.57
N TYR B 176 -23.20 -11.03 8.74
CA TYR B 176 -23.37 -11.27 7.30
C TYR B 176 -22.12 -11.79 6.60
N THR B 177 -20.95 -11.24 6.90
N THR B 177 -20.96 -11.24 6.90
CA THR B 177 -19.70 -11.63 6.18
CA THR B 177 -19.70 -11.63 6.21
C THR B 177 -19.56 -13.11 6.15
C THR B 177 -19.55 -13.10 6.14
N ASP B 178 -19.88 -13.82 7.32
CA ASP B 178 -19.72 -15.26 7.34
C ASP B 178 -20.75 -16.07 6.53
N HIS B 179 -21.89 -15.49 6.16
CA HIS B 179 -22.99 -16.28 5.62
C HIS B 179 -22.93 -16.48 4.12
N VAL B 180 -22.42 -15.51 3.37
CA VAL B 180 -22.41 -15.62 1.91
C VAL B 180 -21.03 -15.26 1.37
N MET B 181 -20.54 -14.07 1.72
CA MET B 181 -19.28 -13.60 1.15
C MET B 181 -18.17 -14.63 1.33
N VAL B 182 -18.00 -15.13 2.55
CA VAL B 182 -16.87 -16.03 2.82
C VAL B 182 -17.19 -17.41 2.24
N PRO B 183 -18.34 -18.00 2.52
CA PRO B 183 -18.61 -19.35 1.99
C PRO B 183 -18.61 -19.45 0.47
N THR B 184 -19.13 -18.43 -0.24
CA THR B 184 -19.14 -18.51 -1.70
C THR B 184 -17.73 -18.44 -2.27
N HIS B 185 -16.90 -17.52 -1.76
CA HIS B 185 -15.53 -17.47 -2.24
C HIS B 185 -14.78 -18.74 -1.87
N THR B 186 -15.05 -19.29 -0.69
CA THR B 186 -14.44 -20.56 -0.29
C THR B 186 -14.82 -21.66 -1.28
N LEU B 187 -16.10 -21.75 -1.60
CA LEU B 187 -16.59 -22.77 -2.51
C LEU B 187 -16.04 -22.58 -3.92
N PHE B 188 -15.99 -21.33 -4.39
CA PHE B 188 -15.44 -21.11 -5.73
C PHE B 188 -13.97 -21.51 -5.78
N GLY B 189 -13.21 -21.17 -4.74
CA GLY B 189 -11.82 -21.57 -4.69
C GLY B 189 -11.65 -23.08 -4.67
N ILE B 190 -12.48 -23.78 -3.89
CA ILE B 190 -12.46 -25.24 -3.92
C ILE B 190 -12.74 -25.74 -5.34
N MET B 191 -13.80 -25.23 -5.96
CA MET B 191 -14.17 -25.71 -7.29
C MET B 191 -13.09 -25.36 -8.32
N ALA B 192 -12.48 -24.19 -8.20
CA ALA B 192 -11.38 -23.85 -9.09
C ALA B 192 -10.25 -24.87 -8.95
N ALA B 193 -9.91 -25.22 -7.70
CA ALA B 193 -8.85 -26.20 -7.48
C ALA B 193 -9.22 -27.57 -7.99
N LEU B 194 -10.50 -27.94 -7.88
CA LEU B 194 -10.93 -29.23 -8.42
C LEU B 194 -10.85 -29.23 -9.94
N LEU B 195 -11.27 -28.13 -10.58
CA LEU B 195 -11.16 -28.04 -12.04
C LEU B 195 -9.70 -28.16 -12.47
N GLU B 196 -8.80 -27.47 -11.76
CA GLU B 196 -7.37 -27.59 -12.08
C GLU B 196 -6.87 -29.01 -11.88
N ARG B 197 -7.28 -29.66 -10.79
CA ARG B 197 -6.80 -31.01 -10.53
C ARG B 197 -7.17 -31.97 -11.65
N GLU B 198 -8.28 -31.71 -12.35
CA GLU B 198 -8.70 -32.58 -13.44
C GLU B 198 -7.63 -32.67 -14.53
N VAL B 199 -6.84 -31.62 -14.70
CA VAL B 199 -5.81 -31.60 -15.73
C VAL B 199 -4.42 -31.86 -15.15
N THR B 200 -4.13 -31.33 -13.97
CA THR B 200 -2.79 -31.50 -13.39
C THR B 200 -2.65 -32.76 -12.57
N GLY B 201 -3.76 -33.33 -12.11
CA GLY B 201 -3.69 -34.46 -11.20
C GLY B 201 -3.20 -34.14 -9.81
N ARG B 202 -3.05 -32.87 -9.47
CA ARG B 202 -2.59 -32.46 -8.15
C ARG B 202 -3.61 -31.56 -7.47
N GLY B 203 -3.75 -31.73 -6.17
CA GLY B 203 -4.41 -30.74 -5.34
C GLY B 203 -3.50 -29.56 -5.08
N GLN B 204 -4.04 -28.58 -4.36
CA GLN B 204 -3.29 -27.39 -4.00
C GLN B 204 -3.96 -26.74 -2.81
N THR B 205 -3.30 -25.74 -2.24
CA THR B 205 -3.86 -25.01 -1.11
C THR B 205 -4.82 -23.94 -1.61
N VAL B 206 -5.90 -23.72 -0.85
CA VAL B 206 -6.84 -22.62 -1.06
C VAL B 206 -6.95 -21.88 0.27
N SER B 207 -6.63 -20.60 0.27
CA SER B 207 -6.57 -19.81 1.50
CA SER B 207 -6.58 -19.81 1.50
C SER B 207 -7.39 -18.53 1.31
N LEU B 208 -8.16 -18.18 2.33
CA LEU B 208 -8.99 -16.98 2.22
C LEU B 208 -8.78 -16.05 3.40
N SER B 209 -8.66 -14.76 3.09
CA SER B 209 -8.82 -13.70 4.08
C SER B 209 -10.28 -13.29 4.05
N GLN B 210 -10.96 -13.43 5.20
CA GLN B 210 -12.38 -13.10 5.25
C GLN B 210 -12.60 -11.62 4.97
N LEU B 211 -11.74 -10.77 5.51
CA LEU B 211 -11.82 -9.34 5.24
C LEU B 211 -11.73 -9.05 3.75
N GLU B 212 -10.78 -9.67 3.06
CA GLU B 212 -10.61 -9.36 1.65
C GLU B 212 -11.74 -9.94 0.80
N SER B 213 -12.30 -11.07 1.22
CA SER B 213 -13.49 -11.58 0.53
C SER B 213 -14.64 -10.60 0.68
N ALA B 214 -14.77 -9.99 1.86
CA ALA B 214 -15.89 -9.08 2.09
C ALA B 214 -15.72 -7.79 1.32
N ILE B 215 -14.51 -7.23 1.32
CA ILE B 215 -14.31 -5.99 0.59
C ILE B 215 -14.58 -6.21 -0.90
N SER B 216 -14.25 -7.39 -1.41
CA SER B 216 -14.42 -7.65 -2.83
C SER B 216 -15.87 -7.54 -3.28
N MET B 217 -16.82 -7.68 -2.36
CA MET B 217 -18.24 -7.53 -2.66
C MET B 217 -18.81 -6.19 -2.17
N THR B 218 -17.97 -5.31 -1.64
CA THR B 218 -18.39 -3.95 -1.25
C THR B 218 -17.38 -2.94 -1.77
N PRO B 219 -17.23 -2.83 -3.10
CA PRO B 219 -16.12 -2.03 -3.64
C PRO B 219 -16.33 -0.53 -3.62
N SER B 220 -17.56 -0.03 -3.49
CA SER B 220 -17.79 1.39 -3.75
C SER B 220 -17.09 2.26 -2.71
N ALA B 221 -17.16 1.90 -1.43
CA ALA B 221 -16.56 2.74 -0.40
C ALA B 221 -15.07 2.95 -0.63
N PRO B 222 -14.25 1.92 -0.80
CA PRO B 222 -12.82 2.17 -1.06
C PRO B 222 -12.55 2.77 -2.42
N MET B 223 -13.28 2.36 -3.45
CA MET B 223 -12.98 2.86 -4.79
C MET B 223 -13.30 4.34 -4.88
N ALA B 224 -14.44 4.75 -4.32
CA ALA B 224 -14.83 6.16 -4.39
C ALA B 224 -13.85 7.03 -3.62
N PHE B 225 -13.36 6.55 -2.47
CA PHE B 225 -12.39 7.37 -1.76
C PHE B 225 -11.06 7.39 -2.50
N ALA B 226 -10.61 6.25 -3.01
CA ALA B 226 -9.33 6.20 -3.71
C ALA B 226 -9.35 7.08 -4.95
N ALA B 227 -10.48 7.14 -5.64
CA ALA B 227 -10.54 7.90 -6.88
C ALA B 227 -10.76 9.38 -6.62
N ASN B 228 -11.65 9.71 -5.68
CA ASN B 228 -12.12 11.07 -5.52
C ASN B 228 -11.77 11.72 -4.19
N GLY B 229 -11.17 10.99 -3.25
CA GLY B 229 -10.85 11.63 -1.98
C GLY B 229 -12.07 11.92 -1.15
N GLU B 230 -13.20 11.36 -1.53
CA GLU B 230 -14.48 11.54 -0.86
C GLU B 230 -14.80 10.26 -0.10
N VAL B 231 -15.24 10.39 1.14
CA VAL B 231 -15.84 9.26 1.84
C VAL B 231 -17.30 9.17 1.41
N LEU B 232 -17.69 8.03 0.87
CA LEU B 232 -19.05 7.84 0.40
C LEU B 232 -19.93 7.45 1.58
N GLY B 233 -20.92 8.27 1.86
CA GLY B 233 -21.74 8.10 3.05
C GLY B 233 -22.86 7.10 2.86
N PRO B 234 -23.52 6.77 3.97
CA PRO B 234 -24.71 5.90 3.89
C PRO B 234 -25.90 6.66 3.31
N GLN B 235 -26.88 5.89 2.81
CA GLN B 235 -28.04 6.54 2.20
C GLN B 235 -29.35 5.91 2.63
N GLY B 236 -29.42 5.32 3.82
CA GLY B 236 -30.69 4.87 4.36
C GLY B 236 -31.29 3.76 3.52
N TYR B 237 -32.53 3.97 3.05
CA TYR B 237 -33.14 3.10 2.06
C TYR B 237 -33.32 3.80 0.73
N GLY B 238 -32.64 4.94 0.54
CA GLY B 238 -32.65 5.62 -0.73
C GLY B 238 -31.68 4.98 -1.72
N ASP B 239 -31.60 5.62 -2.89
CA ASP B 239 -30.72 5.15 -3.94
C ASP B 239 -30.12 6.37 -4.64
N ALA B 240 -28.96 6.17 -5.26
CA ALA B 240 -28.28 7.27 -5.93
C ALA B 240 -28.90 7.62 -7.27
N GLU B 241 -29.58 6.69 -7.92
CA GLU B 241 -30.18 6.92 -9.24
C GLU B 241 -31.69 6.80 -9.23
N ALA B 242 -32.24 5.73 -8.64
CA ALA B 242 -33.68 5.50 -8.65
C ALA B 242 -34.39 6.60 -7.86
N ALA B 243 -35.61 6.91 -8.28
CA ALA B 243 -36.42 7.93 -7.61
C ALA B 243 -37.85 7.87 -8.13
N PRO B 244 -38.85 7.68 -7.25
CA PRO B 244 -38.76 7.40 -5.80
C PRO B 244 -38.07 6.07 -5.57
N HIS B 245 -37.49 5.89 -4.38
CA HIS B 245 -36.84 4.63 -4.01
C HIS B 245 -36.81 4.57 -2.49
N GLY B 246 -37.60 3.69 -1.90
CA GLY B 246 -37.61 3.66 -0.45
C GLY B 246 -38.56 2.64 0.13
N VAL B 247 -38.73 2.76 1.45
CA VAL B 247 -39.52 1.86 2.27
C VAL B 247 -40.65 2.69 2.85
N TYR B 248 -41.89 2.25 2.63
CA TYR B 248 -43.07 3.05 2.90
C TYR B 248 -44.08 2.24 3.69
N THR B 249 -44.70 2.88 4.68
CA THR B 249 -45.65 2.19 5.53
C THR B 249 -46.90 1.78 4.76
N THR B 250 -47.42 0.59 5.08
CA THR B 250 -48.72 0.10 4.64
C THR B 250 -49.50 -0.35 5.87
N LEU B 251 -50.71 -0.86 5.66
CA LEU B 251 -51.61 -1.15 6.78
C LEU B 251 -51.17 -2.41 7.51
N GLY B 252 -51.07 -2.32 8.84
CA GLY B 252 -50.75 -3.45 9.68
C GLY B 252 -49.58 -3.16 10.57
N TYR B 253 -49.28 -4.14 11.43
CA TYR B 253 -48.21 -4.02 12.41
C TYR B 253 -46.85 -4.10 11.74
N ARG B 254 -46.04 -3.05 11.91
CA ARG B 254 -44.69 -2.98 11.36
C ARG B 254 -44.68 -3.42 9.90
N LYS B 255 -45.59 -2.85 9.12
CA LYS B 255 -45.79 -3.20 7.73
C LYS B 255 -45.18 -2.14 6.83
N TRP B 256 -44.29 -2.54 5.94
CA TRP B 256 -43.69 -1.64 4.97
C TRP B 256 -43.68 -2.30 3.61
N ILE B 257 -43.66 -1.47 2.57
CA ILE B 257 -43.46 -1.92 1.21
C ILE B 257 -42.28 -1.17 0.63
N ALA B 258 -41.40 -1.90 -0.06
CA ALA B 258 -40.31 -1.31 -0.80
C ALA B 258 -40.77 -1.01 -2.22
N ILE B 259 -40.51 0.20 -2.69
CA ILE B 259 -40.86 0.62 -4.05
C ILE B 259 -39.63 1.31 -4.64
N ALA B 260 -39.29 0.96 -5.88
CA ALA B 260 -38.10 1.49 -6.54
C ALA B 260 -38.41 1.77 -8.00
N VAL B 261 -38.22 3.02 -8.40
CA VAL B 261 -38.59 3.52 -9.72
C VAL B 261 -37.32 4.00 -10.41
N PHE B 262 -37.07 3.48 -11.60
CA PHE B 262 -35.79 3.71 -12.27
C PHE B 262 -35.90 4.52 -13.56
N ASP B 263 -37.10 4.80 -14.04
CA ASP B 263 -37.22 5.63 -15.24
C ASP B 263 -38.61 6.25 -15.29
N ASP B 264 -38.82 7.12 -16.29
CA ASP B 264 -40.08 7.85 -16.38
C ASP B 264 -41.27 6.93 -16.66
N ALA B 265 -41.04 5.82 -17.37
CA ALA B 265 -42.13 4.87 -17.60
C ALA B 265 -42.57 4.22 -16.29
N GLN B 266 -41.63 3.84 -15.43
CA GLN B 266 -42.02 3.27 -14.14
C GLN B 266 -42.68 4.31 -13.25
N TRP B 267 -42.24 5.58 -13.33
CA TRP B 267 -42.90 6.65 -12.60
C TRP B 267 -44.33 6.85 -13.10
N ALA B 268 -44.52 6.84 -14.42
CA ALA B 268 -45.88 6.93 -14.96
C ALA B 268 -46.74 5.77 -14.47
N ALA B 269 -46.13 4.58 -14.35
CA ALA B 269 -46.86 3.42 -13.87
C ALA B 269 -47.23 3.56 -12.40
N LEU B 270 -46.32 4.09 -11.58
CA LEU B 270 -46.67 4.31 -10.17
C LEU B 270 -47.77 5.34 -10.04
N ARG B 271 -47.67 6.45 -10.78
CA ARG B 271 -48.74 7.44 -10.79
C ARG B 271 -50.06 6.79 -11.18
N ARG B 272 -50.04 5.88 -12.15
CA ARG B 272 -51.25 5.20 -12.57
C ARG B 272 -51.85 4.37 -11.45
N VAL B 273 -51.01 3.60 -10.76
CA VAL B 273 -51.49 2.77 -9.65
C VAL B 273 -51.99 3.63 -8.51
N MET B 274 -51.40 4.81 -8.31
CA MET B 274 -51.88 5.72 -7.27
C MET B 274 -53.16 6.43 -7.67
N GLY B 275 -53.66 6.22 -8.88
CA GLY B 275 -54.84 6.91 -9.35
C GLY B 275 -54.60 8.26 -9.97
N ASN B 276 -53.37 8.52 -10.43
CA ASN B 276 -53.02 9.80 -11.05
C ASN B 276 -53.42 10.99 -10.19
N PRO B 277 -52.92 11.08 -8.95
CA PRO B 277 -53.20 12.27 -8.13
C PRO B 277 -52.53 13.50 -8.69
N PRO B 278 -53.22 14.64 -8.73
CA PRO B 278 -52.60 15.85 -9.30
C PRO B 278 -51.22 16.17 -8.74
N TRP B 279 -50.97 15.93 -7.45
CA TRP B 279 -49.68 16.33 -6.89
C TRP B 279 -48.53 15.70 -7.65
N ALA B 280 -48.70 14.45 -8.09
CA ALA B 280 -47.63 13.73 -8.78
C ALA B 280 -47.44 14.18 -10.22
N GLU B 281 -48.38 14.96 -10.78
CA GLU B 281 -48.22 15.47 -12.13
C GLU B 281 -47.29 16.67 -12.19
N ASP B 282 -46.88 17.20 -11.05
CA ASP B 282 -46.01 18.37 -11.03
C ASP B 282 -44.71 18.05 -11.76
N ASP B 283 -44.18 19.04 -12.46
CA ASP B 283 -42.90 18.91 -13.17
C ASP B 283 -41.74 18.82 -12.22
N GLY B 284 -41.92 19.20 -10.95
CA GLY B 284 -40.92 18.91 -9.95
C GLY B 284 -40.69 17.43 -9.74
N PHE B 285 -41.54 16.58 -10.34
CA PHE B 285 -41.36 15.13 -10.31
C PHE B 285 -41.32 14.51 -11.70
N ALA B 286 -41.26 15.33 -12.76
CA ALA B 286 -41.45 14.80 -14.10
C ALA B 286 -40.22 14.05 -14.61
N SER B 287 -39.03 14.36 -14.09
CA SER B 287 -37.80 13.73 -14.54
C SER B 287 -37.12 13.04 -13.37
N ALA B 288 -36.26 12.07 -13.71
CA ALA B 288 -35.51 11.37 -12.68
C ALA B 288 -34.72 12.35 -11.83
N GLU B 289 -34.08 13.34 -12.46
CA GLU B 289 -33.27 14.28 -11.68
C GLU B 289 -34.14 15.16 -10.79
N MET B 290 -35.34 15.56 -11.27
CA MET B 290 -36.21 16.35 -10.40
C MET B 290 -36.76 15.50 -9.26
N ARG B 291 -37.09 14.23 -9.52
CA ARG B 291 -37.56 13.36 -8.44
C ARG B 291 -36.48 13.14 -7.39
N ARG B 292 -35.21 13.09 -7.80
CA ARG B 292 -34.12 13.03 -6.83
C ARG B 292 -34.02 14.32 -6.05
N ARG B 293 -34.07 15.47 -6.73
CA ARG B 293 -33.95 16.73 -6.02
C ARG B 293 -35.07 16.89 -5.00
N ASN B 294 -36.27 16.44 -5.35
CA ASN B 294 -37.44 16.59 -4.49
C ASN B 294 -37.77 15.30 -3.75
N ALA B 295 -36.76 14.49 -3.44
CA ALA B 295 -37.03 13.16 -2.89
C ALA B 295 -37.75 13.23 -1.55
N ALA B 296 -37.40 14.20 -0.71
CA ALA B 296 -38.00 14.30 0.62
C ALA B 296 -39.51 14.50 0.50
N GLU B 297 -39.94 15.48 -0.28
CA GLU B 297 -41.37 15.68 -0.47
C GLU B 297 -42.00 14.44 -1.12
N LEU B 298 -41.34 13.89 -2.13
CA LEU B 298 -41.91 12.75 -2.85
C LEU B 298 -42.14 11.57 -1.92
N ASP B 299 -41.16 11.26 -1.07
CA ASP B 299 -41.32 10.16 -0.13
C ASP B 299 -42.48 10.41 0.83
N GLU B 300 -42.60 11.65 1.32
CA GLU B 300 -43.71 11.96 2.22
C GLU B 300 -45.06 11.77 1.53
N ARG B 301 -45.17 12.22 0.29
CA ARG B 301 -46.42 12.08 -0.43
C ARG B 301 -46.72 10.62 -0.75
N ILE B 302 -45.70 9.85 -1.10
CA ILE B 302 -45.94 8.44 -1.39
C ILE B 302 -46.41 7.72 -0.14
N GLU B 303 -45.74 7.95 0.99
CA GLU B 303 -46.08 7.24 2.21
C GLU B 303 -47.47 7.61 2.71
N ALA B 304 -47.85 8.88 2.57
CA ALA B 304 -49.21 9.29 2.95
C ALA B 304 -50.25 8.43 2.24
N TRP B 305 -49.96 8.03 1.00
CA TRP B 305 -50.87 7.20 0.23
C TRP B 305 -50.70 5.71 0.57
N THR B 306 -49.45 5.22 0.59
CA THR B 306 -49.25 3.79 0.86
C THR B 306 -49.82 3.38 2.22
N ALA B 307 -49.80 4.27 3.20
CA ALA B 307 -50.29 3.97 4.54
C ALA B 307 -51.79 3.68 4.58
N THR B 308 -52.51 4.01 3.51
CA THR B 308 -53.93 3.69 3.40
C THR B 308 -54.17 2.39 2.64
N GLN B 309 -53.11 1.66 2.27
CA GLN B 309 -53.22 0.50 1.40
C GLN B 309 -52.74 -0.76 2.08
N TYR B 310 -53.28 -1.89 1.61
CA TYR B 310 -52.73 -3.20 1.93
C TYR B 310 -51.49 -3.45 1.07
N GLY B 311 -50.39 -3.84 1.71
CA GLY B 311 -49.12 -3.97 1.00
C GLY B 311 -49.08 -5.10 0.00
N ASP B 312 -49.74 -6.23 0.32
CA ASP B 312 -49.69 -7.33 -0.64
C ASP B 312 -50.48 -6.96 -1.89
N TRP B 313 -51.66 -6.36 -1.72
CA TRP B 313 -52.42 -5.91 -2.88
C TRP B 313 -51.67 -4.83 -3.66
N LEU B 314 -51.05 -3.88 -2.96
CA LEU B 314 -50.32 -2.83 -3.66
C LEU B 314 -49.12 -3.40 -4.40
N MET B 315 -48.35 -4.29 -3.75
CA MET B 315 -47.23 -4.93 -4.39
C MET B 315 -47.67 -5.65 -5.66
N ALA B 316 -48.75 -6.41 -5.59
CA ALA B 316 -49.24 -7.11 -6.78
C ALA B 316 -49.54 -6.14 -7.91
N GLU B 317 -50.23 -5.04 -7.58
CA GLU B 317 -50.61 -4.10 -8.63
CA GLU B 317 -50.62 -4.08 -8.62
C GLU B 317 -49.38 -3.43 -9.24
N LEU B 318 -48.39 -3.08 -8.41
CA LEU B 318 -47.19 -2.42 -8.92
C LEU B 318 -46.40 -3.37 -9.81
N LEU B 319 -46.18 -4.60 -9.36
CA LEU B 319 -45.45 -5.56 -10.20
C LEU B 319 -46.16 -5.80 -11.53
N LYS B 320 -47.48 -5.91 -11.50
CA LYS B 320 -48.26 -6.06 -12.72
C LYS B 320 -48.22 -4.84 -13.61
N ALA B 321 -47.80 -3.69 -13.08
CA ALA B 321 -47.55 -2.49 -13.87
C ALA B 321 -46.07 -2.32 -14.21
N GLY B 322 -45.24 -3.30 -13.90
CA GLY B 322 -43.84 -3.21 -14.27
C GLY B 322 -42.98 -2.38 -13.35
N VAL B 323 -43.44 -2.14 -12.13
CA VAL B 323 -42.74 -1.33 -11.15
C VAL B 323 -42.11 -2.25 -10.11
N PRO B 324 -40.79 -2.21 -9.91
CA PRO B 324 -40.20 -3.01 -8.82
C PRO B 324 -40.84 -2.67 -7.48
N ALA B 325 -41.41 -3.69 -6.85
CA ALA B 325 -42.06 -3.51 -5.55
C ALA B 325 -41.97 -4.82 -4.78
N GLY B 326 -41.90 -4.69 -3.46
CA GLY B 326 -41.87 -5.86 -2.60
C GLY B 326 -42.20 -5.52 -1.17
N GLU B 327 -43.16 -6.23 -0.60
CA GLU B 327 -43.40 -6.12 0.82
C GLU B 327 -42.13 -6.46 1.60
N VAL B 328 -41.89 -5.75 2.69
CA VAL B 328 -40.72 -6.01 3.54
C VAL B 328 -41.09 -7.16 4.47
N ARG B 329 -40.64 -8.36 4.12
CA ARG B 329 -41.11 -9.57 4.76
C ARG B 329 -40.29 -9.96 5.99
N ASP B 330 -40.99 -10.45 7.00
CA ASP B 330 -40.35 -11.10 8.13
C ASP B 330 -40.09 -12.57 7.77
N ALA B 331 -39.47 -13.31 8.68
CA ALA B 331 -39.03 -14.66 8.34
C ALA B 331 -40.21 -15.58 8.13
N ARG B 332 -41.29 -15.39 8.89
CA ARG B 332 -42.49 -16.19 8.67
C ARG B 332 -43.02 -16.01 7.25
N GLU B 333 -43.05 -14.77 6.77
CA GLU B 333 -43.56 -14.51 5.43
C GLU B 333 -42.66 -15.12 4.37
N ALA B 334 -41.34 -15.15 4.62
CA ALA B 334 -40.43 -15.82 3.70
C ALA B 334 -40.65 -17.33 3.71
N ILE B 335 -40.84 -17.90 4.91
CA ILE B 335 -41.10 -19.34 5.01
C ILE B 335 -42.40 -19.70 4.29
N GLU B 336 -43.41 -18.85 4.42
CA GLU B 336 -44.75 -19.14 3.89
C GLU B 336 -44.94 -18.64 2.46
N ASP B 337 -43.91 -18.07 1.86
CA ASP B 337 -44.00 -17.48 0.54
C ASP B 337 -44.40 -18.52 -0.50
N GLU B 338 -45.43 -18.21 -1.28
CA GLU B 338 -45.80 -19.08 -2.40
C GLU B 338 -44.60 -19.30 -3.33
N HIS B 339 -43.81 -18.25 -3.58
CA HIS B 339 -42.77 -18.39 -4.59
C HIS B 339 -41.64 -19.27 -4.10
N LEU B 340 -41.05 -18.95 -2.94
CA LEU B 340 -39.95 -19.77 -2.44
C LEU B 340 -40.38 -21.23 -2.26
N ARG B 341 -41.65 -21.47 -1.90
CA ARG B 341 -42.13 -22.84 -1.73
CA ARG B 341 -42.11 -22.84 -1.74
C ARG B 341 -42.32 -23.53 -3.07
N ARG B 342 -42.91 -22.84 -4.05
CA ARG B 342 -43.02 -23.45 -5.39
C ARG B 342 -41.66 -23.75 -5.98
N ARG B 343 -40.65 -22.93 -5.65
CA ARG B 343 -39.29 -23.15 -6.08
C ARG B 343 -38.61 -24.31 -5.35
N GLY B 344 -39.22 -24.82 -4.27
CA GLY B 344 -38.60 -25.88 -3.50
C GLY B 344 -37.44 -25.42 -2.67
N PHE B 345 -37.38 -24.13 -2.35
CA PHE B 345 -36.24 -23.61 -1.60
C PHE B 345 -36.22 -24.16 -0.18
N TRP B 346 -37.38 -24.19 0.47
CA TRP B 346 -37.50 -24.69 1.82
C TRP B 346 -37.67 -26.20 1.81
N ALA B 347 -37.06 -26.85 2.80
CA ALA B 347 -37.10 -28.30 2.92
C ALA B 347 -37.27 -28.67 4.39
N TYR B 348 -38.15 -29.62 4.66
CA TYR B 348 -38.41 -30.11 6.01
C TYR B 348 -37.82 -31.50 6.16
N LEU B 349 -37.02 -31.70 7.22
CA LEU B 349 -36.30 -32.94 7.46
C LEU B 349 -36.61 -33.46 8.86
N ASP B 350 -36.77 -34.77 8.99
CA ASP B 350 -37.05 -35.41 10.26
C ASP B 350 -35.74 -35.65 11.02
N HIS B 351 -35.84 -35.62 12.35
CA HIS B 351 -34.69 -35.62 13.25
C HIS B 351 -35.11 -36.44 14.47
N PRO B 352 -34.28 -37.37 14.94
CA PRO B 352 -34.73 -38.24 16.04
C PRO B 352 -35.07 -37.49 17.33
N GLU B 353 -34.53 -36.29 17.53
CA GLU B 353 -34.76 -35.53 18.76
C GLU B 353 -35.82 -34.47 18.61
N VAL B 354 -35.75 -33.63 17.57
CA VAL B 354 -36.63 -32.48 17.47
C VAL B 354 -37.75 -32.67 16.46
N GLY B 355 -37.81 -33.82 15.80
CA GLY B 355 -38.83 -34.05 14.81
C GLY B 355 -38.56 -33.31 13.51
N VAL B 356 -39.65 -33.09 12.77
CA VAL B 356 -39.56 -32.47 11.45
C VAL B 356 -39.36 -30.96 11.62
N THR B 357 -38.28 -30.43 11.04
CA THR B 357 -38.01 -29.00 11.16
C THR B 357 -37.51 -28.44 9.83
N LEU B 358 -37.42 -27.11 9.79
CA LEU B 358 -37.16 -26.38 8.56
C LEU B 358 -35.67 -26.25 8.25
N TYR B 359 -35.32 -26.60 7.03
CA TYR B 359 -34.03 -26.36 6.40
C TYR B 359 -34.28 -25.63 5.09
N ASN B 360 -33.21 -25.33 4.36
CA ASN B 360 -33.33 -24.84 3.00
C ASN B 360 -32.16 -25.37 2.20
N ARG B 361 -32.39 -25.56 0.90
CA ARG B 361 -31.27 -25.85 0.02
C ARG B 361 -30.50 -24.58 -0.28
N ALA B 362 -29.29 -24.75 -0.81
CA ALA B 362 -28.54 -23.63 -1.34
C ALA B 362 -29.31 -23.03 -2.52
N PRO B 363 -29.02 -21.76 -2.89
CA PRO B 363 -29.86 -21.04 -3.85
C PRO B 363 -29.53 -21.32 -5.32
N ILE B 364 -29.48 -22.61 -5.67
CA ILE B 364 -29.10 -23.02 -7.02
C ILE B 364 -30.07 -24.10 -7.49
N VAL B 365 -30.75 -23.86 -8.60
CA VAL B 365 -31.60 -24.87 -9.23
C VAL B 365 -30.83 -25.38 -10.45
N PHE B 366 -30.23 -26.56 -10.31
CA PHE B 366 -29.57 -27.24 -11.43
C PHE B 366 -30.62 -28.01 -12.24
N SER B 367 -30.64 -27.79 -13.55
CA SER B 367 -31.63 -28.47 -14.37
C SER B 367 -31.33 -29.96 -14.55
N ARG B 368 -30.08 -30.40 -14.37
CA ARG B 368 -29.77 -31.82 -14.57
C ARG B 368 -29.23 -32.51 -13.32
N THR B 369 -28.50 -31.81 -12.45
CA THR B 369 -27.95 -32.39 -11.23
C THR B 369 -28.46 -31.58 -10.03
N PRO B 370 -29.75 -31.65 -9.74
CA PRO B 370 -30.32 -30.77 -8.69
C PRO B 370 -29.74 -31.07 -7.32
N LEU B 371 -29.67 -30.03 -6.51
CA LEU B 371 -29.32 -30.20 -5.10
C LEU B 371 -30.29 -31.15 -4.43
N GLU B 372 -29.81 -31.87 -3.43
CA GLU B 372 -30.66 -32.78 -2.68
C GLU B 372 -30.59 -32.47 -1.19
N MET B 373 -31.74 -32.61 -0.53
CA MET B 373 -31.87 -32.46 0.92
C MET B 373 -32.38 -33.79 1.45
N LYS B 374 -31.53 -34.52 2.15
CA LYS B 374 -31.80 -35.91 2.51
C LYS B 374 -31.81 -36.19 4.01
N THR B 375 -30.89 -35.61 4.78
CA THR B 375 -30.83 -35.93 6.19
C THR B 375 -30.57 -34.70 7.03
N ALA B 376 -31.25 -34.64 8.19
CA ALA B 376 -31.06 -33.55 9.13
C ALA B 376 -29.64 -33.56 9.68
N ALA B 377 -29.29 -32.49 10.38
CA ALA B 377 -27.95 -32.36 10.95
C ALA B 377 -27.65 -33.54 11.87
N PRO B 378 -26.44 -34.07 11.85
CA PRO B 378 -26.12 -35.25 12.66
C PRO B 378 -25.78 -34.89 14.10
N SER B 379 -25.87 -35.90 14.95
CA SER B 379 -25.36 -35.79 16.31
C SER B 379 -23.85 -36.04 16.33
N ILE B 380 -23.20 -35.61 17.41
CA ILE B 380 -21.76 -35.79 17.52
C ILE B 380 -21.45 -37.27 17.52
N GLY B 381 -20.61 -37.70 16.58
CA GLY B 381 -20.21 -39.09 16.52
C GLY B 381 -21.27 -40.04 16.01
N GLN B 382 -22.32 -39.51 15.37
CA GLN B 382 -23.38 -40.36 14.85
C GLN B 382 -22.85 -41.43 13.90
N HIS B 383 -21.79 -41.12 13.15
CA HIS B 383 -21.30 -42.02 12.10
C HIS B 383 -19.88 -42.52 12.36
N THR B 384 -19.40 -42.42 13.59
CA THR B 384 -18.04 -42.85 13.90
C THR B 384 -17.80 -44.29 13.45
N ARG B 385 -18.61 -45.22 13.96
CA ARG B 385 -18.40 -46.64 13.65
C ARG B 385 -18.56 -46.91 12.16
N GLU B 386 -19.56 -46.29 11.54
CA GLU B 386 -19.79 -46.48 10.11
C GLU B 386 -18.61 -46.01 9.27
N VAL B 387 -18.07 -44.84 9.60
CA VAL B 387 -16.93 -44.30 8.85
C VAL B 387 -15.67 -45.12 9.13
N LEU B 388 -15.41 -45.40 10.42
CA LEU B 388 -14.20 -46.13 10.76
C LEU B 388 -14.16 -47.49 10.08
N GLY B 389 -15.27 -48.23 10.14
CA GLY B 389 -15.30 -49.57 9.58
C GLY B 389 -15.59 -49.62 8.09
N GLY B 390 -16.42 -48.70 7.61
CA GLY B 390 -16.85 -48.71 6.22
C GLY B 390 -15.84 -48.09 5.28
N MET B 391 -15.46 -46.85 5.58
CA MET B 391 -14.55 -46.10 4.73
C MET B 391 -13.08 -46.31 5.07
N LEU B 392 -12.71 -46.33 6.35
CA LEU B 392 -11.31 -46.31 6.77
C LEU B 392 -10.72 -47.69 7.05
N GLY B 393 -11.51 -48.75 6.94
CA GLY B 393 -10.97 -50.09 6.96
C GLY B 393 -10.49 -50.61 8.29
N TYR B 394 -10.96 -50.03 9.40
CA TYR B 394 -10.64 -50.54 10.72
C TYR B 394 -11.46 -51.79 11.01
N SER B 395 -10.86 -52.74 11.71
CA SER B 395 -11.59 -53.93 12.15
C SER B 395 -12.55 -53.58 13.29
N HIS B 396 -13.46 -54.51 13.58
CA HIS B 396 -14.42 -54.28 14.66
C HIS B 396 -13.69 -54.09 16.00
N ASP B 397 -12.67 -54.90 16.26
CA ASP B 397 -11.92 -54.78 17.52
C ASP B 397 -11.16 -53.46 17.58
N GLU B 398 -10.52 -53.06 16.49
CA GLU B 398 -9.80 -51.79 16.49
C GLU B 398 -10.76 -50.64 16.66
N ILE B 399 -11.96 -50.76 16.07
CA ILE B 399 -13.00 -49.76 16.31
C ILE B 399 -13.37 -49.72 17.78
N GLU B 400 -13.66 -50.90 18.35
CA GLU B 400 -14.03 -50.97 19.76
C GLU B 400 -12.92 -50.42 20.64
N ASN B 401 -11.67 -50.70 20.28
CA ASN B 401 -10.54 -50.20 21.06
C ASN B 401 -10.42 -48.69 20.94
N LEU B 402 -10.57 -48.15 19.72
CA LEU B 402 -10.50 -46.71 19.53
C LEU B 402 -11.57 -45.98 20.36
N VAL B 403 -12.78 -46.51 20.38
CA VAL B 403 -13.88 -45.86 21.11
C VAL B 403 -13.88 -46.18 22.61
N SER B 404 -13.42 -47.38 23.00
CA SER B 404 -13.38 -47.72 24.42
C SER B 404 -12.46 -46.77 25.20
N HIS B 405 -11.31 -46.42 24.63
CA HIS B 405 -10.28 -45.58 25.24
C HIS B 405 -10.70 -44.11 25.32
N GLU B 406 -11.81 -43.74 24.70
CA GLU B 406 -12.33 -42.39 24.53
C GLU B 406 -11.55 -41.60 23.48
N VAL B 407 -10.80 -42.26 22.58
CA VAL B 407 -10.02 -41.62 21.47
C VAL B 407 -11.07 -41.05 20.52
N LEU B 408 -12.13 -41.81 20.36
CA LEU B 408 -13.33 -41.51 19.56
C LEU B 408 -14.66 -41.85 20.27
N VAL B 409 -15.81 -41.32 19.78
CA VAL B 409 -17.28 -41.40 20.13
C VAL B 409 -17.50 -40.61 21.40
N GLY C 2 20.92 -14.85 8.26
CA GLY C 2 20.45 -13.58 8.78
C GLY C 2 21.11 -13.15 10.09
N GLN C 3 21.49 -11.89 10.16
CA GLN C 3 22.11 -11.30 11.35
C GLN C 3 21.73 -9.83 11.43
N ASP C 4 22.35 -9.10 12.35
CA ASP C 4 22.07 -7.67 12.47
C ASP C 4 23.20 -6.99 13.24
N PHE C 5 23.01 -5.69 13.47
CA PHE C 5 23.96 -4.80 14.10
C PHE C 5 23.89 -4.78 15.62
N SER C 6 23.13 -5.70 16.25
CA SER C 6 22.86 -5.56 17.67
C SER C 6 24.13 -5.42 18.51
N ARG C 7 25.25 -5.97 18.04
CA ARG C 7 26.48 -5.90 18.82
C ARG C 7 27.07 -4.49 18.89
N PHE C 8 26.62 -3.56 18.05
CA PHE C 8 27.16 -2.21 18.05
C PHE C 8 26.30 -1.30 18.90
N ARG C 9 26.95 -0.59 19.83
CA ARG C 9 26.28 0.41 20.63
C ARG C 9 26.63 1.79 20.09
N VAL C 10 25.60 2.59 19.84
CA VAL C 10 25.75 3.90 19.22
C VAL C 10 25.12 4.93 20.15
N LEU C 11 25.95 5.88 20.61
CA LEU C 11 25.48 7.04 21.34
C LEU C 11 25.24 8.16 20.34
N ASP C 12 24.07 8.79 20.43
CA ASP C 12 23.58 9.70 19.39
C ASP C 12 23.14 11.00 20.06
N MET C 13 24.08 11.95 20.15
CA MET C 13 23.84 13.22 20.85
C MET C 13 23.62 14.30 19.78
N THR C 14 22.41 14.31 19.23
CA THR C 14 22.06 15.14 18.09
C THR C 14 20.72 15.84 18.33
N GLY C 15 20.45 16.86 17.50
CA GLY C 15 19.22 17.63 17.60
C GLY C 15 18.54 17.84 16.26
N GLU C 16 18.31 19.11 15.86
CA GLU C 16 17.80 19.37 14.52
C GLU C 16 18.80 18.90 13.47
N LEU C 17 20.09 19.05 13.77
CA LEU C 17 21.16 18.51 12.93
C LEU C 17 21.68 17.23 13.55
N GLY C 18 21.81 16.17 12.74
CA GLY C 18 22.50 14.95 13.17
C GLY C 18 21.76 13.63 13.12
N PRO C 19 20.45 13.60 13.40
CA PRO C 19 19.84 12.34 13.85
C PRO C 19 19.65 11.28 12.76
N TYR C 20 19.64 11.62 11.46
CA TYR C 20 19.43 10.56 10.48
C TYR C 20 20.60 9.57 10.46
N ALA C 21 21.81 10.02 10.80
CA ALA C 21 22.96 9.12 10.77
C ALA C 21 22.75 7.95 11.72
N ALA C 22 22.40 8.24 12.98
CA ALA C 22 22.17 7.18 13.96
C ALA C 22 20.94 6.35 13.61
N LYS C 23 19.93 6.95 12.96
CA LYS C 23 18.78 6.18 12.52
C LYS C 23 19.19 5.10 11.53
N MET C 24 20.12 5.41 10.63
CA MET C 24 20.61 4.41 9.70
C MET C 24 21.21 3.23 10.45
N PHE C 25 21.94 3.49 11.53
CA PHE C 25 22.43 2.37 12.33
C PHE C 25 21.30 1.63 13.04
N ALA C 26 20.36 2.37 13.63
CA ALA C 26 19.21 1.73 14.28
C ALA C 26 18.41 0.87 13.30
N GLY C 27 18.29 1.30 12.05
CA GLY C 27 17.49 0.58 11.07
C GLY C 27 18.01 -0.81 10.76
N LEU C 28 19.29 -1.08 11.00
CA LEU C 28 19.86 -2.39 10.79
C LEU C 28 20.10 -3.14 12.10
N GLY C 29 19.57 -2.63 13.22
CA GLY C 29 19.54 -3.36 14.46
C GLY C 29 20.53 -2.94 15.53
N ALA C 30 21.28 -1.86 15.32
CA ALA C 30 22.22 -1.40 16.33
C ALA C 30 21.48 -0.93 17.58
N ASP C 31 22.19 -0.97 18.71
CA ASP C 31 21.70 -0.47 20.01
C ASP C 31 22.00 1.03 20.06
N VAL C 32 21.02 1.84 19.67
CA VAL C 32 21.20 3.28 19.51
C VAL C 32 20.51 4.01 20.66
N ILE C 33 21.26 4.87 21.33
CA ILE C 33 20.78 5.65 22.48
C ILE C 33 20.84 7.12 22.12
N HIS C 34 19.68 7.75 21.99
CA HIS C 34 19.57 9.18 21.73
C HIS C 34 19.83 9.94 23.04
N VAL C 35 20.81 10.83 23.03
CA VAL C 35 21.23 11.53 24.24
C VAL C 35 20.73 12.97 24.13
N GLU C 36 19.88 13.37 25.06
CA GLU C 36 19.35 14.72 25.10
C GLU C 36 19.82 15.45 26.35
N SER C 37 19.76 16.78 26.29
CA SER C 37 19.87 17.58 27.49
C SER C 37 18.55 17.55 28.25
N PRO C 38 18.56 17.90 29.54
CA PRO C 38 17.29 17.99 30.29
C PRO C 38 16.31 18.96 29.64
N ALA C 39 16.80 19.93 28.86
CA ALA C 39 15.92 20.85 28.17
C ALA C 39 15.26 20.21 26.95
N GLY C 40 15.72 19.05 26.53
CA GLY C 40 15.05 18.38 25.43
C GLY C 40 15.67 18.69 24.08
N ASP C 41 15.67 17.66 23.22
CA ASP C 41 16.09 17.76 21.82
C ASP C 41 15.33 18.86 21.09
N PRO C 42 15.99 19.86 20.52
CA PRO C 42 15.27 20.93 19.82
C PRO C 42 14.42 20.44 18.65
N LEU C 43 14.72 19.27 18.06
CA LEU C 43 13.89 18.76 16.97
C LEU C 43 12.48 18.48 17.45
N ARG C 44 12.28 18.29 18.75
CA ARG C 44 10.94 18.12 19.29
C ARG C 44 10.07 19.34 19.10
N ARG C 45 10.66 20.49 18.78
CA ARG C 45 9.94 21.77 18.76
C ARG C 45 9.81 22.37 17.37
N VAL C 46 9.98 21.58 16.31
CA VAL C 46 9.79 22.04 14.93
C VAL C 46 8.81 21.10 14.25
N GLY C 47 8.01 21.67 13.34
CA GLY C 47 7.05 20.90 12.58
C GLY C 47 7.59 20.41 11.25
N PRO C 48 6.73 19.76 10.44
CA PRO C 48 5.27 19.61 10.64
C PRO C 48 4.89 18.74 11.84
N TRP C 49 3.62 18.79 12.19
CA TRP C 49 3.16 18.25 13.46
C TRP C 49 2.09 17.17 13.28
N PHE C 50 1.93 16.34 14.31
CA PHE C 50 0.87 15.35 14.35
C PHE C 50 -0.42 16.05 14.76
N GLY C 51 -1.28 16.29 13.78
CA GLY C 51 -2.53 16.96 14.09
C GLY C 51 -2.29 18.35 14.64
N ASP C 52 -3.09 18.72 15.63
CA ASP C 52 -3.00 20.01 16.31
C ASP C 52 -2.11 19.99 17.54
N ARG C 53 -1.45 18.87 17.82
CA ARG C 53 -0.56 18.78 18.96
C ARG C 53 0.72 19.54 18.67
N ARG C 54 1.22 20.26 19.68
CA ARG C 54 2.48 20.98 19.59
C ARG C 54 3.42 20.58 20.73
N ASP C 55 3.14 19.47 21.40
CA ASP C 55 3.92 19.07 22.56
C ASP C 55 5.18 18.33 22.14
N ALA C 56 5.93 17.86 23.14
CA ALA C 56 7.27 17.32 22.94
C ALA C 56 7.28 16.03 22.14
N GLN C 57 6.14 15.37 21.96
CA GLN C 57 6.10 14.13 21.19
C GLN C 57 5.36 14.29 19.86
N ALA C 58 5.04 15.52 19.46
CA ALA C 58 4.17 15.75 18.30
C ALA C 58 4.92 16.13 17.04
N SER C 59 6.22 16.37 17.10
CA SER C 59 7.00 16.70 15.90
C SER C 59 7.17 15.46 15.03
N LEU C 60 6.63 15.52 13.80
CA LEU C 60 6.74 14.38 12.91
C LEU C 60 8.19 14.05 12.57
N GLN C 61 9.03 15.09 12.44
CA GLN C 61 10.45 14.88 12.21
C GLN C 61 11.11 14.19 13.38
N TYR C 62 10.82 14.64 14.60
CA TYR C 62 11.41 14.00 15.75
C TYR C 62 11.04 12.53 15.78
N LEU C 63 9.76 12.23 15.56
CA LEU C 63 9.31 10.84 15.55
C LEU C 63 10.02 10.02 14.48
N TYR C 64 10.27 10.63 13.32
CA TYR C 64 10.87 9.88 12.22
C TYR C 64 12.36 9.64 12.46
N TYR C 65 13.11 10.69 12.79
CA TYR C 65 14.56 10.55 12.87
C TYR C 65 15.03 9.83 14.13
N ASN C 66 14.18 9.66 15.13
CA ASN C 66 14.61 9.03 16.37
C ASN C 66 13.79 7.80 16.74
N ALA C 67 12.97 7.32 15.81
CA ALA C 67 12.49 5.94 15.89
C ALA C 67 13.68 4.99 15.88
N GLY C 68 13.52 3.86 16.57
CA GLY C 68 14.58 2.89 16.64
C GLY C 68 15.63 3.19 17.67
N LYS C 69 15.43 4.20 18.51
CA LYS C 69 16.40 4.58 19.50
C LYS C 69 15.75 4.64 20.88
N ARG C 70 16.54 4.31 21.89
CA ARG C 70 16.19 4.65 23.26
C ARG C 70 16.61 6.08 23.55
N GLY C 71 16.16 6.60 24.69
CA GLY C 71 16.43 7.98 25.00
C GLY C 71 16.87 8.17 26.44
N ILE C 72 17.95 8.93 26.63
CA ILE C 72 18.40 9.33 27.95
C ILE C 72 18.56 10.84 27.95
N ALA C 73 18.72 11.40 29.15
CA ALA C 73 18.90 12.84 29.33
C ALA C 73 20.02 13.05 30.34
N VAL C 74 21.05 13.78 29.92
CA VAL C 74 22.22 14.02 30.75
CA VAL C 74 22.24 14.01 30.73
C VAL C 74 22.61 15.49 30.61
N ASP C 75 23.09 16.08 31.71
CA ASP C 75 23.55 17.47 31.70
C ASP C 75 25.08 17.45 31.78
N LEU C 76 25.74 17.65 30.64
CA LEU C 76 27.19 17.62 30.60
C LEU C 76 27.83 18.84 31.26
N GLU C 77 27.04 19.86 31.63
CA GLU C 77 27.60 20.97 32.40
C GLU C 77 27.78 20.60 33.87
N HIS C 78 27.41 19.38 34.26
CA HIS C 78 27.48 18.90 35.63
C HIS C 78 28.57 17.84 35.65
N GLU C 79 29.49 17.95 36.61
CA GLU C 79 30.63 17.04 36.62
C GLU C 79 30.19 15.58 36.68
N ALA C 80 29.13 15.27 37.43
CA ALA C 80 28.65 13.90 37.52
C ALA C 80 27.93 13.47 36.24
N GLY C 81 27.35 14.41 35.50
CA GLY C 81 26.85 14.09 34.17
C GLY C 81 27.98 13.70 33.23
N ARG C 82 29.09 14.46 33.27
CA ARG C 82 30.23 14.12 32.43
C ARG C 82 30.85 12.79 32.84
N THR C 83 30.83 12.46 34.14
CA THR C 83 31.33 11.16 34.56
C THR C 83 30.48 10.04 33.98
N ALA C 84 29.15 10.18 34.01
CA ALA C 84 28.28 9.16 33.43
C ALA C 84 28.44 9.09 31.92
N PHE C 85 28.57 10.24 31.27
CA PHE C 85 28.79 10.24 29.83
C PHE C 85 30.05 9.47 29.49
N ARG C 86 31.10 9.64 30.29
CA ARG C 86 32.35 8.93 30.05
C ARG C 86 32.16 7.44 30.24
N ARG C 87 31.37 7.05 31.26
CA ARG C 87 31.12 5.62 31.42
C ARG C 87 30.34 5.07 30.24
N LEU C 88 29.39 5.84 29.72
CA LEU C 88 28.67 5.42 28.52
C LEU C 88 29.62 5.25 27.34
N CYS C 89 30.51 6.22 27.11
CA CYS C 89 31.43 6.13 26.00
C CYS C 89 32.38 4.97 26.16
N ASP C 90 32.71 4.61 27.41
CA ASP C 90 33.58 3.46 27.66
C ASP C 90 33.06 2.20 26.98
N GLY C 91 31.74 2.06 26.89
CA GLY C 91 31.14 0.87 26.32
C GLY C 91 30.54 1.05 24.95
N ALA C 92 30.77 2.18 24.29
CA ALA C 92 30.18 2.44 22.99
C ALA C 92 31.17 2.18 21.87
N ASP C 93 30.63 1.72 20.74
CA ASP C 93 31.43 1.60 19.53
C ASP C 93 31.51 2.91 18.77
N LEU C 94 30.50 3.75 18.90
CA LEU C 94 30.36 4.94 18.08
C LEU C 94 29.62 6.01 18.87
N LEU C 95 30.17 7.21 18.86
CA LEU C 95 29.50 8.40 19.36
C LEU C 95 29.28 9.30 18.17
N ILE C 96 28.01 9.64 17.90
CA ILE C 96 27.66 10.64 16.90
C ILE C 96 27.12 11.84 17.64
N GLU C 97 27.61 13.03 17.30
CA GLU C 97 27.18 14.23 18.01
C GLU C 97 27.28 15.43 17.07
N SER C 98 26.44 16.42 17.36
CA SER C 98 26.35 17.65 16.58
C SER C 98 26.58 18.86 17.47
N CYS C 99 27.46 18.71 18.46
CA CYS C 99 27.74 19.82 19.35
C CYS C 99 28.47 20.94 18.64
N ARG C 100 28.35 22.14 19.20
CA ARG C 100 29.11 23.28 18.71
C ARG C 100 30.61 22.96 18.80
N PRO C 101 31.39 23.24 17.77
CA PRO C 101 32.82 22.95 17.85
C PRO C 101 33.47 23.58 19.08
N GLY C 102 34.34 22.78 19.72
CA GLY C 102 35.06 23.19 20.91
C GLY C 102 34.35 22.93 22.23
N TRP C 103 33.05 22.65 22.22
CA TRP C 103 32.31 22.57 23.47
C TRP C 103 32.74 21.38 24.31
N LEU C 104 32.74 20.17 23.73
CA LEU C 104 33.13 18.99 24.49
C LEU C 104 34.58 19.08 24.93
N ASP C 105 35.48 19.50 24.04
CA ASP C 105 36.87 19.71 24.43
C ASP C 105 36.93 20.63 25.65
N GLY C 106 36.17 21.73 25.60
CA GLY C 106 36.21 22.70 26.68
C GLY C 106 35.64 22.18 27.98
N LEU C 107 34.83 21.13 27.93
CA LEU C 107 34.31 20.50 29.13
C LEU C 107 35.23 19.38 29.64
N GLY C 108 36.41 19.22 29.05
CA GLY C 108 37.27 18.12 29.41
C GLY C 108 36.83 16.80 28.84
N LEU C 109 36.09 16.82 27.74
CA LEU C 109 35.55 15.62 27.12
C LEU C 109 36.05 15.46 25.69
N SER C 110 37.32 15.79 25.46
CA SER C 110 37.93 15.61 24.16
C SER C 110 37.88 14.15 23.74
N TYR C 111 38.17 13.89 22.47
CA TYR C 111 38.17 12.51 21.99
C TYR C 111 39.19 11.66 22.74
N GLU C 112 40.35 12.24 23.07
CA GLU C 112 41.37 11.50 23.79
C GLU C 112 40.89 11.08 25.17
N VAL C 113 40.09 11.92 25.82
CA VAL C 113 39.51 11.55 27.10
C VAL C 113 38.47 10.44 26.90
N LEU C 114 37.55 10.63 25.96
CA LEU C 114 36.45 9.70 25.81
C LEU C 114 36.92 8.30 25.40
N SER C 115 38.07 8.21 24.73
CA SER C 115 38.58 6.94 24.26
C SER C 115 39.72 6.38 25.09
N ARG C 116 40.06 7.02 26.21
CA ARG C 116 41.23 6.60 27.00
CA ARG C 116 41.25 6.59 26.95
C ARG C 116 41.16 5.12 27.37
N ASP C 117 39.97 4.66 27.77
CA ASP C 117 39.77 3.24 28.08
C ASP C 117 38.90 2.53 27.05
N ASN C 118 38.87 3.02 25.81
CA ASN C 118 38.10 2.42 24.73
C ASN C 118 38.74 2.82 23.40
N ALA C 119 39.88 2.22 23.09
CA ALA C 119 40.68 2.65 21.96
C ALA C 119 39.92 2.56 20.64
N ARG C 120 38.94 1.66 20.55
CA ARG C 120 38.22 1.45 19.30
C ARG C 120 37.16 2.52 19.04
N LEU C 121 36.86 3.38 20.02
CA LEU C 121 35.74 4.30 19.90
C LEU C 121 35.88 5.17 18.65
N VAL C 122 34.79 5.26 17.88
CA VAL C 122 34.68 6.23 16.80
C VAL C 122 33.83 7.39 17.28
N GLN C 123 34.32 8.62 17.10
CA GLN C 123 33.54 9.82 17.39
C GLN C 123 33.29 10.55 16.09
N THR C 124 32.03 10.74 15.74
CA THR C 124 31.65 11.43 14.52
C THR C 124 31.02 12.76 14.90
N SER C 125 31.60 13.85 14.40
CA SER C 125 31.09 15.20 14.66
C SER C 125 30.39 15.69 13.40
N ILE C 126 29.15 16.12 13.56
CA ILE C 126 28.32 16.65 12.47
C ILE C 126 28.05 18.11 12.80
N THR C 127 28.57 19.02 11.99
CA THR C 127 28.53 20.45 12.27
C THR C 127 28.29 21.22 10.99
N PRO C 128 27.88 22.49 11.08
CA PRO C 128 27.65 23.27 9.84
C PRO C 128 28.90 23.43 8.99
N PHE C 129 30.05 23.60 9.62
CA PHE C 129 31.27 23.98 8.90
C PHE C 129 32.47 23.12 9.21
N GLY C 130 32.36 22.21 10.17
CA GLY C 130 33.44 21.33 10.54
C GLY C 130 33.98 21.67 11.92
N ARG C 131 34.81 20.76 12.43
CA ARG C 131 35.44 20.98 13.73
C ARG C 131 36.54 22.02 13.65
N THR C 132 37.06 22.32 12.46
CA THR C 132 38.22 23.16 12.29
C THR C 132 37.99 24.09 11.11
N GLY C 133 38.87 25.08 10.98
CA GLY C 133 38.78 25.99 9.86
C GLY C 133 38.18 27.34 10.21
N PRO C 134 38.30 28.29 9.27
CA PRO C 134 37.89 29.67 9.58
C PRO C 134 36.44 29.84 9.99
N LEU C 135 35.54 29.01 9.48
CA LEU C 135 34.12 29.16 9.82
C LEU C 135 33.71 28.37 11.05
N ALA C 136 34.58 27.48 11.55
CA ALA C 136 34.18 26.59 12.63
C ALA C 136 33.68 27.31 13.88
N PRO C 137 34.17 28.51 14.24
CA PRO C 137 33.65 29.16 15.46
C PRO C 137 32.23 29.67 15.33
N TYR C 138 31.65 29.66 14.14
CA TYR C 138 30.48 30.50 13.89
C TYR C 138 29.22 29.69 13.63
N PRO C 139 28.06 30.26 13.93
CA PRO C 139 26.81 29.51 13.79
C PRO C 139 26.37 29.38 12.35
N GLY C 140 25.68 28.28 12.07
CA GLY C 140 25.09 28.05 10.75
C GLY C 140 23.74 27.37 10.92
N SER C 141 22.91 27.53 9.91
CA SER C 141 21.59 26.90 9.84
C SER C 141 21.45 26.24 8.48
N ASP C 142 20.31 25.56 8.25
CA ASP C 142 20.15 24.90 6.96
C ASP C 142 20.29 25.90 5.82
N LEU C 143 19.61 27.04 5.93
CA LEU C 143 19.64 28.03 4.87
C LEU C 143 21.03 28.60 4.66
N THR C 144 21.75 28.92 5.75
CA THR C 144 23.02 29.62 5.57
C THR C 144 24.12 28.65 5.13
N CYS C 145 24.07 27.39 5.57
CA CYS C 145 24.99 26.40 5.00
C CYS C 145 24.74 26.22 3.51
N SER C 146 23.46 26.12 3.12
CA SER C 146 23.13 25.98 1.71
C SER C 146 23.64 27.17 0.92
N ALA C 147 23.54 28.37 1.46
CA ALA C 147 24.06 29.55 0.79
C ALA C 147 25.57 29.46 0.61
N LEU C 148 26.28 29.13 1.69
CA LEU C 148 27.74 29.22 1.68
C LEU C 148 28.38 28.07 0.91
N SER C 149 27.68 26.95 0.74
CA SER C 149 28.23 25.81 0.02
C SER C 149 28.17 25.97 -1.49
N GLY C 150 27.36 26.89 -1.99
CA GLY C 150 27.10 26.99 -3.42
C GLY C 150 25.84 26.27 -3.87
N PHE C 151 25.23 25.49 -2.99
CA PHE C 151 24.07 24.67 -3.38
C PHE C 151 22.83 25.51 -3.58
N LEU C 152 22.57 26.43 -2.67
CA LEU C 152 21.33 27.21 -2.74
C LEU C 152 21.23 27.98 -4.03
N TYR C 153 22.33 28.60 -4.45
CA TYR C 153 22.36 29.45 -5.63
C TYR C 153 21.87 28.74 -6.87
N LEU C 154 22.02 27.41 -6.93
CA LEU C 154 21.62 26.66 -8.12
C LEU C 154 20.09 26.50 -8.24
N ALA C 155 19.35 26.78 -7.17
CA ALA C 155 17.89 26.63 -7.18
C ALA C 155 17.17 27.83 -7.77
N GLY C 156 17.67 28.34 -8.89
CA GLY C 156 17.02 29.43 -9.59
C GLY C 156 17.72 29.63 -10.92
N VAL C 157 17.14 30.50 -11.75
CA VAL C 157 17.75 30.88 -13.02
C VAL C 157 17.82 32.39 -13.12
N ASP C 158 18.73 32.85 -13.99
CA ASP C 158 18.92 34.27 -14.32
C ASP C 158 19.05 35.05 -13.02
N GLY C 159 18.30 36.14 -12.83
CA GLY C 159 18.36 36.95 -11.62
C GLY C 159 17.40 36.57 -10.52
N ASP C 160 16.71 35.42 -10.64
CA ASP C 160 15.74 35.04 -9.64
C ASP C 160 16.41 34.59 -8.34
N LYS C 161 15.84 35.02 -7.22
CA LYS C 161 16.28 34.48 -5.94
C LYS C 161 16.05 32.96 -5.92
N PRO C 162 16.94 32.21 -5.29
CA PRO C 162 16.77 30.75 -5.23
C PRO C 162 15.75 30.32 -4.18
N VAL C 163 15.26 29.11 -4.34
CA VAL C 163 14.35 28.50 -3.38
C VAL C 163 15.09 27.43 -2.59
N ARG C 164 14.53 27.08 -1.43
CA ARG C 164 15.15 26.08 -0.57
C ARG C 164 14.66 24.66 -0.91
N ALA C 165 15.54 23.70 -0.67
CA ALA C 165 15.10 22.32 -0.64
C ALA C 165 14.36 22.01 0.66
N PRO C 166 13.37 21.10 0.63
CA PRO C 166 12.66 20.75 1.86
C PRO C 166 13.46 19.84 2.78
N ASP C 167 13.04 19.81 4.04
CA ASP C 167 13.54 18.84 5.03
C ASP C 167 15.03 19.02 5.31
N ASN C 168 15.47 20.27 5.33
CA ASN C 168 16.81 20.64 5.78
C ASN C 168 17.89 19.76 5.13
N GLN C 169 18.01 19.90 3.81
CA GLN C 169 18.94 19.03 3.11
C GLN C 169 20.39 19.32 3.48
N ALA C 170 20.73 20.53 3.93
CA ALA C 170 22.07 20.75 4.43
C ALA C 170 22.37 19.77 5.56
N TYR C 171 21.42 19.60 6.49
CA TYR C 171 21.58 18.67 7.60
C TYR C 171 21.57 17.23 7.10
N ARG C 172 20.61 16.89 6.23
CA ARG C 172 20.47 15.52 5.78
C ARG C 172 21.71 15.06 5.00
N MET C 173 22.28 15.94 4.18
CA MET C 173 23.46 15.55 3.42
C MET C 173 24.63 15.23 4.35
N ALA C 174 24.86 16.09 5.35
CA ALA C 174 25.91 15.83 6.33
C ALA C 174 25.65 14.54 7.08
N GLU C 175 24.40 14.31 7.48
CA GLU C 175 24.08 13.12 8.27
C GLU C 175 24.30 11.86 7.47
N ALA C 176 23.86 11.85 6.20
CA ALA C 176 24.06 10.67 5.37
C ALA C 176 25.54 10.38 5.17
N TYR C 177 26.34 11.40 4.90
CA TYR C 177 27.78 11.19 4.76
C TYR C 177 28.43 10.89 6.11
N ALA C 178 27.85 11.40 7.20
CA ALA C 178 28.37 11.06 8.52
C ALA C 178 28.08 9.61 8.88
N ALA C 179 26.93 9.08 8.42
CA ALA C 179 26.66 7.67 8.59
C ALA C 179 27.69 6.83 7.83
N VAL C 180 28.01 7.25 6.60
CA VAL C 180 29.02 6.55 5.81
C VAL C 180 30.37 6.64 6.50
N GLY C 181 30.79 7.84 6.86
CA GLY C 181 32.07 7.99 7.54
C GLY C 181 32.14 7.19 8.82
N SER C 182 31.06 7.19 9.59
CA SER C 182 31.03 6.40 10.82
C SER C 182 31.25 4.92 10.51
N ALA C 183 30.55 4.41 9.49
CA ALA C 183 30.64 2.98 9.20
C ALA C 183 32.02 2.62 8.68
N ILE C 184 32.63 3.50 7.89
CA ILE C 184 33.98 3.27 7.40
C ILE C 184 34.96 3.22 8.56
N ALA C 185 34.86 4.20 9.47
CA ALA C 185 35.73 4.22 10.64
C ALA C 185 35.48 3.04 11.55
N LEU C 186 34.22 2.59 11.66
CA LEU C 186 33.91 1.44 12.50
C LEU C 186 34.54 0.18 11.94
N PHE C 187 34.41 -0.02 10.62
CA PHE C 187 35.07 -1.13 9.94
C PHE C 187 36.58 -1.07 10.14
N SER C 188 37.18 0.10 9.94
CA SER C 188 38.61 0.25 10.16
C SER C 188 38.98 -0.09 11.61
N ALA C 189 38.17 0.35 12.56
CA ALA C 189 38.45 0.08 13.96
C ALA C 189 38.36 -1.43 14.26
N GLN C 190 37.38 -2.13 13.67
CA GLN C 190 37.29 -3.58 13.92
C GLN C 190 38.59 -4.27 13.53
N ARG C 191 39.21 -3.80 12.45
CA ARG C 191 40.38 -4.45 11.89
C ARG C 191 41.68 -3.97 12.52
N SER C 192 41.76 -2.69 12.86
CA SER C 192 42.99 -2.13 13.40
C SER C 192 43.00 -2.08 14.91
N GLY C 193 41.83 -2.14 15.56
CA GLY C 193 41.72 -1.91 16.98
C GLY C 193 41.67 -0.45 17.40
N ARG C 194 41.69 0.49 16.47
CA ARG C 194 41.77 1.90 16.81
C ARG C 194 40.66 2.68 16.13
N GLY C 195 39.92 3.45 16.92
CA GLY C 195 38.96 4.37 16.38
C GLY C 195 39.63 5.66 15.96
N GLN C 196 38.81 6.66 15.72
CA GLN C 196 39.32 7.98 15.31
C GLN C 196 38.15 8.94 15.34
N VAL C 197 38.42 10.19 14.95
CA VAL C 197 37.40 11.22 14.80
C VAL C 197 36.99 11.31 13.33
N VAL C 198 35.68 11.44 13.10
CA VAL C 198 35.09 11.55 11.78
C VAL C 198 34.38 12.90 11.72
N ASP C 199 34.88 13.80 10.88
CA ASP C 199 34.47 15.21 10.86
C ASP C 199 33.73 15.46 9.55
N VAL C 200 32.42 15.66 9.65
CA VAL C 200 31.54 15.86 8.50
C VAL C 200 30.85 17.20 8.66
N ALA C 201 31.12 18.11 7.73
CA ALA C 201 30.57 19.46 7.75
C ALA C 201 29.48 19.61 6.69
N CYS C 202 28.39 20.29 7.07
CA CYS C 202 27.31 20.56 6.12
C CYS C 202 27.84 21.27 4.89
N ILE C 203 28.70 22.28 5.09
CA ILE C 203 29.16 23.07 3.96
C ILE C 203 29.89 22.17 2.96
N GLU C 204 30.63 21.17 3.45
CA GLU C 204 31.32 20.27 2.54
C GLU C 204 30.34 19.27 1.92
N ALA C 205 29.46 18.68 2.72
CA ALA C 205 28.51 17.72 2.17
C ALA C 205 27.68 18.35 1.05
N GLN C 206 27.33 19.62 1.21
CA GLN C 206 26.53 20.29 0.19
C GLN C 206 27.36 20.68 -1.03
N ALA C 207 28.65 20.99 -0.83
CA ALA C 207 29.53 21.19 -1.97
C ALA C 207 29.64 19.92 -2.81
N MET C 208 29.32 18.77 -2.22
CA MET C 208 29.23 17.53 -2.98
C MET C 208 28.06 17.54 -3.96
N ALA C 209 27.13 18.48 -3.79
CA ALA C 209 25.90 18.48 -4.58
C ALA C 209 25.88 19.64 -5.57
N LEU C 210 27.04 20.18 -5.92
CA LEU C 210 27.08 21.25 -6.91
C LEU C 210 26.92 20.72 -8.33
N GLU C 211 26.78 19.41 -8.47
CA GLU C 211 26.64 18.75 -9.78
C GLU C 211 27.91 18.90 -10.61
N ASN C 212 27.97 19.92 -11.47
CA ASN C 212 29.19 20.23 -12.22
C ASN C 212 29.50 21.73 -12.17
N ALA C 213 28.90 22.46 -11.24
CA ALA C 213 29.06 23.90 -11.22
C ALA C 213 30.51 24.29 -10.97
N ALA C 214 31.20 23.57 -10.08
CA ALA C 214 32.60 23.89 -9.83
C ALA C 214 33.45 23.65 -11.08
N GLN C 215 33.18 22.55 -11.80
CA GLN C 215 33.94 22.28 -13.01
C GLN C 215 33.62 23.27 -14.12
N PHE C 216 32.38 23.78 -14.16
CA PHE C 216 32.09 24.82 -15.13
C PHE C 216 32.99 26.04 -14.92
N TRP C 217 33.25 26.43 -13.71
CA TRP C 217 34.12 27.57 -13.46
C TRP C 217 35.58 27.15 -13.75
N ASP C 218 36.04 26.07 -13.17
CA ASP C 218 37.45 25.68 -13.32
C ASP C 218 37.82 25.49 -14.78
N LEU C 219 36.93 24.89 -15.57
CA LEU C 219 37.29 24.52 -16.93
C LEU C 219 36.90 25.54 -17.98
N GLU C 220 35.84 26.30 -17.78
CA GLU C 220 35.30 27.19 -18.80
C GLU C 220 35.09 28.63 -18.33
N GLY C 221 35.36 28.93 -17.07
CA GLY C 221 35.10 30.28 -16.58
C GLY C 221 33.65 30.69 -16.66
N LYS C 222 32.74 29.75 -16.46
CA LYS C 222 31.30 29.97 -16.51
C LYS C 222 30.69 29.78 -15.13
N ILE C 223 29.80 30.69 -14.76
CA ILE C 223 28.96 30.58 -13.58
C ILE C 223 27.62 30.03 -14.04
N ARG C 224 27.27 28.83 -13.60
CA ARG C 224 25.95 28.29 -13.88
C ARG C 224 25.02 28.46 -12.69
N ARG C 225 23.72 28.44 -12.98
CA ARG C 225 22.67 28.35 -11.96
C ARG C 225 21.88 27.06 -12.22
N GLY C 226 20.57 27.06 -12.09
CA GLY C 226 19.83 25.82 -12.08
C GLY C 226 19.50 25.35 -13.48
N ARG C 227 19.33 24.03 -13.61
CA ARG C 227 18.65 23.49 -14.75
C ARG C 227 17.20 23.96 -14.74
N GLY C 228 16.58 23.91 -15.92
CA GLY C 228 15.17 24.24 -16.06
C GLY C 228 14.87 25.01 -17.32
N ARG C 229 15.90 25.53 -18.01
CA ARG C 229 15.70 26.33 -19.22
C ARG C 229 16.43 25.76 -20.43
N GLU C 230 16.97 24.55 -20.34
CA GLU C 230 17.50 23.87 -21.52
C GLU C 230 16.38 23.04 -22.12
N ALA C 231 15.92 23.42 -23.31
CA ALA C 231 14.74 22.82 -23.91
C ALA C 231 14.78 21.31 -23.80
N GLY C 232 13.77 20.74 -23.16
CA GLY C 232 13.62 19.29 -23.13
C GLY C 232 14.66 18.54 -22.34
N SER C 233 15.43 19.20 -21.50
CA SER C 233 16.52 18.56 -20.75
C SER C 233 16.46 18.99 -19.28
N ALA C 234 15.88 18.14 -18.44
CA ALA C 234 15.68 18.45 -17.03
C ALA C 234 14.81 19.70 -16.88
N THR C 235 13.75 19.75 -17.67
CA THR C 235 12.78 20.83 -17.63
C THR C 235 11.50 20.35 -16.93
N LEU C 236 10.79 21.30 -16.33
CA LEU C 236 9.52 21.06 -15.66
C LEU C 236 8.42 21.69 -16.50
N HIS C 237 7.29 21.00 -16.63
CA HIS C 237 6.22 21.44 -17.52
C HIS C 237 4.87 21.28 -16.85
N PRO C 238 4.01 22.30 -16.94
CA PRO C 238 2.68 22.20 -16.32
C PRO C 238 1.77 21.26 -17.12
N CYS C 239 0.90 20.58 -16.39
CA CYS C 239 -0.12 19.74 -17.00
C CYS C 239 -1.47 19.98 -16.29
N ALA C 240 -2.45 19.13 -16.61
CA ALA C 240 -3.82 19.40 -16.17
C ALA C 240 -3.92 19.45 -14.66
N ASP C 241 -3.19 18.58 -13.96
CA ASP C 241 -3.33 18.46 -12.51
C ASP C 241 -1.99 18.60 -11.80
N GLY C 242 -1.03 19.29 -12.41
CA GLY C 242 0.26 19.48 -11.77
C GLY C 242 1.41 19.79 -12.70
N PHE C 243 2.55 19.16 -12.44
CA PHE C 243 3.76 19.34 -13.23
C PHE C 243 4.42 17.99 -13.46
N ILE C 244 5.17 17.89 -14.56
CA ILE C 244 6.01 16.73 -14.84
C ILE C 244 7.44 17.21 -15.03
N ALA C 245 8.37 16.27 -14.86
CA ALA C 245 9.79 16.49 -15.10
C ALA C 245 10.23 15.68 -16.30
N LEU C 246 10.98 16.31 -17.21
CA LEU C 246 11.33 15.70 -18.49
C LEU C 246 12.82 15.76 -18.70
N VAL C 247 13.39 14.63 -19.13
CA VAL C 247 14.73 14.58 -19.69
C VAL C 247 14.59 13.86 -21.02
N ALA C 248 14.34 14.63 -22.10
CA ALA C 248 14.16 14.09 -23.44
C ALA C 248 15.44 14.14 -24.27
N ILE C 249 16.45 14.88 -23.82
CA ILE C 249 17.77 14.91 -24.48
C ILE C 249 18.81 15.32 -23.43
N MET C 250 19.99 14.78 -23.45
CA MET C 250 21.14 15.24 -22.69
C MET C 250 22.34 15.40 -23.60
N GLY C 251 23.37 16.14 -23.16
CA GLY C 251 24.70 16.31 -23.75
C GLY C 251 24.65 16.32 -25.29
N ARG C 252 25.55 15.53 -25.91
CA ARG C 252 25.61 15.21 -27.36
C ARG C 252 25.37 13.70 -27.55
N ASN C 253 24.61 13.08 -26.66
CA ASN C 253 24.10 11.68 -26.72
C ASN C 253 22.68 11.61 -27.45
N LYS C 254 22.68 11.40 -28.78
CA LYS C 254 21.51 11.32 -29.75
C LYS C 254 20.37 10.23 -29.67
N PRO C 255 20.38 8.97 -29.21
CA PRO C 255 19.05 8.19 -29.05
C PRO C 255 17.72 8.84 -28.48
N MET C 256 17.83 9.82 -27.61
CA MET C 256 16.76 10.19 -26.70
C MET C 256 15.68 11.07 -27.34
N TRP C 257 16.03 11.83 -28.38
CA TRP C 257 15.09 12.81 -28.90
C TRP C 257 14.03 12.21 -29.80
N THR C 258 14.45 11.32 -30.70
CA THR C 258 13.50 10.75 -31.65
C THR C 258 12.31 10.13 -30.93
N PRO C 259 12.47 9.32 -29.83
CA PRO C 259 11.29 8.77 -29.09
C PRO C 259 10.38 9.86 -28.60
N PHE C 260 10.92 11.02 -28.18
CA PHE C 260 10.06 12.11 -27.74
C PHE C 260 9.23 12.67 -28.89
N VAL C 261 9.83 12.82 -30.07
CA VAL C 261 9.08 13.22 -31.25
C VAL C 261 8.05 12.13 -31.61
N ARG C 262 8.42 10.86 -31.46
CA ARG C 262 7.48 9.76 -31.73
C ARG C 262 6.22 9.95 -30.91
N TRP C 263 6.40 10.24 -29.61
CA TRP C 263 5.31 10.48 -28.69
C TRP C 263 4.42 11.64 -29.13
N MET C 264 5.02 12.80 -29.44
CA MET C 264 4.22 13.97 -29.83
C MET C 264 3.42 13.71 -31.12
N GLU C 265 4.05 13.08 -32.12
CA GLU C 265 3.37 12.74 -33.36
C GLU C 265 2.21 11.79 -33.11
N ALA C 266 2.47 10.73 -32.33
CA ALA C 266 1.44 9.71 -32.07
C ALA C 266 0.22 10.32 -31.41
N GLU C 267 0.42 11.34 -30.59
CA GLU C 267 -0.65 12.02 -29.87
C GLU C 267 -1.28 13.15 -30.67
N GLY C 268 -0.79 13.44 -31.87
CA GLY C 268 -1.37 14.52 -32.65
C GLY C 268 -1.12 15.90 -32.08
N VAL C 269 0.00 16.11 -31.38
CA VAL C 269 0.28 17.41 -30.81
C VAL C 269 0.42 18.41 -31.95
N GLU C 270 -0.33 19.51 -31.88
N GLU C 270 -0.34 19.50 -31.88
CA GLU C 270 -0.28 20.55 -32.90
CA GLU C 270 -0.28 20.54 -32.90
C GLU C 270 1.10 21.17 -32.87
C GLU C 270 1.11 21.11 -32.86
N GLU C 271 1.68 21.31 -34.02
CA GLU C 271 3.00 21.85 -34.23
C GLU C 271 4.06 20.84 -33.88
N TRP C 272 3.72 19.52 -33.76
CA TRP C 272 4.73 18.50 -33.44
C TRP C 272 5.86 18.56 -34.44
N GLN C 273 5.54 18.87 -35.71
CA GLN C 273 6.53 18.87 -36.78
C GLN C 273 7.67 19.85 -36.50
N VAL C 274 7.38 20.92 -35.76
CA VAL C 274 8.41 21.89 -35.37
C VAL C 274 9.53 21.21 -34.61
N LEU C 275 9.21 20.17 -33.85
CA LEU C 275 10.19 19.43 -33.06
C LEU C 275 10.98 18.42 -33.90
N ASP C 276 10.50 18.05 -35.10
CA ASP C 276 11.19 17.09 -35.95
C ASP C 276 12.20 17.86 -36.74
N ASP C 277 13.33 18.17 -36.09
CA ASP C 277 14.39 19.03 -36.65
C ASP C 277 15.65 18.84 -35.82
N ASP C 278 16.80 18.80 -36.50
CA ASP C 278 18.09 18.61 -35.87
C ASP C 278 18.60 19.84 -35.13
N LYS C 279 17.90 20.97 -35.23
CA LYS C 279 18.27 22.16 -34.46
C LYS C 279 18.21 21.87 -32.97
N TRP C 280 17.43 20.87 -32.58
CA TRP C 280 17.23 20.49 -31.18
C TRP C 280 18.34 19.62 -30.58
N ILE C 281 19.33 19.13 -31.35
CA ILE C 281 20.35 18.23 -30.80
C ILE C 281 21.57 18.94 -30.16
N ASP C 282 21.68 20.25 -30.24
CA ASP C 282 22.90 20.93 -29.78
C ASP C 282 22.64 21.75 -28.51
N TYR C 283 23.51 21.57 -27.48
CA TYR C 283 23.36 22.23 -26.17
C TYR C 283 23.21 23.74 -26.28
N ALA C 284 23.86 24.38 -27.26
CA ALA C 284 23.68 25.81 -27.41
C ALA C 284 22.30 26.20 -27.95
N TYR C 285 21.71 25.39 -28.81
CA TYR C 285 20.38 25.74 -29.29
C TYR C 285 19.28 25.46 -28.29
N ARG C 286 19.37 24.33 -27.61
CA ARG C 286 18.33 24.07 -26.62
C ARG C 286 18.22 25.20 -25.62
N THR C 287 19.35 25.79 -25.23
N THR C 287 19.35 25.76 -25.24
CA THR C 287 19.42 26.87 -24.24
CA THR C 287 19.43 26.85 -24.30
C THR C 287 19.16 28.25 -24.87
C THR C 287 18.97 28.17 -24.88
N SER C 288 18.95 28.32 -26.20
CA SER C 288 18.68 29.61 -26.82
C SER C 288 17.27 30.06 -26.49
N GLU C 289 17.04 31.37 -26.59
CA GLU C 289 15.74 31.93 -26.28
C GLU C 289 14.65 31.30 -27.12
N GLU C 290 14.91 31.18 -28.42
CA GLU C 290 13.91 30.65 -29.34
C GLU C 290 13.78 29.15 -29.17
N GLY C 291 14.90 28.43 -28.99
CA GLY C 291 14.81 26.98 -28.81
C GLY C 291 13.95 26.62 -27.63
N TYR C 292 14.17 27.30 -26.50
CA TYR C 292 13.42 26.96 -25.29
C TYR C 292 11.95 27.38 -25.39
N ALA C 293 11.65 28.55 -25.97
CA ALA C 293 10.31 29.09 -25.89
C ALA C 293 9.29 28.27 -26.70
N THR C 294 9.60 27.95 -27.96
CA THR C 294 8.69 27.15 -28.76
C THR C 294 8.76 25.66 -28.37
N PHE C 295 9.80 25.19 -27.68
CA PHE C 295 9.70 23.87 -27.07
C PHE C 295 8.54 23.85 -26.09
N CYS C 296 8.50 24.85 -25.20
CA CYS C 296 7.43 24.93 -24.21
C CYS C 296 6.07 25.24 -24.85
N ARG C 297 6.03 26.09 -25.88
CA ARG C 297 4.76 26.34 -26.55
C ARG C 297 4.17 25.04 -27.09
N VAL C 298 4.99 24.25 -27.79
CA VAL C 298 4.50 23.02 -28.40
C VAL C 298 4.16 21.99 -27.34
N PHE C 299 5.05 21.79 -26.38
CA PHE C 299 4.84 20.73 -25.40
C PHE C 299 3.70 21.09 -24.44
N GLU C 300 3.72 22.31 -23.89
CA GLU C 300 2.80 22.66 -22.81
C GLU C 300 1.39 22.89 -23.32
N ARG C 301 1.23 23.25 -24.61
CA ARG C 301 -0.13 23.22 -25.17
C ARG C 301 -0.76 21.84 -25.05
N TYR C 302 0.05 20.78 -25.18
CA TYR C 302 -0.37 19.40 -25.06
C TYR C 302 -0.41 18.92 -23.60
N THR C 303 0.63 19.19 -22.81
CA THR C 303 0.66 18.67 -21.44
C THR C 303 -0.44 19.30 -20.61
N ARG C 304 -0.75 20.58 -20.88
CA ARG C 304 -1.74 21.28 -20.06
C ARG C 304 -3.12 20.64 -20.13
N THR C 305 -3.39 19.78 -21.10
CA THR C 305 -4.69 19.13 -21.22
C THR C 305 -4.73 17.76 -20.54
N ARG C 306 -3.62 17.28 -19.98
CA ARG C 306 -3.52 15.90 -19.52
C ARG C 306 -2.97 15.80 -18.11
N SER C 307 -3.26 14.68 -17.45
CA SER C 307 -2.90 14.53 -16.05
C SER C 307 -1.46 14.07 -15.89
N LYS C 308 -0.91 14.29 -14.69
CA LYS C 308 0.42 13.80 -14.35
C LYS C 308 0.55 12.30 -14.63
N ALA C 309 -0.43 11.51 -14.18
CA ALA C 309 -0.33 10.06 -14.32
C ALA C 309 -0.36 9.65 -15.79
N TYR C 310 -1.18 10.34 -16.59
CA TYR C 310 -1.21 10.11 -18.04
C TYR C 310 0.16 10.30 -18.65
N LEU C 311 0.81 11.42 -18.36
CA LEU C 311 2.10 11.71 -18.98
C LEU C 311 3.19 10.75 -18.49
N TYR C 312 3.20 10.45 -17.19
CA TYR C 312 4.07 9.41 -16.66
C TYR C 312 3.89 8.12 -17.43
N GLU C 313 2.64 7.69 -17.58
CA GLU C 313 2.33 6.46 -18.28
C GLU C 313 2.70 6.57 -19.75
N ILE C 314 2.13 7.54 -20.45
CA ILE C 314 2.28 7.60 -21.91
C ILE C 314 3.72 7.96 -22.23
N GLY C 315 4.35 8.78 -21.39
CA GLY C 315 5.78 9.09 -21.61
C GLY C 315 6.70 7.88 -21.48
N GLN C 316 6.62 7.16 -20.39
CA GLN C 316 7.40 5.94 -20.23
C GLN C 316 6.92 4.89 -21.22
N ARG C 317 5.67 4.95 -21.64
CA ARG C 317 5.19 4.03 -22.68
C ARG C 317 5.93 4.25 -24.01
N PHE C 318 6.24 5.51 -24.33
CA PHE C 318 6.99 5.88 -25.54
C PHE C 318 8.48 5.97 -25.23
N ASN C 319 8.90 5.51 -24.05
CA ASN C 319 10.30 5.46 -23.60
C ASN C 319 10.94 6.87 -23.36
N VAL C 320 10.17 7.81 -22.83
CA VAL C 320 10.70 9.13 -22.54
C VAL C 320 10.85 9.20 -21.04
N ALA C 321 11.95 9.76 -20.55
CA ALA C 321 12.20 9.80 -19.11
C ALA C 321 11.35 10.90 -18.53
N VAL C 322 10.08 10.57 -18.25
CA VAL C 322 9.08 11.48 -17.67
C VAL C 322 8.71 10.95 -16.29
N THR C 323 8.67 11.84 -15.30
CA THR C 323 8.11 11.48 -13.99
C THR C 323 7.21 12.61 -13.54
N PRO C 324 6.22 12.31 -12.72
CA PRO C 324 5.39 13.38 -12.15
C PRO C 324 6.11 14.13 -11.03
N VAL C 325 5.77 15.41 -10.90
CA VAL C 325 6.12 16.17 -9.70
C VAL C 325 5.14 15.77 -8.61
N SER C 326 5.48 14.76 -7.82
CA SER C 326 4.57 14.17 -6.85
C SER C 326 4.41 15.05 -5.60
N ASP C 327 3.16 15.20 -5.13
CA ASP C 327 2.91 15.77 -3.82
C ASP C 327 2.70 14.65 -2.81
N GLY C 328 2.44 15.02 -1.56
CA GLY C 328 2.33 14.01 -0.51
C GLY C 328 1.24 13.01 -0.77
N ARG C 329 0.13 13.44 -1.39
CA ARG C 329 -0.98 12.55 -1.69
C ARG C 329 -0.54 11.52 -2.73
N ASP C 330 0.12 12.00 -3.79
CA ASP C 330 0.65 11.11 -4.81
C ASP C 330 1.60 10.07 -4.23
N LEU C 331 2.47 10.51 -3.31
CA LEU C 331 3.42 9.58 -2.73
C LEU C 331 2.71 8.44 -2.03
N LEU C 332 1.72 8.76 -1.21
CA LEU C 332 1.00 7.71 -0.51
C LEU C 332 0.18 6.82 -1.45
N ALA C 333 -0.20 7.32 -2.61
CA ALA C 333 -0.96 6.56 -3.58
C ALA C 333 -0.08 5.86 -4.62
N ASN C 334 1.22 6.06 -4.56
CA ASN C 334 2.11 5.54 -5.59
C ASN C 334 2.02 4.01 -5.62
N PRO C 335 1.62 3.40 -6.75
CA PRO C 335 1.41 1.94 -6.75
C PRO C 335 2.72 1.17 -6.72
N GLN C 336 3.84 1.77 -7.11
CA GLN C 336 5.13 1.08 -6.98
C GLN C 336 5.53 0.98 -5.52
N LEU C 337 5.41 2.08 -4.77
CA LEU C 337 5.71 2.04 -3.36
C LEU C 337 4.78 1.12 -2.60
N ALA C 338 3.51 1.05 -3.03
CA ALA C 338 2.58 0.10 -2.43
C ALA C 338 3.03 -1.32 -2.68
N HIS C 339 3.39 -1.63 -3.94
CA HIS C 339 3.87 -2.96 -4.27
C HIS C 339 5.09 -3.33 -3.41
N ARG C 340 5.95 -2.36 -3.13
CA ARG C 340 7.18 -2.57 -2.39
C ARG C 340 7.00 -2.54 -0.88
N GLY C 341 5.81 -2.25 -0.38
CA GLY C 341 5.59 -2.17 1.05
C GLY C 341 6.42 -1.11 1.75
N PHE C 342 6.65 0.02 1.08
CA PHE C 342 7.57 1.03 1.60
C PHE C 342 7.02 1.71 2.85
N TRP C 343 5.75 2.10 2.82
CA TRP C 343 5.18 2.87 3.92
C TRP C 343 5.04 2.00 5.16
N GLN C 344 5.57 2.49 6.28
CA GLN C 344 5.56 1.77 7.54
C GLN C 344 4.61 2.45 8.52
N THR C 345 3.66 1.68 9.06
CA THR C 345 2.68 2.20 10.00
C THR C 345 2.86 1.51 11.34
N GLN C 346 2.99 2.31 12.39
CA GLN C 346 3.25 1.78 13.73
C GLN C 346 2.47 2.59 14.74
N PHE C 347 1.71 1.91 15.60
CA PHE C 347 0.93 2.58 16.62
C PHE C 347 1.87 3.23 17.63
N ASN C 348 1.55 4.45 18.01
CA ASN C 348 2.34 5.21 18.96
C ASN C 348 1.53 5.37 20.25
N ASP C 349 2.05 4.80 21.35
CA ASP C 349 1.26 4.80 22.58
C ASP C 349 1.27 6.17 23.25
N THR C 350 2.29 6.99 23.02
CA THR C 350 2.27 8.33 23.58
C THR C 350 1.23 9.19 22.88
N LEU C 351 1.11 9.06 21.56
CA LEU C 351 0.12 9.80 20.80
C LEU C 351 -1.25 9.13 20.82
N GLY C 352 -1.30 7.83 21.11
CA GLY C 352 -2.56 7.10 21.00
C GLY C 352 -3.09 7.02 19.58
N ALA C 353 -2.20 6.88 18.61
CA ALA C 353 -2.59 6.81 17.21
C ALA C 353 -1.52 6.11 16.41
N ASN C 354 -1.90 5.66 15.22
CA ASN C 354 -0.94 5.17 14.24
C ASN C 354 -0.19 6.33 13.59
N VAL C 355 1.08 6.09 13.27
CA VAL C 355 1.90 7.04 12.53
C VAL C 355 2.50 6.30 11.35
N THR C 356 2.42 6.90 10.17
CA THR C 356 2.96 6.30 8.95
C THR C 356 4.28 7.00 8.62
N TYR C 357 5.30 6.20 8.34
CA TYR C 357 6.65 6.67 8.11
C TYR C 357 7.17 6.18 6.76
N PRO C 358 8.14 6.88 6.17
CA PRO C 358 8.92 6.26 5.10
C PRO C 358 9.58 4.99 5.62
N GLY C 359 9.85 4.07 4.69
CA GLY C 359 10.41 2.77 5.03
C GLY C 359 11.85 2.60 4.64
N ALA C 360 12.21 1.38 4.29
CA ALA C 360 13.60 1.03 4.10
C ALA C 360 14.16 1.64 2.82
N PRO C 361 15.35 2.26 2.87
CA PRO C 361 16.00 2.72 1.63
C PRO C 361 16.80 1.62 0.94
N TYR C 362 17.04 0.48 1.59
N TYR C 362 17.03 0.47 1.58
CA TYR C 362 17.78 -0.60 0.97
CA TYR C 362 17.78 -0.60 0.97
C TYR C 362 17.25 -1.93 1.47
C TYR C 362 17.24 -1.93 1.46
N GLU C 363 17.64 -2.98 0.78
CA GLU C 363 17.36 -4.37 1.12
C GLU C 363 18.66 -5.15 1.16
N PHE C 364 18.75 -6.13 2.07
CA PHE C 364 19.94 -6.95 2.23
C PHE C 364 19.59 -8.42 2.11
N GLY C 365 20.55 -9.22 1.64
CA GLY C 365 20.33 -10.65 1.54
C GLY C 365 20.18 -11.34 2.88
N GLU C 366 20.85 -10.83 3.91
CA GLU C 366 20.84 -11.44 5.24
C GLU C 366 20.35 -10.50 6.33
N MET C 367 20.78 -9.25 6.29
CA MET C 367 20.32 -8.29 7.29
C MET C 367 18.87 -7.89 7.03
N GLN C 368 18.23 -7.41 8.08
CA GLN C 368 16.83 -7.00 8.04
C GLN C 368 16.71 -5.54 8.46
N TRP C 369 16.19 -4.72 7.56
CA TRP C 369 15.87 -3.35 7.94
C TRP C 369 14.63 -3.33 8.83
N ARG C 370 14.60 -2.40 9.76
CA ARG C 370 13.40 -2.23 10.56
C ARG C 370 13.26 -0.79 11.02
N LEU C 371 12.02 -0.37 11.24
CA LEU C 371 11.76 0.96 11.78
C LEU C 371 12.21 1.06 13.23
N GLY C 372 11.95 0.02 14.00
CA GLY C 372 12.35 0.01 15.38
C GLY C 372 11.31 0.65 16.28
N ARG C 373 11.73 0.83 17.53
CA ARG C 373 10.81 1.31 18.54
C ARG C 373 10.42 2.76 18.29
N ASN C 374 9.24 3.13 18.81
CA ASN C 374 8.82 4.52 18.73
C ASN C 374 9.85 5.42 19.40
N ALA C 375 10.03 6.61 18.83
CA ALA C 375 11.00 7.56 19.35
C ALA C 375 10.81 7.74 20.86
N PRO C 376 11.88 7.95 21.61
CA PRO C 376 11.75 7.97 23.07
C PRO C 376 11.11 9.26 23.56
N ARG C 377 10.41 9.14 24.68
CA ARG C 377 10.09 10.32 25.47
C ARG C 377 11.34 10.78 26.22
N LEU C 378 11.31 12.02 26.69
CA LEU C 378 12.51 12.61 27.27
C LEU C 378 12.92 11.85 28.52
N GLY C 379 14.17 11.36 28.52
CA GLY C 379 14.65 10.60 29.66
C GLY C 379 13.93 9.30 29.88
N GLU C 380 13.25 8.79 28.84
CA GLU C 380 12.44 7.59 29.03
C GLU C 380 13.28 6.42 29.50
N HIS C 381 14.52 6.29 29.01
CA HIS C 381 15.35 5.13 29.30
C HIS C 381 16.57 5.48 30.14
N THR C 382 16.61 6.67 30.73
CA THR C 382 17.76 7.08 31.53
C THR C 382 18.10 6.05 32.59
N ARG C 383 17.08 5.63 33.34
CA ARG C 383 17.29 4.69 34.43
C ARG C 383 17.92 3.39 33.95
N GLU C 384 17.29 2.73 32.98
CA GLU C 384 17.78 1.41 32.58
C GLU C 384 19.13 1.49 31.90
N VAL C 385 19.37 2.56 31.14
CA VAL C 385 20.66 2.70 30.47
C VAL C 385 21.78 2.88 31.48
N LEU C 386 21.55 3.72 32.50
CA LEU C 386 22.56 3.89 33.54
C LEU C 386 22.72 2.61 34.35
N ALA C 387 21.63 1.92 34.65
CA ALA C 387 21.76 0.62 35.31
C ALA C 387 22.60 -0.33 34.46
N GLY C 388 22.42 -0.29 33.14
CA GLY C 388 23.21 -1.09 32.24
C GLY C 388 24.69 -0.78 32.27
N CYS C 389 25.05 0.43 32.68
CA CYS C 389 26.46 0.81 32.78
C CYS C 389 27.06 0.47 34.13
N GLY C 390 26.28 -0.08 35.05
CA GLY C 390 26.79 -0.47 36.34
C GLY C 390 26.42 0.44 37.47
N TYR C 391 25.58 1.44 37.23
CA TYR C 391 25.14 2.35 38.28
C TYR C 391 24.12 1.66 39.16
N SER C 392 24.28 1.77 40.47
CA SER C 392 23.30 1.26 41.41
C SER C 392 22.02 2.09 41.34
N ALA C 393 20.92 1.50 41.83
CA ALA C 393 19.68 2.25 41.94
C ALA C 393 19.87 3.50 42.78
N SER C 394 20.73 3.42 43.80
CA SER C 394 20.98 4.57 44.67
C SER C 394 21.83 5.62 43.95
N GLU C 395 22.83 5.20 43.19
CA GLU C 395 23.63 6.15 42.43
C GLU C 395 22.78 6.90 41.41
N ILE C 396 21.84 6.19 40.78
CA ILE C 396 20.97 6.86 39.82
C ILE C 396 20.10 7.90 40.51
N ASP C 397 19.48 7.52 41.63
CA ASP C 397 18.69 8.48 42.41
C ASP C 397 19.50 9.73 42.75
N ASN C 398 20.75 9.57 43.19
CA ASN C 398 21.55 10.74 43.53
C ASN C 398 21.92 11.55 42.29
N LEU C 399 22.21 10.88 41.17
CA LEU C 399 22.48 11.62 39.93
C LEU C 399 21.27 12.46 39.52
N VAL C 400 20.08 11.88 39.66
CA VAL C 400 18.86 12.64 39.39
C VAL C 400 18.75 13.79 40.38
N ARG C 401 19.13 13.53 41.64
CA ARG C 401 18.95 14.50 42.71
C ARG C 401 19.86 15.70 42.50
N GLU C 402 21.09 15.49 42.04
CA GLU C 402 21.98 16.61 41.78
C GLU C 402 21.68 17.29 40.45
N GLY C 403 20.79 16.73 39.64
CA GLY C 403 20.51 17.27 38.33
C GLY C 403 21.49 16.86 37.27
N ALA C 404 22.30 15.82 37.51
CA ALA C 404 23.28 15.39 36.53
C ALA C 404 22.63 14.65 35.37
N VAL C 405 21.52 13.96 35.62
CA VAL C 405 20.74 13.29 34.59
C VAL C 405 19.28 13.59 34.86
N TYR C 406 18.44 13.31 33.88
CA TYR C 406 17.00 13.44 34.04
C TYR C 406 16.32 12.15 33.60
N ALA C 407 15.60 11.52 34.52
CA ALA C 407 14.80 10.34 34.24
C ALA C 407 13.34 10.73 34.22
N GLU C 408 12.58 10.12 33.31
CA GLU C 408 11.15 10.42 33.26
C GLU C 408 10.44 9.77 34.45
N GLN C 409 9.23 10.26 34.72
CA GLN C 409 8.48 9.87 35.90
C GLN C 409 7.23 9.05 35.56
N VAL D 5 51.06 6.24 6.20
CA VAL D 5 49.71 6.40 5.66
C VAL D 5 48.85 5.16 5.86
N GLU D 6 47.82 5.31 6.69
CA GLU D 6 46.86 4.25 6.94
C GLU D 6 45.56 4.55 6.22
N ARG D 7 44.99 3.53 5.58
CA ARG D 7 43.79 3.68 4.77
C ARG D 7 42.68 2.77 5.28
N ALA D 8 41.48 3.35 5.41
CA ALA D 8 40.39 2.66 6.08
C ALA D 8 39.93 1.42 5.31
N LEU D 9 40.02 1.44 3.97
CA LEU D 9 39.59 0.30 3.16
C LEU D 9 40.78 -0.37 2.47
N GLU D 10 41.94 -0.37 3.12
CA GLU D 10 43.11 -1.05 2.60
C GLU D 10 42.79 -2.48 2.20
N GLY D 11 43.22 -2.85 0.99
CA GLY D 11 43.07 -4.20 0.51
C GLY D 11 41.74 -4.52 -0.15
N ILE D 12 40.74 -3.66 -0.02
CA ILE D 12 39.44 -3.88 -0.62
C ILE D 12 39.53 -3.70 -2.13
N VAL D 13 38.88 -4.61 -2.87
CA VAL D 13 38.86 -4.59 -4.33
C VAL D 13 37.41 -4.47 -4.78
N VAL D 14 37.15 -3.57 -5.72
CA VAL D 14 35.80 -3.30 -6.20
C VAL D 14 35.76 -3.59 -7.70
N CYS D 15 34.85 -4.47 -8.10
CA CYS D 15 34.51 -4.74 -9.50
C CYS D 15 33.37 -3.79 -9.85
N ASP D 16 33.67 -2.72 -10.58
CA ASP D 16 32.79 -1.57 -10.68
C ASP D 16 32.21 -1.44 -12.08
N PHE D 17 30.98 -1.92 -12.26
CA PHE D 17 30.24 -1.73 -13.49
C PHE D 17 29.50 -0.40 -13.55
N SER D 18 29.50 0.39 -12.47
CA SER D 18 28.59 1.51 -12.36
C SER D 18 29.02 2.64 -13.29
N TRP D 19 28.06 3.48 -13.67
CA TRP D 19 28.30 4.56 -14.63
C TRP D 19 27.34 5.72 -14.42
N VAL D 20 27.65 6.83 -15.11
CA VAL D 20 26.86 8.06 -15.06
C VAL D 20 26.86 8.51 -13.61
N GLY D 21 25.67 8.63 -13.02
CA GLY D 21 25.53 9.17 -11.70
C GLY D 21 25.24 8.12 -10.61
N ALA D 22 25.35 8.59 -9.38
CA ALA D 22 25.19 7.78 -8.15
C ALA D 22 26.22 6.67 -7.95
N GLY D 23 26.27 5.73 -8.89
CA GLY D 23 27.17 4.60 -8.72
C GLY D 23 28.63 5.07 -8.67
N PRO D 24 29.01 5.80 -9.73
CA PRO D 24 30.43 6.24 -9.79
C PRO D 24 30.89 7.10 -8.60
N ILE D 25 30.05 8.02 -8.16
CA ILE D 25 30.42 8.86 -7.03
C ILE D 25 30.60 7.98 -5.79
N ALA D 26 29.75 6.95 -5.63
CA ALA D 26 29.89 6.04 -4.49
C ALA D 26 31.24 5.32 -4.51
N THR D 27 31.60 4.75 -5.67
CA THR D 27 32.89 4.05 -5.74
C THR D 27 34.06 5.02 -5.70
N SER D 28 33.86 6.29 -6.09
CA SER D 28 34.91 7.28 -5.89
C SER D 28 35.27 7.43 -4.41
N VAL D 29 34.25 7.39 -3.54
CA VAL D 29 34.51 7.50 -2.10
C VAL D 29 35.32 6.30 -1.63
N LEU D 30 34.94 5.10 -2.08
CA LEU D 30 35.68 3.90 -1.71
C LEU D 30 37.14 4.01 -2.13
N ALA D 31 37.40 4.51 -3.34
CA ALA D 31 38.76 4.64 -3.82
C ALA D 31 39.55 5.63 -2.99
N GLN D 32 38.89 6.72 -2.54
CA GLN D 32 39.60 7.67 -1.69
C GLN D 32 39.97 7.05 -0.35
N CYS D 33 39.31 5.96 0.05
CA CYS D 33 39.61 5.27 1.29
C CYS D 33 40.63 4.15 1.10
N GLY D 34 41.24 4.06 -0.07
CA GLY D 34 42.26 3.06 -0.35
C GLY D 34 41.80 1.83 -1.10
N ALA D 35 40.50 1.69 -1.39
CA ALA D 35 40.04 0.56 -2.16
C ALA D 35 40.55 0.63 -3.60
N ASP D 36 40.88 -0.54 -4.15
CA ASP D 36 41.25 -0.68 -5.55
C ASP D 36 39.96 -0.79 -6.35
N VAL D 37 39.53 0.30 -6.96
CA VAL D 37 38.29 0.35 -7.71
C VAL D 37 38.62 0.14 -9.19
N ILE D 38 38.19 -0.98 -9.73
CA ILE D 38 38.45 -1.33 -11.13
C ILE D 38 37.15 -1.12 -11.89
N ARG D 39 37.09 0.00 -12.61
CA ARG D 39 35.92 0.33 -13.41
C ARG D 39 35.94 -0.41 -14.73
N ILE D 40 34.82 -1.06 -15.07
CA ILE D 40 34.66 -1.75 -16.35
C ILE D 40 33.89 -0.80 -17.26
N GLU D 41 34.57 -0.29 -18.29
CA GLU D 41 33.97 0.64 -19.23
C GLU D 41 34.36 0.22 -20.64
N SER D 42 33.40 -0.01 -21.52
CA SER D 42 33.73 -0.41 -22.88
C SER D 42 33.76 0.79 -23.80
N VAL D 43 34.63 0.71 -24.81
CA VAL D 43 34.65 1.67 -25.90
C VAL D 43 33.32 1.62 -26.65
N LYS D 44 32.62 0.49 -26.59
CA LYS D 44 31.33 0.32 -27.26
C LYS D 44 30.22 1.15 -26.63
N ARG D 45 30.29 1.44 -25.34
CA ARG D 45 29.26 2.24 -24.68
C ARG D 45 29.92 3.11 -23.63
N PRO D 46 30.63 4.21 -24.04
CA PRO D 46 31.34 5.10 -23.07
C PRO D 46 30.33 5.80 -22.18
N ASP D 47 30.73 6.05 -20.94
CA ASP D 47 29.93 6.79 -19.99
C ASP D 47 29.40 8.05 -20.64
N THR D 48 28.07 8.25 -20.59
CA THR D 48 27.48 9.41 -21.25
C THR D 48 28.10 10.72 -20.76
N LEU D 49 28.59 10.76 -19.51
CA LEU D 49 29.14 12.01 -19.00
C LEU D 49 30.42 12.42 -19.71
N ARG D 50 31.13 11.47 -20.32
CA ARG D 50 32.33 11.81 -21.06
C ARG D 50 32.05 12.72 -22.25
N ARG D 51 30.79 12.77 -22.69
CA ARG D 51 30.38 13.62 -23.79
C ARG D 51 29.54 14.80 -23.32
N GLY D 52 29.60 15.14 -22.02
CA GLY D 52 28.80 16.22 -21.44
C GLY D 52 29.65 17.38 -20.94
N GLU D 53 29.18 18.58 -21.25
CA GLU D 53 29.76 19.79 -20.72
C GLU D 53 29.72 19.73 -19.20
N PRO D 54 30.67 20.43 -18.50
CA PRO D 54 31.76 21.29 -19.03
C PRO D 54 32.98 20.52 -19.52
N PHE D 55 33.65 21.05 -20.55
CA PHE D 55 34.90 20.50 -21.05
C PHE D 55 36.02 21.50 -20.80
N LYS D 56 37.24 20.98 -20.64
CA LYS D 56 38.42 21.84 -20.58
C LYS D 56 38.39 22.84 -21.73
N ASP D 57 38.41 24.12 -21.38
CA ASP D 57 38.36 25.25 -22.33
C ASP D 57 37.17 25.17 -23.27
N GLY D 58 36.12 24.44 -22.89
CA GLY D 58 34.96 24.31 -23.73
C GLY D 58 35.18 23.51 -24.99
N ILE D 59 36.27 22.74 -25.06
CA ILE D 59 36.60 21.94 -26.23
C ILE D 59 36.25 20.50 -25.87
N GLY D 60 35.16 20.00 -26.47
CA GLY D 60 34.63 18.69 -26.11
C GLY D 60 35.05 17.57 -27.02
N THR D 61 36.29 17.64 -27.52
CA THR D 61 36.80 16.62 -28.41
C THR D 61 37.19 15.38 -27.65
N GLY D 62 36.86 14.22 -28.22
CA GLY D 62 37.24 12.99 -27.59
C GLY D 62 36.38 12.76 -26.36
N LEU D 63 36.88 11.87 -25.50
CA LEU D 63 36.10 11.37 -24.38
C LEU D 63 36.74 11.65 -23.04
N ASP D 64 37.86 12.38 -22.99
CA ASP D 64 38.60 12.57 -21.76
C ASP D 64 38.75 14.03 -21.35
N ARG D 65 37.83 14.88 -21.80
CA ARG D 65 37.92 16.30 -21.49
C ARG D 65 36.79 16.81 -20.61
N SER D 66 35.84 15.97 -20.24
CA SER D 66 34.65 16.43 -19.51
C SER D 66 34.91 16.46 -18.01
N GLY D 67 34.66 17.62 -17.39
CA GLY D 67 34.64 17.69 -15.95
C GLY D 67 33.42 17.04 -15.32
N TYR D 68 32.33 16.93 -16.07
CA TYR D 68 31.16 16.20 -15.60
C TYR D 68 31.55 14.77 -15.25
N PHE D 69 32.18 14.08 -16.20
CA PHE D 69 32.66 12.73 -15.96
C PHE D 69 33.81 12.72 -14.96
N ALA D 70 34.82 13.56 -15.19
CA ALA D 70 36.07 13.41 -14.46
C ALA D 70 35.85 13.48 -12.95
N ALA D 71 35.04 14.44 -12.49
CA ALA D 71 34.95 14.71 -11.05
C ALA D 71 34.43 13.52 -10.27
N ARG D 72 33.78 12.57 -10.95
CA ARG D 72 33.18 11.39 -10.33
C ARG D 72 34.05 10.15 -10.42
N ASN D 73 35.26 10.29 -10.92
CA ASN D 73 36.03 9.11 -11.28
C ASN D 73 37.51 9.25 -10.97
N ALA D 74 37.88 10.15 -10.07
CA ALA D 74 39.25 10.20 -9.59
C ALA D 74 39.62 8.88 -8.92
N ASN D 75 40.91 8.55 -8.98
CA ASN D 75 41.54 7.47 -8.23
C ASN D 75 41.10 6.09 -8.67
N LYS D 76 40.46 5.96 -9.83
CA LYS D 76 40.00 4.65 -10.29
C LYS D 76 40.90 4.09 -11.39
N ARG D 77 40.93 2.77 -11.47
CA ARG D 77 41.48 2.04 -12.61
C ARG D 77 40.33 1.72 -13.55
N ASP D 78 40.66 1.47 -14.82
CA ASP D 78 39.67 1.37 -15.89
C ASP D 78 40.14 0.31 -16.87
N ILE D 79 39.35 -0.76 -17.02
CA ILE D 79 39.61 -1.79 -18.02
C ILE D 79 38.48 -1.74 -19.04
N ALA D 80 38.83 -1.93 -20.31
CA ALA D 80 37.87 -1.71 -21.40
C ALA D 80 37.31 -3.04 -21.90
N LEU D 81 36.41 -3.60 -21.10
CA LEU D 81 35.85 -4.91 -21.35
C LEU D 81 34.51 -4.73 -22.06
N ASP D 82 34.40 -5.27 -23.28
CA ASP D 82 33.13 -5.32 -24.01
C ASP D 82 32.35 -6.50 -23.48
N MET D 83 31.45 -6.25 -22.51
CA MET D 83 30.74 -7.31 -21.82
C MET D 83 29.77 -8.08 -22.71
N ASN D 84 29.48 -7.60 -23.91
CA ASN D 84 28.67 -8.35 -24.86
C ASN D 84 29.48 -9.26 -25.76
N HIS D 85 30.80 -9.22 -25.64
CA HIS D 85 31.63 -10.15 -26.38
C HIS D 85 31.51 -11.53 -25.74
N PRO D 86 31.33 -12.60 -26.53
CA PRO D 86 31.20 -13.93 -25.91
C PRO D 86 32.33 -14.30 -24.96
N SER D 87 33.55 -13.87 -25.23
CA SER D 87 34.70 -14.17 -24.39
C SER D 87 34.84 -13.26 -23.17
N ALA D 88 34.01 -12.22 -23.05
CA ALA D 88 34.18 -11.26 -21.96
C ALA D 88 33.82 -11.83 -20.60
N ARG D 89 32.78 -12.66 -20.51
CA ARG D 89 32.33 -13.14 -19.20
C ARG D 89 33.46 -13.79 -18.43
N GLU D 90 34.34 -14.54 -19.12
CA GLU D 90 35.46 -15.22 -18.46
C GLU D 90 36.40 -14.24 -17.79
N VAL D 91 36.61 -13.07 -18.40
CA VAL D 91 37.45 -12.06 -17.79
C VAL D 91 36.77 -11.47 -16.56
N ALA D 92 35.49 -11.14 -16.69
CA ALA D 92 34.75 -10.58 -15.57
C ALA D 92 34.72 -11.56 -14.40
N VAL D 93 34.57 -12.85 -14.68
CA VAL D 93 34.56 -13.84 -13.61
C VAL D 93 35.88 -13.84 -12.86
N ARG D 94 37.00 -13.79 -13.58
CA ARG D 94 38.30 -13.72 -12.93
C ARG D 94 38.36 -12.53 -11.99
N LEU D 95 37.84 -11.38 -12.42
CA LEU D 95 37.88 -10.19 -11.58
C LEU D 95 36.96 -10.34 -10.38
N ILE D 96 35.73 -10.81 -10.61
CA ILE D 96 34.78 -11.02 -9.51
C ILE D 96 35.37 -11.95 -8.46
N ALA D 97 36.14 -12.95 -8.89
CA ALA D 97 36.75 -13.88 -7.95
C ALA D 97 37.74 -13.18 -7.03
N LYS D 98 38.25 -12.03 -7.43
CA LYS D 98 39.21 -11.28 -6.63
C LYS D 98 38.61 -10.06 -5.95
N SER D 99 37.30 -9.84 -6.09
CA SER D 99 36.66 -8.61 -5.67
C SER D 99 35.87 -8.80 -4.39
N ASP D 100 35.93 -7.80 -3.51
CA ASP D 100 35.10 -7.79 -2.31
C ASP D 100 33.70 -7.26 -2.60
N ILE D 101 33.60 -6.36 -3.57
CA ILE D 101 32.34 -5.68 -3.90
C ILE D 101 32.17 -5.75 -5.40
N VAL D 102 30.98 -6.14 -5.84
CA VAL D 102 30.57 -6.09 -7.24
C VAL D 102 29.38 -5.14 -7.28
N ILE D 103 29.46 -4.10 -8.12
CA ILE D 103 28.44 -3.06 -8.08
C ILE D 103 28.05 -2.61 -9.49
N ASN D 104 26.78 -2.30 -9.66
CA ASN D 104 26.26 -1.83 -10.93
C ASN D 104 25.03 -0.98 -10.65
N ASN D 105 24.79 -0.02 -11.54
CA ASN D 105 23.53 0.74 -11.56
C ASN D 105 22.94 0.73 -12.96
N PHE D 106 22.93 -0.44 -13.60
CA PHE D 106 22.15 -0.63 -14.82
C PHE D 106 20.65 -0.69 -14.53
N ARG D 107 19.87 -0.63 -15.60
CA ARG D 107 18.46 -0.94 -15.48
C ARG D 107 18.29 -2.40 -15.04
N VAL D 108 17.14 -2.68 -14.45
CA VAL D 108 16.93 -4.01 -13.90
C VAL D 108 17.08 -5.04 -15.00
N GLY D 109 17.74 -6.16 -14.67
CA GLY D 109 17.86 -7.27 -15.59
C GLY D 109 19.14 -7.32 -16.40
N GLN D 110 19.94 -6.24 -16.41
CA GLN D 110 21.10 -6.20 -17.28
C GLN D 110 22.17 -7.21 -16.87
N MET D 111 22.48 -7.27 -15.58
CA MET D 111 23.50 -8.20 -15.13
C MET D 111 23.11 -9.63 -15.48
N GLU D 112 21.81 -9.95 -15.38
CA GLU D 112 21.33 -11.29 -15.69
C GLU D 112 21.51 -11.64 -17.16
N LYS D 113 21.43 -10.64 -18.05
CA LYS D 113 21.73 -10.88 -19.46
C LYS D 113 23.14 -11.41 -19.65
N TRP D 114 24.07 -10.99 -18.80
CA TRP D 114 25.45 -11.47 -18.84
C TRP D 114 25.68 -12.64 -17.89
N LYS D 115 24.61 -13.22 -17.35
CA LYS D 115 24.70 -14.33 -16.39
C LYS D 115 25.61 -13.94 -15.24
N LEU D 116 25.47 -12.71 -14.77
CA LEU D 116 26.22 -12.21 -13.63
C LEU D 116 25.28 -11.68 -12.55
N GLY D 117 24.16 -12.35 -12.36
CA GLY D 117 23.31 -12.10 -11.22
C GLY D 117 23.94 -12.61 -9.95
N TRP D 118 23.23 -12.40 -8.84
CA TRP D 118 23.77 -12.82 -7.56
C TRP D 118 24.01 -14.33 -7.49
N ASP D 119 23.09 -15.12 -8.05
CA ASP D 119 23.24 -16.56 -8.00
C ASP D 119 24.61 -16.98 -8.51
N GLU D 120 25.05 -16.38 -9.63
CA GLU D 120 26.33 -16.77 -10.18
C GLU D 120 27.49 -16.12 -9.44
N VAL D 121 27.34 -14.86 -9.01
CA VAL D 121 28.44 -14.19 -8.31
C VAL D 121 28.74 -14.89 -6.99
N GLN D 122 27.69 -15.30 -6.27
CA GLN D 122 27.88 -16.01 -5.01
C GLN D 122 28.64 -17.31 -5.21
N LYS D 123 28.46 -17.96 -6.36
CA LYS D 123 29.22 -19.17 -6.65
C LYS D 123 30.66 -18.85 -7.06
N ILE D 124 30.87 -17.73 -7.75
CA ILE D 124 32.23 -17.35 -8.10
C ILE D 124 33.00 -16.93 -6.87
N ASN D 125 32.35 -16.22 -5.96
CA ASN D 125 33.02 -15.63 -4.80
C ASN D 125 32.00 -15.48 -3.69
N PRO D 126 31.91 -16.44 -2.77
CA PRO D 126 30.97 -16.31 -1.65
C PRO D 126 31.28 -15.16 -0.70
N ARG D 127 32.44 -14.53 -0.81
CA ARG D 127 32.75 -13.35 -0.01
C ARG D 127 32.33 -12.05 -0.67
N ALA D 128 31.88 -12.07 -1.92
CA ALA D 128 31.57 -10.84 -2.64
C ALA D 128 30.27 -10.22 -2.14
N ILE D 129 30.27 -8.90 -2.05
CA ILE D 129 29.08 -8.12 -1.71
C ILE D 129 28.54 -7.58 -3.02
N TYR D 130 27.32 -8.02 -3.37
CA TYR D 130 26.75 -7.79 -4.69
C TYR D 130 25.76 -6.65 -4.58
N VAL D 131 26.11 -5.51 -5.15
CA VAL D 131 25.39 -4.26 -4.95
C VAL D 131 24.65 -3.92 -6.22
N THR D 132 23.35 -3.70 -6.09
CA THR D 132 22.56 -3.29 -7.23
C THR D 132 21.75 -2.06 -6.83
N MET D 133 21.54 -1.19 -7.79
CA MET D 133 20.77 0.03 -7.59
CA MET D 133 20.67 -0.05 -7.54
C MET D 133 19.76 0.13 -8.74
N SER D 134 18.49 0.27 -8.43
CA SER D 134 17.44 0.44 -9.41
C SER D 134 16.77 1.78 -9.15
N MET D 135 16.07 2.27 -10.16
CA MET D 135 15.35 3.51 -10.00
C MET D 135 14.36 3.43 -8.83
N GLN D 136 13.58 2.35 -8.77
CA GLN D 136 12.53 2.25 -7.74
C GLN D 136 12.15 0.81 -7.43
N GLY D 137 13.10 -0.10 -7.54
CA GLY D 137 12.86 -1.49 -7.19
C GLY D 137 12.93 -2.46 -8.35
N THR D 138 13.27 -3.72 -8.02
CA THR D 138 13.44 -4.72 -9.07
C THR D 138 12.11 -5.23 -9.58
N ASP D 139 11.09 -5.21 -8.74
CA ASP D 139 9.77 -5.68 -9.09
C ASP D 139 8.75 -4.57 -8.88
N GLY D 140 7.60 -4.72 -9.54
CA GLY D 140 6.52 -3.76 -9.42
C GLY D 140 6.10 -3.14 -10.73
N PRO D 141 4.95 -2.47 -10.72
CA PRO D 141 4.40 -1.93 -11.98
C PRO D 141 5.30 -0.91 -12.63
N HIS D 142 6.16 -0.24 -11.86
CA HIS D 142 7.02 0.82 -12.37
C HIS D 142 8.49 0.43 -12.36
N SER D 143 8.79 -0.86 -12.20
CA SER D 143 10.17 -1.31 -12.04
C SER D 143 10.98 -1.21 -13.34
N ARG D 144 10.32 -1.07 -14.49
CA ARG D 144 11.00 -0.92 -15.78
C ARG D 144 11.07 0.53 -16.23
N TYR D 145 10.61 1.44 -15.40
CA TYR D 145 10.69 2.87 -15.69
C TYR D 145 12.15 3.32 -15.55
N MET D 146 12.46 4.44 -16.20
CA MET D 146 13.81 5.01 -16.18
C MET D 146 13.75 6.49 -15.82
N GLY D 147 14.88 6.98 -15.36
CA GLY D 147 14.95 8.38 -14.96
C GLY D 147 16.33 8.81 -14.53
N TYR D 148 16.50 10.12 -14.49
CA TYR D 148 17.71 10.76 -14.00
C TYR D 148 17.42 11.41 -12.65
N GLY D 149 18.46 12.02 -12.07
CA GLY D 149 18.29 12.64 -10.76
C GLY D 149 17.13 13.60 -10.70
N VAL D 150 16.99 14.45 -11.72
CA VAL D 150 15.90 15.42 -11.73
C VAL D 150 14.56 14.72 -11.74
N ASN D 151 14.49 13.53 -12.36
CA ASN D 151 13.23 12.77 -12.36
C ASN D 151 12.90 12.26 -10.96
N LEU D 152 13.91 11.79 -10.24
CA LEU D 152 13.69 11.27 -8.90
C LEU D 152 13.41 12.40 -7.91
N ASN D 153 14.01 13.57 -8.12
CA ASN D 153 13.62 14.76 -7.36
C ASN D 153 12.12 14.97 -7.43
N ALA D 154 11.55 14.81 -8.62
CA ALA D 154 10.12 15.03 -8.82
C ALA D 154 9.30 13.87 -8.25
N LEU D 155 9.71 12.63 -8.54
CA LEU D 155 8.93 11.47 -8.12
C LEU D 155 8.95 11.31 -6.60
N CYS D 156 10.05 11.71 -5.93
CA CYS D 156 10.17 11.48 -4.50
C CYS D 156 9.48 12.55 -3.64
N GLY D 157 8.92 13.59 -4.26
CA GLY D 157 8.22 14.64 -3.54
C GLY D 157 9.04 15.88 -3.27
N LEU D 158 10.34 15.87 -3.57
CA LEU D 158 11.19 17.00 -3.26
C LEU D 158 10.81 18.23 -4.09
N THR D 159 10.64 18.05 -5.40
CA THR D 159 10.49 19.21 -6.27
C THR D 159 9.21 19.99 -5.96
N ALA D 160 8.12 19.29 -5.66
CA ALA D 160 6.89 20.00 -5.32
C ALA D 160 7.08 20.93 -4.14
N ARG D 161 7.97 20.59 -3.21
CA ARG D 161 8.19 21.38 -2.01
C ARG D 161 9.45 22.24 -2.12
N ALA D 162 9.95 22.43 -3.32
CA ALA D 162 11.12 23.28 -3.58
C ALA D 162 10.69 24.35 -4.59
N GLY D 163 10.11 25.44 -4.09
CA GLY D 163 9.64 26.50 -4.96
C GLY D 163 8.94 27.56 -4.15
N PHE D 164 8.51 28.62 -4.85
CA PHE D 164 7.78 29.72 -4.23
C PHE D 164 6.30 29.36 -4.19
N ALA D 165 5.64 29.67 -3.07
CA ALA D 165 4.21 29.44 -2.96
C ALA D 165 3.48 30.14 -4.10
N GLY D 166 2.62 29.41 -4.79
CA GLY D 166 1.84 29.98 -5.87
C GLY D 166 2.54 30.09 -7.20
N ALA D 167 3.75 29.58 -7.33
CA ALA D 167 4.51 29.61 -8.57
C ALA D 167 4.84 28.20 -9.02
N PRO D 168 5.23 28.01 -10.28
CA PRO D 168 5.72 26.69 -10.70
C PRO D 168 6.85 26.24 -9.80
N PRO D 169 6.89 24.97 -9.41
CA PRO D 169 8.01 24.47 -8.60
C PRO D 169 9.30 24.48 -9.40
N PHE D 170 10.41 24.51 -8.68
CA PHE D 170 11.71 24.56 -9.34
C PHE D 170 12.60 23.37 -9.05
N GLY D 171 12.49 22.77 -7.87
CA GLY D 171 13.44 21.75 -7.49
C GLY D 171 14.75 22.40 -7.03
N THR D 172 15.82 21.62 -7.14
CA THR D 172 17.14 22.07 -6.71
C THR D 172 17.94 22.74 -7.83
N GLY D 173 17.49 22.61 -9.07
CA GLY D 173 18.27 23.02 -10.21
C GLY D 173 19.29 22.00 -10.65
N THR D 174 19.29 20.81 -10.05
CA THR D 174 20.29 19.78 -10.28
C THR D 174 19.64 18.41 -10.26
N ASN D 175 20.44 17.39 -10.60
CA ASN D 175 20.06 15.98 -10.52
C ASN D 175 20.33 15.44 -9.10
N TYR D 176 19.80 16.15 -8.11
CA TYR D 176 20.24 16.04 -6.73
C TYR D 176 20.26 14.61 -6.18
N THR D 177 19.19 13.84 -6.40
N THR D 177 19.20 13.87 -6.42
CA THR D 177 19.12 12.51 -5.73
CA THR D 177 19.05 12.49 -5.88
C THR D 177 20.31 11.62 -6.06
C THR D 177 20.28 11.63 -6.08
N ASP D 178 20.91 11.80 -7.22
CA ASP D 178 22.08 10.99 -7.59
C ASP D 178 23.35 11.37 -6.85
N HIS D 179 23.43 12.60 -6.32
CA HIS D 179 24.69 13.14 -5.83
C HIS D 179 24.95 12.79 -4.38
N VAL D 180 23.91 12.68 -3.55
CA VAL D 180 24.12 12.42 -2.12
C VAL D 180 23.18 11.31 -1.62
N MET D 181 21.88 11.49 -1.81
CA MET D 181 20.93 10.52 -1.27
C MET D 181 21.26 9.09 -1.70
N VAL D 182 21.49 8.87 -2.98
CA VAL D 182 21.68 7.49 -3.45
C VAL D 182 23.08 6.98 -3.09
N PRO D 183 24.16 7.70 -3.41
CA PRO D 183 25.48 7.15 -3.08
C PRO D 183 25.72 6.94 -1.59
N THR D 184 25.18 7.80 -0.73
CA THR D 184 25.42 7.61 0.70
C THR D 184 24.74 6.36 1.22
N HIS D 185 23.48 6.12 0.85
CA HIS D 185 22.81 4.91 1.27
C HIS D 185 23.48 3.68 0.69
N THR D 186 23.95 3.79 -0.57
CA THR D 186 24.69 2.70 -1.17
C THR D 186 25.94 2.38 -0.36
N LEU D 187 26.71 3.41 -0.03
CA LEU D 187 27.96 3.21 0.69
C LEU D 187 27.69 2.62 2.07
N PHE D 188 26.67 3.13 2.76
CA PHE D 188 26.34 2.59 4.08
C PHE D 188 25.95 1.13 3.98
N GLY D 189 25.15 0.77 2.98
CA GLY D 189 24.79 -0.63 2.80
C GLY D 189 26.01 -1.50 2.53
N ILE D 190 26.91 -1.00 1.68
CA ILE D 190 28.17 -1.71 1.44
C ILE D 190 28.92 -1.92 2.74
N MET D 191 29.07 -0.86 3.53
CA MET D 191 29.85 -0.99 4.75
C MET D 191 29.15 -1.92 5.73
N ALA D 192 27.81 -1.87 5.80
CA ALA D 192 27.10 -2.78 6.68
C ALA D 192 27.39 -4.23 6.30
N ALA D 193 27.38 -4.53 4.99
CA ALA D 193 27.66 -5.88 4.54
C ALA D 193 29.11 -6.26 4.82
N LEU D 194 30.04 -5.31 4.69
CA LEU D 194 31.43 -5.62 5.01
C LEU D 194 31.59 -5.87 6.51
N LEU D 195 30.95 -5.07 7.34
CA LEU D 195 31.00 -5.32 8.78
C LEU D 195 30.43 -6.69 9.11
N GLU D 196 29.28 -7.03 8.53
CA GLU D 196 28.70 -8.35 8.77
C GLU D 196 29.63 -9.44 8.29
N ARG D 197 30.24 -9.26 7.12
CA ARG D 197 31.13 -10.29 6.58
C ARG D 197 32.30 -10.57 7.52
N GLU D 198 32.72 -9.57 8.30
CA GLU D 198 33.79 -9.80 9.25
C GLU D 198 33.41 -10.88 10.25
N VAL D 199 32.12 -11.03 10.53
CA VAL D 199 31.65 -11.99 11.53
C VAL D 199 31.21 -13.29 10.88
N THR D 200 30.49 -13.21 9.76
CA THR D 200 29.94 -14.40 9.12
C THR D 200 30.88 -15.03 8.10
N GLY D 201 31.85 -14.28 7.60
CA GLY D 201 32.67 -14.75 6.51
C GLY D 201 31.97 -14.81 5.18
N ARG D 202 30.75 -14.28 5.08
CA ARG D 202 29.97 -14.34 3.85
C ARG D 202 29.63 -12.94 3.36
N GLY D 203 29.68 -12.76 2.04
CA GLY D 203 29.07 -11.62 1.42
C GLY D 203 27.56 -11.78 1.36
N GLN D 204 26.90 -10.73 0.89
CA GLN D 204 25.46 -10.78 0.70
C GLN D 204 25.08 -9.71 -0.30
N THR D 205 23.81 -9.72 -0.71
CA THR D 205 23.32 -8.71 -1.64
C THR D 205 22.95 -7.43 -0.90
N VAL D 206 23.20 -6.30 -1.56
CA VAL D 206 22.78 -4.97 -1.13
C VAL D 206 22.01 -4.38 -2.31
N SER D 207 20.71 -4.17 -2.14
CA SER D 207 19.85 -3.67 -3.22
CA SER D 207 19.84 -3.68 -3.22
C SER D 207 19.16 -2.40 -2.75
N LEU D 208 19.33 -1.34 -3.53
CA LEU D 208 18.79 -0.03 -3.20
C LEU D 208 17.74 0.40 -4.22
N SER D 209 16.65 0.95 -3.72
CA SER D 209 15.71 1.73 -4.53
C SER D 209 16.11 3.20 -4.43
N GLN D 210 16.44 3.82 -5.56
CA GLN D 210 16.82 5.22 -5.52
C GLN D 210 15.66 6.09 -5.07
N LEU D 211 14.45 5.78 -5.55
CA LEU D 211 13.26 6.50 -5.10
C LEU D 211 13.12 6.44 -3.58
N GLU D 212 13.27 5.25 -3.00
CA GLU D 212 13.07 5.08 -1.56
C GLU D 212 14.20 5.71 -0.76
N SER D 213 15.43 5.71 -1.28
CA SER D 213 16.50 6.44 -0.61
C SER D 213 16.19 7.93 -0.56
N ALA D 214 15.62 8.46 -1.65
CA ALA D 214 15.35 9.89 -1.70
C ALA D 214 14.21 10.27 -0.75
N ILE D 215 13.13 9.47 -0.73
CA ILE D 215 12.02 9.79 0.17
C ILE D 215 12.49 9.73 1.62
N SER D 216 13.42 8.81 1.92
CA SER D 216 13.87 8.64 3.29
C SER D 216 14.54 9.90 3.82
N MET D 217 15.03 10.77 2.95
CA MET D 217 15.63 12.02 3.36
C MET D 217 14.72 13.24 3.14
N THR D 218 13.48 13.01 2.70
CA THR D 218 12.48 14.09 2.58
C THR D 218 11.17 13.62 3.19
N PRO D 219 11.16 13.32 4.49
CA PRO D 219 10.01 12.64 5.08
C PRO D 219 8.78 13.53 5.30
N SER D 220 8.93 14.85 5.30
CA SER D 220 7.82 15.69 5.76
C SER D 220 6.61 15.61 4.82
N ALA D 221 6.84 15.65 3.50
CA ALA D 221 5.72 15.65 2.57
C ALA D 221 4.82 14.42 2.74
N PRO D 222 5.35 13.19 2.72
CA PRO D 222 4.45 12.04 2.97
C PRO D 222 3.96 11.96 4.39
N MET D 223 4.78 12.30 5.38
CA MET D 223 4.34 12.16 6.77
C MET D 223 3.21 13.15 7.09
N ALA D 224 3.35 14.40 6.63
CA ALA D 224 2.32 15.39 6.89
C ALA D 224 1.01 15.01 6.22
N PHE D 225 1.08 14.45 5.00
CA PHE D 225 -0.15 14.06 4.35
C PHE D 225 -0.76 12.84 5.03
N ALA D 226 0.06 11.83 5.34
CA ALA D 226 -0.46 10.62 5.97
C ALA D 226 -1.09 10.90 7.33
N ALA D 227 -0.53 11.85 8.08
CA ALA D 227 -1.04 12.14 9.41
C ALA D 227 -2.22 13.10 9.40
N ASN D 228 -2.18 14.16 8.59
CA ASN D 228 -3.12 15.25 8.68
C ASN D 228 -4.01 15.40 7.45
N GLY D 229 -3.77 14.63 6.40
CA GLY D 229 -4.60 14.61 5.22
C GLY D 229 -4.50 15.83 4.31
N GLU D 230 -3.57 16.75 4.56
CA GLU D 230 -3.36 17.87 3.65
C GLU D 230 -1.93 17.88 3.13
N VAL D 231 -1.78 18.41 1.92
CA VAL D 231 -0.48 18.49 1.28
CA VAL D 231 -0.48 18.49 1.28
C VAL D 231 0.31 19.64 1.88
N LEU D 232 1.54 19.38 2.29
CA LEU D 232 2.41 20.42 2.81
C LEU D 232 3.05 21.16 1.65
N GLY D 233 2.77 22.45 1.52
CA GLY D 233 3.20 23.20 0.37
C GLY D 233 4.62 23.70 0.49
N PRO D 234 5.15 24.21 -0.62
CA PRO D 234 6.48 24.81 -0.61
C PRO D 234 6.47 26.13 0.14
N GLN D 235 7.66 26.58 0.57
CA GLN D 235 7.70 27.84 1.31
C GLN D 235 8.84 28.74 0.85
N GLY D 236 9.27 28.62 -0.41
CA GLY D 236 10.23 29.56 -0.96
C GLY D 236 11.55 29.48 -0.24
N TYR D 237 12.04 30.60 0.30
CA TYR D 237 13.20 30.60 1.18
C TYR D 237 12.83 30.95 2.62
N GLY D 238 11.56 30.87 2.96
CA GLY D 238 11.13 31.05 4.34
C GLY D 238 11.33 29.80 5.16
N ASP D 239 10.91 29.88 6.42
CA ASP D 239 11.00 28.76 7.34
C ASP D 239 9.74 28.74 8.18
N ALA D 240 9.41 27.56 8.72
CA ALA D 240 8.21 27.43 9.53
C ALA D 240 8.38 27.97 10.94
N GLU D 241 9.61 28.02 11.45
CA GLU D 241 9.88 28.47 12.82
C GLU D 241 10.77 29.69 12.86
N ALA D 242 11.88 29.68 12.13
CA ALA D 242 12.82 30.79 12.17
C ALA D 242 12.18 32.06 11.63
N ALA D 243 12.59 33.21 12.19
CA ALA D 243 12.04 34.50 11.79
C ALA D 243 12.86 35.65 12.35
N PRO D 244 13.39 36.55 11.50
CA PRO D 244 13.36 36.51 10.03
C PRO D 244 14.11 35.29 9.50
N HIS D 245 13.80 34.86 8.29
CA HIS D 245 14.49 33.74 7.65
C HIS D 245 14.34 33.96 6.15
N GLY D 246 15.41 34.31 5.45
CA GLY D 246 15.25 34.53 4.03
C GLY D 246 16.52 34.93 3.33
N VAL D 247 16.32 35.31 2.07
CA VAL D 247 17.38 35.65 1.13
C VAL D 247 17.18 37.11 0.73
N TYR D 248 18.20 37.93 0.91
CA TYR D 248 18.06 39.37 0.83
C TYR D 248 19.16 39.97 -0.03
N THR D 249 18.80 40.95 -0.89
CA THR D 249 19.78 41.55 -1.81
C THR D 249 20.83 42.32 -1.05
N THR D 250 22.07 42.24 -1.53
CA THR D 250 23.21 43.05 -1.11
C THR D 250 23.81 43.66 -2.37
N LEU D 251 24.87 44.42 -2.19
CA LEU D 251 25.43 45.20 -3.29
C LEU D 251 26.19 44.31 -4.27
N GLY D 252 25.88 44.46 -5.55
CA GLY D 252 26.57 43.75 -6.61
C GLY D 252 25.63 42.96 -7.48
N TYR D 253 26.22 42.35 -8.50
CA TYR D 253 25.45 41.59 -9.50
C TYR D 253 24.95 40.29 -8.90
N ARG D 254 23.64 40.12 -8.91
CA ARG D 254 22.98 38.91 -8.42
C ARG D 254 23.55 38.50 -7.05
N LYS D 255 23.62 39.47 -6.15
CA LYS D 255 24.21 39.28 -4.83
C LYS D 255 23.09 39.18 -3.79
N TRP D 256 23.10 38.11 -3.02
CA TRP D 256 22.18 37.94 -1.92
C TRP D 256 22.91 37.42 -0.70
N ILE D 257 22.33 37.67 0.46
CA ILE D 257 22.78 37.11 1.72
C ILE D 257 21.62 36.37 2.36
N ALA D 258 21.92 35.19 2.90
CA ALA D 258 20.95 34.43 3.69
C ALA D 258 21.09 34.81 5.16
N ILE D 259 19.97 35.10 5.81
CA ILE D 259 19.95 35.42 7.23
C ILE D 259 18.85 34.58 7.88
N ALA D 260 19.17 33.97 9.01
CA ALA D 260 18.23 33.08 9.69
C ALA D 260 18.31 33.32 11.18
N VAL D 261 17.18 33.71 11.78
CA VAL D 261 17.11 34.12 13.17
C VAL D 261 16.18 33.15 13.89
N PHE D 262 16.68 32.54 14.97
CA PHE D 262 15.99 31.46 15.66
C PHE D 262 15.55 31.76 17.09
N ASP D 263 15.94 32.90 17.66
CA ASP D 263 15.44 33.23 19.00
C ASP D 263 15.56 34.74 19.20
N ASP D 264 15.04 35.22 20.33
CA ASP D 264 15.04 36.64 20.60
C ASP D 264 16.45 37.20 20.76
N ALA D 265 17.39 36.40 21.26
CA ALA D 265 18.77 36.87 21.39
C ALA D 265 19.37 37.17 20.02
N GLN D 266 19.14 36.30 19.05
CA GLN D 266 19.63 36.54 17.70
C GLN D 266 18.93 37.73 17.03
N TRP D 267 17.64 37.92 17.32
CA TRP D 267 16.94 39.09 16.79
C TRP D 267 17.53 40.38 17.35
N ALA D 268 17.82 40.40 18.65
CA ALA D 268 18.46 41.58 19.24
C ALA D 268 19.82 41.83 18.60
N ALA D 269 20.58 40.77 18.33
CA ALA D 269 21.89 40.92 17.68
C ALA D 269 21.74 41.44 16.26
N LEU D 270 20.74 40.94 15.53
CA LEU D 270 20.49 41.46 14.20
C LEU D 270 20.09 42.93 14.25
N ARG D 271 19.20 43.30 15.19
CA ARG D 271 18.83 44.70 15.28
C ARG D 271 20.05 45.58 15.52
N ARG D 272 20.95 45.14 16.40
CA ARG D 272 22.15 45.92 16.69
C ARG D 272 23.04 46.06 15.46
N VAL D 273 23.19 44.99 14.68
CA VAL D 273 23.98 45.10 13.46
C VAL D 273 23.32 46.06 12.49
N MET D 274 22.00 46.12 12.49
CA MET D 274 21.27 47.05 11.63
C MET D 274 21.33 48.48 12.12
N GLY D 275 21.93 48.73 13.28
CA GLY D 275 21.95 50.06 13.85
C GLY D 275 20.75 50.39 14.69
N ASN D 276 20.02 49.38 15.16
CA ASN D 276 18.84 49.57 15.98
C ASN D 276 17.89 50.59 15.33
N PRO D 277 17.43 50.34 14.12
CA PRO D 277 16.43 51.22 13.50
C PRO D 277 15.13 51.16 14.26
N PRO D 278 14.45 52.29 14.45
CA PRO D 278 13.20 52.25 15.24
C PRO D 278 12.21 51.19 14.80
N TRP D 279 12.08 50.94 13.49
CA TRP D 279 11.05 50.02 13.02
C TRP D 279 11.21 48.62 13.62
N ALA D 280 12.44 48.18 13.84
CA ALA D 280 12.65 46.82 14.33
C ALA D 280 12.35 46.67 15.80
N GLU D 281 12.18 47.78 16.55
CA GLU D 281 11.83 47.73 17.95
C GLU D 281 10.34 47.54 18.19
N ASP D 282 9.53 47.55 17.13
CA ASP D 282 8.09 47.45 17.25
C ASP D 282 7.68 46.15 17.94
N ASP D 283 6.52 46.21 18.63
CA ASP D 283 5.99 45.02 19.30
C ASP D 283 5.60 43.94 18.30
N GLY D 284 5.34 44.30 17.05
CA GLY D 284 5.09 43.33 15.98
C GLY D 284 6.27 42.47 15.61
N PHE D 285 7.48 42.77 16.10
CA PHE D 285 8.65 41.94 15.83
C PHE D 285 9.31 41.43 17.11
N ALA D 286 8.66 41.62 18.27
CA ALA D 286 9.33 41.38 19.53
C ALA D 286 9.46 39.89 19.87
N SER D 287 8.56 39.06 19.36
CA SER D 287 8.60 37.62 19.62
C SER D 287 8.68 36.86 18.30
N ALA D 288 9.16 35.61 18.39
CA ALA D 288 9.22 34.76 17.21
C ALA D 288 7.85 34.64 16.55
N GLU D 289 6.79 34.54 17.36
CA GLU D 289 5.45 34.39 16.79
C GLU D 289 5.03 35.62 16.00
N MET D 290 5.32 36.80 16.52
CA MET D 290 4.95 38.02 15.82
C MET D 290 5.81 38.22 14.57
N ARG D 291 7.10 37.88 14.64
CA ARG D 291 7.95 38.02 13.46
C ARG D 291 7.48 37.09 12.35
N ARG D 292 6.98 35.91 12.71
CA ARG D 292 6.39 35.04 11.70
C ARG D 292 5.11 35.66 11.14
N ARG D 293 4.24 36.14 12.02
CA ARG D 293 2.98 36.76 11.59
C ARG D 293 3.22 37.94 10.67
N ASN D 294 4.27 38.72 10.95
CA ASN D 294 4.58 39.91 10.17
C ASN D 294 5.76 39.69 9.22
N ALA D 295 5.92 38.46 8.72
CA ALA D 295 7.14 38.11 7.98
C ALA D 295 7.27 38.93 6.70
N ALA D 296 6.16 39.17 6.00
CA ALA D 296 6.22 39.88 4.73
C ALA D 296 6.81 41.28 4.92
N GLU D 297 6.24 42.04 5.86
CA GLU D 297 6.79 43.36 6.16
C GLU D 297 8.21 43.27 6.69
N LEU D 298 8.49 42.29 7.55
CA LEU D 298 9.82 42.15 8.10
C LEU D 298 10.85 41.93 7.00
N ASP D 299 10.53 41.03 6.06
CA ASP D 299 11.45 40.77 4.96
C ASP D 299 11.68 42.01 4.11
N GLU D 300 10.61 42.76 3.83
CA GLU D 300 10.76 43.97 3.02
C GLU D 300 11.66 44.97 3.73
N ARG D 301 11.48 45.14 5.04
CA ARG D 301 12.30 46.10 5.77
C ARG D 301 13.75 45.65 5.86
N ILE D 302 13.98 44.36 6.07
CA ILE D 302 15.37 43.88 6.12
C ILE D 302 16.03 44.07 4.76
N GLU D 303 15.33 43.75 3.67
CA GLU D 303 15.96 43.84 2.36
C GLU D 303 16.28 45.29 2.00
N ALA D 304 15.41 46.22 2.37
CA ALA D 304 15.68 47.63 2.13
C ALA D 304 17.04 48.02 2.72
N TRP D 305 17.39 47.42 3.86
CA TRP D 305 18.65 47.73 4.50
C TRP D 305 19.81 46.89 3.95
N THR D 306 19.64 45.57 3.79
CA THR D 306 20.77 44.77 3.28
C THR D 306 21.22 45.25 1.91
N ALA D 307 20.29 45.78 1.11
CA ALA D 307 20.63 46.24 -0.23
C ALA D 307 21.59 47.41 -0.24
N THR D 308 21.83 48.04 0.90
CA THR D 308 22.81 49.11 1.02
C THR D 308 24.17 48.62 1.50
N GLN D 309 24.33 47.31 1.70
CA GLN D 309 25.51 46.77 2.36
C GLN D 309 26.28 45.83 1.45
N TYR D 310 27.57 45.71 1.72
CA TYR D 310 28.36 44.64 1.13
C TYR D 310 28.09 43.34 1.88
N GLY D 311 27.78 42.27 1.14
CA GLY D 311 27.35 41.04 1.78
C GLY D 311 28.43 40.33 2.58
N ASP D 312 29.69 40.40 2.12
CA ASP D 312 30.73 39.72 2.89
C ASP D 312 30.97 40.44 4.21
N TRP D 313 31.00 41.78 4.20
CA TRP D 313 31.15 42.51 5.46
C TRP D 313 29.97 42.27 6.38
N LEU D 314 28.76 42.25 5.82
CA LEU D 314 27.57 42.03 6.64
C LEU D 314 27.58 40.63 7.24
N MET D 315 27.90 39.62 6.42
CA MET D 315 27.98 38.26 6.93
C MET D 315 28.95 38.15 8.09
N ALA D 316 30.16 38.71 7.92
CA ALA D 316 31.15 38.66 8.99
C ALA D 316 30.60 39.28 10.28
N GLU D 317 29.94 40.43 10.16
CA GLU D 317 29.41 41.11 11.35
C GLU D 317 28.36 40.27 12.02
N LEU D 318 27.44 39.69 11.23
CA LEU D 318 26.35 38.91 11.80
C LEU D 318 26.87 37.66 12.49
N LEU D 319 27.77 36.93 11.83
CA LEU D 319 28.35 35.74 12.43
C LEU D 319 29.11 36.09 13.70
N LYS D 320 29.82 37.22 13.70
CA LYS D 320 30.54 37.60 14.91
C LYS D 320 29.58 37.95 16.04
N ALA D 321 28.34 38.30 15.71
CA ALA D 321 27.32 38.60 16.70
C ALA D 321 26.44 37.40 17.01
N GLY D 322 26.76 36.23 16.48
CA GLY D 322 26.02 35.02 16.79
C GLY D 322 24.77 34.82 15.97
N VAL D 323 24.61 35.52 14.85
CA VAL D 323 23.42 35.43 14.01
C VAL D 323 23.78 34.58 12.80
N PRO D 324 23.10 33.46 12.56
CA PRO D 324 23.34 32.68 11.34
C PRO D 324 23.18 33.52 10.08
N ALA D 325 24.25 33.58 9.28
CA ALA D 325 24.21 34.31 8.02
C ALA D 325 25.23 33.72 7.07
N GLY D 326 24.92 33.83 5.77
CA GLY D 326 25.84 33.38 4.75
C GLY D 326 25.55 34.01 3.41
N GLU D 327 26.59 34.52 2.76
CA GLU D 327 26.44 35.01 1.40
CA GLU D 327 26.42 35.02 1.41
C GLU D 327 26.02 33.86 0.49
N VAL D 328 25.12 34.15 -0.45
CA VAL D 328 24.66 33.12 -1.38
C VAL D 328 25.73 32.98 -2.47
N ARG D 329 26.58 31.96 -2.33
CA ARG D 329 27.79 31.87 -3.14
C ARG D 329 27.54 31.15 -4.46
N ASP D 330 28.19 31.65 -5.52
CA ASP D 330 28.28 30.92 -6.77
C ASP D 330 29.47 29.96 -6.70
N ALA D 331 29.66 29.18 -7.77
CA ALA D 331 30.65 28.10 -7.69
C ALA D 331 32.07 28.65 -7.61
N ARG D 332 32.32 29.78 -8.26
CA ARG D 332 33.64 30.40 -8.16
C ARG D 332 33.95 30.75 -6.72
N GLU D 333 32.95 31.29 -6.01
CA GLU D 333 33.16 31.66 -4.62
C GLU D 333 33.39 30.45 -3.74
N ALA D 334 32.75 29.32 -4.05
CA ALA D 334 32.99 28.10 -3.31
C ALA D 334 34.40 27.58 -3.54
N ILE D 335 34.86 27.63 -4.80
CA ILE D 335 36.21 27.21 -5.18
C ILE D 335 37.25 28.08 -4.49
N GLU D 336 36.99 29.37 -4.39
CA GLU D 336 37.93 30.33 -3.84
C GLU D 336 37.77 30.54 -2.33
N ASP D 337 36.83 29.83 -1.71
CA ASP D 337 36.51 30.02 -0.31
C ASP D 337 37.72 29.69 0.57
N GLU D 338 38.07 30.63 1.44
CA GLU D 338 39.12 30.39 2.41
C GLU D 338 38.84 29.13 3.22
N HIS D 339 37.57 28.92 3.59
CA HIS D 339 37.25 27.84 4.50
C HIS D 339 37.42 26.48 3.84
N LEU D 340 36.74 26.26 2.71
CA LEU D 340 36.85 24.97 2.02
C LEU D 340 38.29 24.66 1.63
N ARG D 341 39.07 25.69 1.27
CA ARG D 341 40.47 25.46 0.90
CA ARG D 341 40.46 25.45 0.89
C ARG D 341 41.31 25.12 2.11
N ARG D 342 41.16 25.87 3.21
CA ARG D 342 41.91 25.52 4.41
C ARG D 342 41.55 24.11 4.89
N ARG D 343 40.29 23.70 4.68
CA ARG D 343 39.88 22.35 5.01
C ARG D 343 40.45 21.30 4.06
N GLY D 344 41.01 21.71 2.93
CA GLY D 344 41.54 20.76 1.97
C GLY D 344 40.47 20.04 1.17
N PHE D 345 39.29 20.63 1.04
CA PHE D 345 38.20 19.98 0.31
C PHE D 345 38.49 19.92 -1.18
N TRP D 346 39.01 21.00 -1.74
CA TRP D 346 39.34 21.05 -3.15
C TRP D 346 40.71 20.43 -3.40
N ALA D 347 40.83 19.73 -4.53
CA ALA D 347 42.09 19.09 -4.90
C ALA D 347 42.29 19.22 -6.40
N TYR D 348 43.50 19.60 -6.79
CA TYR D 348 43.86 19.76 -8.19
C TYR D 348 44.75 18.59 -8.60
N LEU D 349 44.38 17.93 -9.69
CA LEU D 349 45.05 16.72 -10.15
C LEU D 349 45.44 16.91 -11.61
N ASP D 350 46.63 16.42 -11.96
CA ASP D 350 47.13 16.51 -13.32
C ASP D 350 46.57 15.37 -14.16
N HIS D 351 46.40 15.62 -15.46
CA HIS D 351 45.73 14.73 -16.38
C HIS D 351 46.47 14.86 -17.70
N PRO D 352 46.85 13.76 -18.35
CA PRO D 352 47.68 13.87 -19.55
C PRO D 352 47.03 14.66 -20.68
N GLU D 353 45.70 14.79 -20.67
CA GLU D 353 45.00 15.48 -21.74
C GLU D 353 44.66 16.92 -21.39
N VAL D 354 44.07 17.15 -20.21
CA VAL D 354 43.53 18.46 -19.84
C VAL D 354 44.41 19.21 -18.87
N GLY D 355 45.52 18.62 -18.42
CA GLY D 355 46.36 19.29 -17.46
C GLY D 355 45.75 19.26 -16.07
N VAL D 356 46.19 20.21 -15.25
CA VAL D 356 45.78 20.28 -13.84
C VAL D 356 44.38 20.88 -13.78
N THR D 357 43.45 20.14 -13.19
CA THR D 357 42.07 20.63 -13.08
C THR D 357 41.51 20.29 -11.70
N LEU D 358 40.34 20.88 -11.42
CA LEU D 358 39.75 20.85 -10.08
C LEU D 358 38.94 19.59 -9.84
N TYR D 359 39.24 18.93 -8.73
CA TYR D 359 38.49 17.82 -8.15
C TYR D 359 38.14 18.20 -6.72
N ASN D 360 37.48 17.30 -6.01
CA ASN D 360 37.31 17.47 -4.57
C ASN D 360 37.25 16.10 -3.91
N ARG D 361 37.70 16.03 -2.66
CA ARG D 361 37.48 14.82 -1.87
C ARG D 361 36.03 14.77 -1.37
N ALA D 362 35.62 13.57 -0.94
CA ALA D 362 34.36 13.44 -0.24
C ALA D 362 34.38 14.24 1.05
N PRO D 363 33.19 14.54 1.62
CA PRO D 363 33.09 15.49 2.73
C PRO D 363 33.32 14.88 4.11
N ILE D 364 34.44 14.18 4.26
CA ILE D 364 34.76 13.47 5.50
C ILE D 364 36.24 13.74 5.82
N VAL D 365 36.50 14.30 6.99
CA VAL D 365 37.87 14.47 7.46
C VAL D 365 38.09 13.39 8.54
N PHE D 366 38.80 12.33 8.16
CA PHE D 366 39.19 11.29 9.11
C PHE D 366 40.46 11.71 9.85
N SER D 367 40.44 11.65 11.17
CA SER D 367 41.61 12.09 11.92
C SER D 367 42.79 11.13 11.81
N ARG D 368 42.54 9.86 11.51
CA ARG D 368 43.61 8.87 11.44
C ARG D 368 43.78 8.19 10.09
N THR D 369 42.71 8.01 9.31
CA THR D 369 42.80 7.39 7.99
C THR D 369 42.22 8.36 6.97
N PRO D 370 42.88 9.49 6.75
CA PRO D 370 42.29 10.52 5.89
C PRO D 370 42.10 10.06 4.45
N LEU D 371 41.08 10.62 3.80
CA LEU D 371 40.86 10.43 2.38
C LEU D 371 42.06 10.92 1.59
N GLU D 372 42.31 10.28 0.45
CA GLU D 372 43.42 10.64 -0.41
CA GLU D 372 43.43 10.63 -0.41
C GLU D 372 42.94 10.90 -1.82
N MET D 373 43.51 11.93 -2.45
CA MET D 373 43.26 12.29 -3.84
C MET D 373 44.59 12.14 -4.57
N LYS D 374 44.70 11.13 -5.42
CA LYS D 374 45.98 10.76 -6.00
C LYS D 374 46.04 10.85 -7.52
N THR D 375 44.99 10.43 -8.22
CA THR D 375 45.03 10.36 -9.67
C THR D 375 43.74 10.89 -10.28
N ALA D 376 43.88 11.60 -11.40
CA ALA D 376 42.76 12.11 -12.15
C ALA D 376 41.96 10.95 -12.76
N ALA D 377 40.80 11.29 -13.30
CA ALA D 377 39.93 10.27 -13.90
C ALA D 377 40.65 9.54 -15.04
N PRO D 378 40.45 8.23 -15.17
CA PRO D 378 41.18 7.47 -16.19
C PRO D 378 40.52 7.56 -17.56
N SER D 379 41.32 7.24 -18.58
CA SER D 379 40.80 7.04 -19.92
C SER D 379 40.23 5.62 -20.05
N ILE D 380 39.40 5.42 -21.07
CA ILE D 380 38.80 4.10 -21.26
C ILE D 380 39.90 3.10 -21.55
N GLY D 381 39.97 2.04 -20.73
CA GLY D 381 40.96 1.01 -20.93
C GLY D 381 42.38 1.39 -20.55
N GLN D 382 42.54 2.46 -19.78
CA GLN D 382 43.87 2.89 -19.37
C GLN D 382 44.64 1.77 -18.67
N HIS D 383 43.95 0.91 -17.91
CA HIS D 383 44.62 -0.09 -17.10
C HIS D 383 44.29 -1.51 -17.53
N THR D 384 43.77 -1.68 -18.75
CA THR D 384 43.39 -3.00 -19.25
C THR D 384 44.55 -3.99 -19.12
N ARG D 385 45.69 -3.69 -19.72
CA ARG D 385 46.80 -4.64 -19.69
C ARG D 385 47.33 -4.85 -18.27
N GLU D 386 47.43 -3.78 -17.50
CA GLU D 386 47.93 -3.87 -16.14
C GLU D 386 47.06 -4.79 -15.29
N VAL D 387 45.74 -4.65 -15.39
CA VAL D 387 44.84 -5.48 -14.60
C VAL D 387 44.85 -6.92 -15.11
N LEU D 388 44.78 -7.10 -16.42
CA LEU D 388 44.74 -8.45 -16.98
C LEU D 388 45.99 -9.24 -16.60
N GLY D 389 47.16 -8.61 -16.75
CA GLY D 389 48.40 -9.31 -16.47
C GLY D 389 48.74 -9.40 -15.00
N GLY D 390 48.38 -8.37 -14.23
CA GLY D 390 48.75 -8.37 -12.83
C GLY D 390 47.77 -9.10 -11.94
N MET D 391 46.53 -8.62 -11.88
CA MET D 391 45.59 -9.15 -10.91
C MET D 391 44.93 -10.44 -11.40
N LEU D 392 44.64 -10.52 -12.69
CA LEU D 392 43.86 -11.62 -13.22
C LEU D 392 44.71 -12.75 -13.78
N GLY D 393 46.03 -12.57 -13.82
CA GLY D 393 46.93 -13.67 -14.13
C GLY D 393 46.95 -14.12 -15.57
N TYR D 394 46.54 -13.28 -16.52
CA TYR D 394 46.63 -13.67 -17.91
C TYR D 394 48.08 -13.60 -18.38
N SER D 395 48.48 -14.55 -19.21
CA SER D 395 49.80 -14.52 -19.79
C SER D 395 49.89 -13.41 -20.83
N HIS D 396 51.10 -13.08 -21.25
CA HIS D 396 51.25 -12.06 -22.28
C HIS D 396 50.53 -12.46 -23.55
N ASP D 397 50.61 -13.72 -23.93
CA ASP D 397 49.98 -14.18 -25.16
C ASP D 397 48.47 -14.12 -25.06
N GLU D 398 47.92 -14.47 -23.90
CA GLU D 398 46.46 -14.43 -23.73
C GLU D 398 45.93 -13.00 -23.80
N ILE D 399 46.68 -12.04 -23.26
CA ILE D 399 46.28 -10.63 -23.37
C ILE D 399 46.26 -10.21 -24.83
N GLU D 400 47.32 -10.50 -25.58
CA GLU D 400 47.35 -10.15 -27.00
C GLU D 400 46.18 -10.80 -27.74
N ASN D 401 45.86 -12.04 -27.39
CA ASN D 401 44.71 -12.70 -28.03
C ASN D 401 43.41 -12.01 -27.67
N LEU D 402 43.24 -11.66 -26.39
CA LEU D 402 42.04 -10.95 -25.98
C LEU D 402 41.90 -9.63 -26.73
N VAL D 403 43.03 -8.95 -26.97
CA VAL D 403 42.95 -7.64 -27.61
C VAL D 403 42.72 -7.80 -29.10
N SER D 404 43.31 -8.83 -29.70
CA SER D 404 43.08 -9.08 -31.11
C SER D 404 41.61 -9.38 -31.38
N HIS D 405 40.97 -10.13 -30.48
CA HIS D 405 39.57 -10.45 -30.64
C HIS D 405 38.66 -9.31 -30.21
N GLU D 406 39.23 -8.24 -29.66
CA GLU D 406 38.49 -7.04 -29.26
C GLU D 406 37.61 -7.30 -28.06
N VAL D 407 37.94 -8.34 -27.29
CA VAL D 407 37.27 -8.55 -26.01
C VAL D 407 37.51 -7.35 -25.11
N LEU D 408 38.74 -6.84 -25.14
CA LEU D 408 39.11 -5.65 -24.41
C LEU D 408 39.90 -4.76 -25.34
N VAL D 409 40.00 -3.50 -24.97
CA VAL D 409 40.72 -2.51 -25.75
C VAL D 409 41.72 -1.84 -24.79
#